data_5JTG
#
_entry.id   5JTG
#
_cell.length_a   122.125
_cell.length_b   104.488
_cell.length_c   122.821
_cell.angle_alpha   90.00
_cell.angle_beta   106.13
_cell.angle_gamma   90.00
#
_symmetry.space_group_name_H-M   'P 1 21 1'
#
loop_
_entity.id
_entity.type
_entity.pdbx_description
1 polymer 'Cobalt/magnesium transport protein CorA'
2 non-polymer 'MAGNESIUM ION'
3 water water
#
_entity_poly.entity_id   1
_entity_poly.type   'polypeptide(L)'
_entity_poly.pdbx_seq_one_letter_code
;MGSSHHHHHHSSGRENLYFQGHVEEKRLSAKKGLPPGTLVYTGKYREDFEIEVMNYSIEEFREFKTTDVESVLPFRDSST
PTWINITGIHRTDVVQRVGEFFGIHPLVLEKILNVHQRPKVEFFENYVFIVLKMFTYDKNLHELESEQVSLILTKNCVLM
FQEKIGDVFDPVRERIRYNRGIIRKKRADYLLYSLIDALVDDYFVLLEKIDDEIDVLEEEVLERPEKETVQRTHQLKRNL
VELRKTIWPLREVLSSLYRDVPPLIEKETVPYFRKVYDHTIQIADTVETFRDIVSGLLDVYLSSVSNKTNEVMKVLTIIA
TIFMPLTFIAGIYGMNFEYMPELRWKWGYPVVLAVMGVIAVIMVVYFKKKKWL
;
_entity_poly.pdbx_strand_id   A,B,C,D,E
#
loop_
_chem_comp.id
_chem_comp.type
_chem_comp.name
_chem_comp.formula
MG non-polymer 'MAGNESIUM ION' 'Mg 2'
#
# COMPACT_ATOMS: atom_id res chain seq x y z
N PRO A 35 10.51 -8.64 -39.69
CA PRO A 35 11.58 -7.79 -39.15
C PRO A 35 11.06 -6.53 -38.46
N PRO A 36 11.61 -6.20 -37.27
CA PRO A 36 11.19 -5.01 -36.56
C PRO A 36 11.81 -3.75 -37.17
N GLY A 37 11.90 -3.75 -38.48
CA GLY A 37 12.11 -2.53 -39.27
C GLY A 37 10.97 -2.38 -40.26
N THR A 38 10.46 -3.51 -40.73
CA THR A 38 9.16 -3.57 -41.39
C THR A 38 8.07 -2.93 -40.53
N LEU A 39 7.14 -2.25 -41.18
CA LEU A 39 6.10 -1.54 -40.48
C LEU A 39 4.87 -2.41 -40.41
N VAL A 40 4.40 -2.68 -39.20
CA VAL A 40 3.25 -3.56 -38.98
C VAL A 40 2.27 -2.93 -38.01
N TYR A 41 0.98 -2.95 -38.38
CA TYR A 41 -0.07 -2.36 -37.55
C TYR A 41 -0.65 -3.37 -36.54
N THR A 42 -0.37 -3.14 -35.27
CA THR A 42 -0.65 -4.12 -34.23
C THR A 42 -2.11 -3.98 -33.75
N GLY A 43 -2.80 -2.96 -34.25
CA GLY A 43 -4.11 -2.60 -33.73
C GLY A 43 -5.18 -3.50 -34.30
N LYS A 44 -6.42 -3.09 -34.16
CA LYS A 44 -7.57 -3.93 -34.54
C LYS A 44 -8.57 -3.19 -35.39
N TYR A 45 -8.18 -2.02 -35.90
CA TYR A 45 -9.07 -1.19 -36.69
C TYR A 45 -8.60 -1.07 -38.15
N ARG A 46 -9.33 -1.73 -39.05
CA ARG A 46 -8.95 -1.81 -40.46
C ARG A 46 -10.12 -1.41 -41.35
N GLU A 47 -11.28 -1.30 -40.71
CA GLU A 47 -12.30 -0.32 -41.06
C GLU A 47 -11.88 0.69 -42.13
N ASP A 48 -11.35 1.81 -41.65
CA ASP A 48 -11.47 3.09 -42.35
C ASP A 48 -10.18 3.45 -43.06
N PHE A 49 -10.27 4.33 -44.06
CA PHE A 49 -9.12 5.14 -44.45
C PHE A 49 -9.55 6.47 -45.07
N GLU A 50 -8.93 7.55 -44.59
CA GLU A 50 -9.27 8.88 -45.01
C GLU A 50 -8.13 9.82 -44.67
N ILE A 51 -8.00 10.93 -45.36
CA ILE A 51 -7.06 11.97 -45.00
C ILE A 51 -7.77 13.30 -45.09
N GLU A 52 -7.51 14.19 -44.15
CA GLU A 52 -8.31 15.39 -44.03
C GLU A 52 -7.45 16.56 -43.62
N VAL A 53 -7.19 17.43 -44.58
CA VAL A 53 -6.28 18.54 -44.38
C VAL A 53 -7.05 19.81 -44.03
N MET A 54 -6.51 20.60 -43.11
CA MET A 54 -7.02 21.95 -42.88
C MET A 54 -5.87 22.93 -42.84
N ASN A 55 -5.58 23.51 -43.99
CA ASN A 55 -4.69 24.65 -44.09
C ASN A 55 -5.44 25.92 -43.76
N TYR A 56 -4.90 26.76 -42.88
CA TYR A 56 -5.56 27.98 -42.51
C TYR A 56 -4.55 29.09 -42.24
N SER A 57 -5.01 30.32 -42.42
CA SER A 57 -4.22 31.49 -42.10
C SER A 57 -5.16 32.60 -41.62
N ILE A 58 -4.59 33.77 -41.31
CA ILE A 58 -5.37 34.86 -40.71
C ILE A 58 -6.55 35.23 -41.61
N GLU A 59 -6.34 35.17 -42.92
CA GLU A 59 -7.28 35.75 -43.87
C GLU A 59 -8.24 34.71 -44.50
N GLU A 60 -7.74 33.51 -44.78
CA GLU A 60 -8.58 32.45 -45.35
C GLU A 60 -8.22 31.07 -44.82
N PHE A 61 -9.13 30.11 -45.04
CA PHE A 61 -8.86 28.70 -44.72
C PHE A 61 -9.35 27.72 -45.80
N ARG A 62 -8.66 26.59 -45.84
CA ARG A 62 -8.96 25.52 -46.76
C ARG A 62 -9.37 24.32 -45.92
N GLU A 63 -10.11 23.41 -46.54
CA GLU A 63 -10.35 22.11 -45.95
C GLU A 63 -10.73 21.14 -47.05
N PHE A 64 -10.10 19.97 -47.09
CA PHE A 64 -10.48 18.94 -48.07
C PHE A 64 -10.18 17.54 -47.54
N LYS A 65 -10.82 16.54 -48.15
CA LYS A 65 -10.48 15.15 -47.88
C LYS A 65 -9.96 14.47 -49.15
N THR A 66 -9.04 13.54 -48.98
CA THR A 66 -8.51 12.75 -50.08
C THR A 66 -8.32 11.32 -49.58
N THR A 67 -8.01 10.41 -50.48
CA THR A 67 -7.40 9.14 -50.08
C THR A 67 -6.09 8.97 -50.82
N ASP A 68 -5.60 10.06 -51.41
CA ASP A 68 -4.35 10.07 -52.14
C ASP A 68 -3.32 10.80 -51.33
N VAL A 69 -2.44 10.05 -50.71
CA VAL A 69 -1.42 10.63 -49.85
C VAL A 69 -0.70 11.80 -50.54
N GLU A 70 -0.42 11.67 -51.83
CA GLU A 70 0.53 12.56 -52.49
C GLU A 70 -0.01 13.99 -52.52
N SER A 71 -1.33 14.12 -52.36
CA SER A 71 -1.99 15.41 -52.49
C SER A 71 -1.77 16.25 -51.24
N VAL A 72 -1.39 15.62 -50.13
CA VAL A 72 -1.15 16.37 -48.89
C VAL A 72 0.31 16.74 -48.71
N LEU A 73 1.20 15.89 -49.22
CA LEU A 73 2.61 16.00 -48.92
C LEU A 73 3.15 17.42 -49.11
N PRO A 74 2.75 18.10 -50.20
CA PRO A 74 3.22 19.47 -50.45
C PRO A 74 3.00 20.44 -49.30
N PHE A 75 2.05 20.16 -48.42
CA PHE A 75 1.75 21.07 -47.33
C PHE A 75 2.86 21.08 -46.30
N ARG A 76 3.79 20.14 -46.44
CA ARG A 76 4.97 20.11 -45.60
C ARG A 76 5.64 21.47 -45.63
N ASP A 77 5.53 22.14 -46.77
CA ASP A 77 6.31 23.34 -47.00
C ASP A 77 5.40 24.54 -47.10
N SER A 78 4.13 24.35 -46.75
CA SER A 78 3.22 25.48 -46.57
C SER A 78 3.82 26.45 -45.57
N SER A 79 3.57 27.73 -45.78
CA SER A 79 4.09 28.76 -44.91
C SER A 79 3.07 29.09 -43.83
N THR A 80 1.88 28.50 -43.94
CA THR A 80 0.86 28.67 -42.93
C THR A 80 0.52 27.33 -42.29
N PRO A 81 0.00 27.37 -41.05
CA PRO A 81 -0.38 26.16 -40.32
C PRO A 81 -1.23 25.21 -41.17
N THR A 82 -0.92 23.92 -41.11
CA THR A 82 -1.74 22.90 -41.74
C THR A 82 -1.92 21.71 -40.81
N TRP A 83 -3.15 21.22 -40.74
CA TRP A 83 -3.49 20.15 -39.84
C TRP A 83 -3.87 18.93 -40.67
N ILE A 84 -2.89 18.07 -40.90
CA ILE A 84 -3.09 16.89 -41.74
C ILE A 84 -3.48 15.68 -40.89
N ASN A 85 -4.70 15.20 -41.07
CA ASN A 85 -5.27 14.23 -40.16
C ASN A 85 -5.47 12.89 -40.84
N ILE A 86 -4.56 11.96 -40.59
CA ILE A 86 -4.59 10.68 -41.31
C ILE A 86 -5.32 9.64 -40.50
N THR A 87 -6.52 9.30 -40.92
CA THR A 87 -7.31 8.28 -40.26
C THR A 87 -7.14 6.93 -40.94
N GLY A 88 -6.67 5.94 -40.21
CA GLY A 88 -6.54 4.58 -40.73
C GLY A 88 -5.10 4.15 -40.93
N ILE A 89 -4.39 3.96 -39.83
CA ILE A 89 -2.96 3.66 -39.88
C ILE A 89 -2.69 2.21 -40.21
N HIS A 90 -3.74 1.41 -40.34
CA HIS A 90 -3.55 0.04 -40.83
C HIS A 90 -2.91 0.09 -42.20
N ARG A 91 -3.07 1.23 -42.87
CA ARG A 91 -2.35 1.49 -44.09
C ARG A 91 -0.89 1.85 -43.83
N THR A 92 -0.13 0.85 -43.42
CA THR A 92 1.28 1.04 -43.12
C THR A 92 2.07 1.73 -44.25
N ASP A 93 1.66 1.51 -45.49
CA ASP A 93 2.32 2.15 -46.63
C ASP A 93 2.22 3.70 -46.62
N VAL A 94 1.01 4.21 -46.33
CA VAL A 94 0.75 5.64 -46.27
C VAL A 94 1.55 6.28 -45.16
N VAL A 95 1.62 5.58 -44.03
CA VAL A 95 2.42 6.05 -42.91
C VAL A 95 3.89 6.12 -43.32
N GLN A 96 4.38 5.08 -43.96
CA GLN A 96 5.77 5.07 -44.40
C GLN A 96 6.10 6.22 -45.35
N ARG A 97 5.16 6.52 -46.23
CA ARG A 97 5.34 7.61 -47.20
C ARG A 97 5.43 8.99 -46.52
N VAL A 98 4.43 9.32 -45.71
CA VAL A 98 4.45 10.58 -44.99
C VAL A 98 5.68 10.62 -44.11
N GLY A 99 6.05 9.47 -43.57
CA GLY A 99 7.21 9.39 -42.71
C GLY A 99 8.45 9.82 -43.45
N GLU A 100 8.76 9.12 -44.53
CA GLU A 100 9.91 9.47 -45.38
C GLU A 100 9.93 10.95 -45.79
N PHE A 101 8.79 11.43 -46.27
CA PHE A 101 8.69 12.75 -46.88
C PHE A 101 8.84 13.90 -45.88
N PHE A 102 8.35 13.68 -44.66
CA PHE A 102 8.56 14.63 -43.56
C PHE A 102 9.83 14.31 -42.79
N GLY A 103 10.55 13.28 -43.23
CA GLY A 103 11.84 12.94 -42.66
C GLY A 103 11.72 12.57 -41.20
N ILE A 104 11.08 11.43 -40.94
CA ILE A 104 10.71 11.02 -39.60
C ILE A 104 11.29 9.65 -39.30
N HIS A 105 12.09 9.58 -38.24
CA HIS A 105 12.89 8.40 -38.00
C HIS A 105 11.99 7.17 -38.00
N PRO A 106 12.40 6.10 -38.69
CA PRO A 106 11.68 4.84 -38.73
C PRO A 106 11.15 4.32 -37.38
N LEU A 107 11.96 4.43 -36.33
CA LEU A 107 11.53 3.92 -35.04
C LEU A 107 10.30 4.69 -34.58
N VAL A 108 10.18 5.96 -34.97
CA VAL A 108 9.01 6.76 -34.62
C VAL A 108 7.81 6.26 -35.38
N LEU A 109 8.03 5.86 -36.61
CA LEU A 109 6.98 5.25 -37.40
C LEU A 109 6.48 3.93 -36.78
N GLU A 110 7.40 3.13 -36.26
CA GLU A 110 7.03 1.87 -35.61
C GLU A 110 6.12 2.16 -34.44
N LYS A 111 6.45 3.22 -33.70
CA LYS A 111 5.73 3.59 -32.49
C LYS A 111 4.33 4.08 -32.84
N ILE A 112 4.19 4.70 -33.99
CA ILE A 112 2.88 5.20 -34.42
C ILE A 112 1.91 4.05 -34.67
N LEU A 113 2.43 2.96 -35.24
CA LEU A 113 1.62 1.80 -35.63
C LEU A 113 1.44 0.82 -34.48
N ASN A 114 2.22 0.98 -33.42
CA ASN A 114 2.00 0.19 -32.23
C ASN A 114 1.07 0.89 -31.28
N VAL A 115 -0.05 0.26 -30.98
CA VAL A 115 -1.13 0.93 -30.26
C VAL A 115 -1.24 0.49 -28.82
N HIS A 116 -0.25 -0.26 -28.35
CA HIS A 116 -0.25 -0.73 -26.98
C HIS A 116 0.99 -0.22 -26.25
N GLN A 117 0.82 0.93 -25.59
CA GLN A 117 1.89 1.91 -25.49
C GLN A 117 1.49 3.04 -24.59
N ARG A 118 2.38 3.44 -23.68
CA ARG A 118 2.13 4.61 -22.84
C ARG A 118 2.18 5.88 -23.63
N PRO A 119 1.24 6.78 -23.35
CA PRO A 119 1.38 8.14 -23.78
C PRO A 119 2.80 8.61 -23.51
N LYS A 120 3.34 9.46 -24.38
CA LYS A 120 4.74 9.80 -24.32
C LYS A 120 5.08 10.90 -25.28
N VAL A 121 6.20 11.57 -25.01
CA VAL A 121 6.70 12.61 -25.87
C VAL A 121 8.08 12.22 -26.28
N GLU A 122 8.46 12.49 -27.52
CA GLU A 122 9.85 12.38 -27.91
C GLU A 122 10.23 13.62 -28.68
N PHE A 123 11.38 14.18 -28.32
CA PHE A 123 11.84 15.42 -28.92
C PHE A 123 12.95 15.17 -29.93
N PHE A 124 12.78 15.72 -31.12
CA PHE A 124 13.81 15.62 -32.11
C PHE A 124 14.16 17.02 -32.61
N GLU A 125 15.27 17.13 -33.32
CA GLU A 125 15.72 18.41 -33.87
C GLU A 125 14.61 19.15 -34.63
N ASN A 126 13.87 18.43 -35.48
CA ASN A 126 12.96 19.06 -36.43
C ASN A 126 11.50 18.65 -36.25
N TYR A 127 11.18 17.94 -35.18
CA TYR A 127 9.80 17.61 -34.87
C TYR A 127 9.64 17.12 -33.44
N VAL A 128 8.45 17.36 -32.88
CA VAL A 128 8.07 16.74 -31.64
C VAL A 128 7.09 15.63 -31.92
N PHE A 129 7.25 14.52 -31.20
CA PHE A 129 6.43 13.34 -31.43
C PHE A 129 5.66 13.04 -30.16
N ILE A 130 4.34 12.96 -30.28
CA ILE A 130 3.50 12.74 -29.11
C ILE A 130 2.55 11.59 -29.32
N VAL A 131 2.37 10.75 -28.30
CA VAL A 131 1.38 9.70 -28.37
C VAL A 131 0.35 9.87 -27.27
N LEU A 132 -0.94 9.83 -27.62
CA LEU A 132 -2.00 9.96 -26.64
C LEU A 132 -3.05 8.89 -26.86
N LYS A 133 -3.87 8.63 -25.84
CA LYS A 133 -5.06 7.82 -26.01
C LYS A 133 -6.30 8.67 -25.99
N MET A 134 -7.36 8.12 -26.59
CA MET A 134 -8.64 8.79 -26.76
C MET A 134 -9.70 7.82 -26.34
N PHE A 135 -10.47 8.15 -25.31
CA PHE A 135 -11.36 7.15 -24.68
C PHE A 135 -12.82 7.28 -25.07
N THR A 136 -13.58 6.21 -24.87
CA THR A 136 -15.03 6.24 -25.00
C THR A 136 -15.69 5.43 -23.91
N TYR A 137 -16.53 6.06 -23.08
CA TYR A 137 -17.38 5.31 -22.15
C TYR A 137 -18.71 5.05 -22.81
N ASP A 138 -18.95 3.81 -23.21
CA ASP A 138 -20.31 3.32 -23.41
C ASP A 138 -21.01 3.24 -22.06
N LYS A 139 -21.97 4.12 -21.83
CA LYS A 139 -22.78 4.05 -20.62
C LYS A 139 -23.63 2.79 -20.71
N ASN A 140 -24.49 2.57 -19.72
CA ASN A 140 -25.52 1.51 -19.73
C ASN A 140 -25.08 0.07 -20.10
N LEU A 141 -24.07 -0.07 -20.97
CA LEU A 141 -23.24 -1.28 -20.99
C LEU A 141 -21.81 -0.89 -20.63
N HIS A 142 -21.41 -1.17 -19.40
CA HIS A 142 -20.55 -0.25 -18.66
C HIS A 142 -19.07 -0.46 -18.97
N GLU A 143 -18.68 -0.18 -20.20
CA GLU A 143 -17.40 -0.63 -20.73
C GLU A 143 -16.78 0.45 -21.61
N LEU A 144 -15.44 0.46 -21.66
CA LEU A 144 -14.64 1.63 -21.97
C LEU A 144 -13.66 1.23 -23.05
N GLU A 145 -13.73 1.87 -24.22
CA GLU A 145 -12.78 1.58 -25.34
C GLU A 145 -11.82 2.74 -25.59
N SER A 146 -10.57 2.41 -25.96
CA SER A 146 -9.58 3.43 -26.30
C SER A 146 -9.12 3.36 -27.77
N GLU A 147 -8.72 4.52 -28.29
CA GLU A 147 -8.11 4.62 -29.61
C GLU A 147 -6.84 5.42 -29.45
N GLN A 148 -5.79 5.05 -30.16
CA GLN A 148 -4.54 5.76 -30.03
C GLN A 148 -4.46 6.88 -31.07
N VAL A 149 -4.04 8.06 -30.63
CA VAL A 149 -3.76 9.15 -31.53
C VAL A 149 -2.32 9.58 -31.38
N SER A 150 -1.54 9.53 -32.45
CA SER A 150 -0.21 10.14 -32.45
C SER A 150 -0.28 11.51 -33.06
N LEU A 151 0.54 12.42 -32.56
CA LEU A 151 0.77 13.70 -33.23
C LEU A 151 2.24 13.94 -33.54
N ILE A 152 2.48 14.72 -34.58
CA ILE A 152 3.81 15.23 -34.85
C ILE A 152 3.70 16.71 -35.16
N LEU A 153 4.35 17.52 -34.32
CA LEU A 153 4.53 18.92 -34.60
C LEU A 153 5.80 19.12 -35.40
N THR A 154 5.74 20.01 -36.40
CA THR A 154 6.79 20.11 -37.41
C THR A 154 6.65 21.39 -38.22
N LYS A 155 7.54 22.35 -37.95
CA LYS A 155 7.58 23.62 -38.69
C LYS A 155 6.19 24.26 -38.79
N ASN A 156 5.42 23.87 -39.80
CA ASN A 156 4.14 24.50 -40.09
C ASN A 156 3.02 23.46 -40.15
N CYS A 157 3.29 22.27 -39.65
CA CYS A 157 2.33 21.19 -39.74
C CYS A 157 2.09 20.55 -38.39
N VAL A 158 0.87 20.05 -38.21
CA VAL A 158 0.64 18.99 -37.25
C VAL A 158 0.14 17.77 -38.00
N LEU A 159 1.00 16.78 -38.13
CA LEU A 159 0.56 15.45 -38.56
C LEU A 159 -0.15 14.76 -37.43
N MET A 160 -1.28 14.14 -37.74
CA MET A 160 -2.07 13.41 -36.75
C MET A 160 -2.47 12.04 -37.30
N PHE A 161 -2.31 10.97 -36.51
CA PHE A 161 -2.63 9.64 -37.01
C PHE A 161 -3.63 8.91 -36.12
N GLN A 162 -4.79 8.59 -36.68
CA GLN A 162 -5.83 7.89 -35.94
C GLN A 162 -5.97 6.47 -36.44
N GLU A 163 -6.68 5.64 -35.68
CA GLU A 163 -6.88 4.22 -36.03
C GLU A 163 -8.14 4.07 -36.88
N LYS A 164 -9.10 4.94 -36.59
CA LYS A 164 -10.48 4.80 -37.06
C LYS A 164 -11.22 6.15 -37.00
N ILE A 165 -12.15 6.32 -37.92
CA ILE A 165 -12.99 7.54 -37.98
C ILE A 165 -13.75 7.70 -36.69
N GLY A 166 -13.93 8.95 -36.26
CA GLY A 166 -14.30 9.25 -34.86
C GLY A 166 -13.14 9.81 -34.05
N ASP A 167 -13.39 10.99 -33.46
CA ASP A 167 -12.44 11.67 -32.57
C ASP A 167 -13.10 12.81 -31.74
N VAL A 168 -12.29 13.67 -31.15
CA VAL A 168 -12.79 14.65 -30.17
C VAL A 168 -12.37 16.06 -30.55
N PHE A 169 -12.01 16.23 -31.81
CA PHE A 169 -11.35 17.44 -32.24
C PHE A 169 -12.28 18.35 -33.02
N ASP A 170 -13.56 18.00 -33.10
CA ASP A 170 -14.51 18.82 -33.86
C ASP A 170 -14.50 20.29 -33.42
N PRO A 171 -14.46 20.55 -32.10
CA PRO A 171 -14.49 21.95 -31.67
C PRO A 171 -13.31 22.75 -32.17
N VAL A 172 -12.19 22.08 -32.42
CA VAL A 172 -11.06 22.74 -33.08
C VAL A 172 -11.38 23.01 -34.55
N ARG A 173 -11.92 22.02 -35.24
CA ARG A 173 -12.43 22.24 -36.60
C ARG A 173 -13.37 23.45 -36.68
N GLU A 174 -14.30 23.56 -35.74
CA GLU A 174 -15.23 24.69 -35.73
C GLU A 174 -14.49 26.02 -35.65
N ARG A 175 -13.58 26.14 -34.69
CA ARG A 175 -12.88 27.40 -34.45
C ARG A 175 -12.06 27.83 -35.66
N ILE A 176 -11.46 26.88 -36.36
CA ILE A 176 -10.77 27.18 -37.61
C ILE A 176 -11.78 27.58 -38.69
N ARG A 177 -12.78 26.73 -38.90
CA ARG A 177 -13.86 27.00 -39.83
C ARG A 177 -14.44 28.40 -39.67
N TYR A 178 -14.92 28.71 -38.47
CA TYR A 178 -15.65 29.97 -38.21
C TYR A 178 -14.75 31.04 -37.60
N ASN A 179 -13.52 31.13 -38.09
CA ASN A 179 -12.50 31.96 -37.45
C ASN A 179 -12.93 32.44 -36.08
N ARG A 180 -12.97 31.51 -35.12
CA ARG A 180 -13.24 31.85 -33.74
C ARG A 180 -11.94 31.82 -32.93
N GLY A 181 -12.06 32.03 -31.63
CA GLY A 181 -10.92 32.29 -30.77
C GLY A 181 -9.81 33.07 -31.46
N ILE A 182 -8.58 32.63 -31.26
CA ILE A 182 -7.42 33.26 -31.89
C ILE A 182 -6.62 32.24 -32.72
N ILE A 183 -7.22 31.08 -32.96
CA ILE A 183 -6.48 29.93 -33.51
C ILE A 183 -5.91 30.24 -34.88
N ARG A 184 -6.60 31.11 -35.62
CA ARG A 184 -6.23 31.47 -36.99
C ARG A 184 -5.06 32.44 -37.02
N LYS A 185 -5.04 33.34 -36.04
CA LYS A 185 -3.96 34.32 -35.87
C LYS A 185 -2.63 33.65 -35.50
N LYS A 186 -2.70 32.52 -34.80
CA LYS A 186 -1.51 31.86 -34.27
C LYS A 186 -1.06 30.69 -35.14
N ARG A 187 0.14 30.17 -34.89
CA ARG A 187 0.67 29.16 -35.78
C ARG A 187 0.50 27.72 -35.25
N ALA A 188 1.47 26.85 -35.55
CA ALA A 188 1.21 25.42 -35.63
C ALA A 188 1.37 24.77 -34.26
N ASP A 189 2.29 25.31 -33.47
CA ASP A 189 2.43 24.90 -32.08
C ASP A 189 1.15 25.19 -31.27
N TYR A 190 0.50 26.31 -31.56
CA TYR A 190 -0.74 26.64 -30.91
C TYR A 190 -1.84 25.70 -31.38
N LEU A 191 -1.73 25.23 -32.63
CA LEU A 191 -2.60 24.17 -33.14
C LEU A 191 -2.42 22.92 -32.30
N LEU A 192 -1.19 22.44 -32.22
CA LEU A 192 -0.86 21.32 -31.33
C LEU A 192 -1.50 21.47 -29.95
N TYR A 193 -1.22 22.59 -29.28
CA TYR A 193 -1.91 22.91 -28.04
C TYR A 193 -3.44 22.71 -28.13
N SER A 194 -4.05 23.30 -29.14
CA SER A 194 -5.53 23.30 -29.27
C SER A 194 -6.08 21.90 -29.34
N LEU A 195 -5.36 21.03 -30.05
CA LEU A 195 -5.79 19.66 -30.21
C LEU A 195 -5.65 18.90 -28.90
N ILE A 196 -4.49 19.00 -28.26
CA ILE A 196 -4.25 18.32 -27.00
C ILE A 196 -5.22 18.80 -25.94
N ASP A 197 -5.43 20.12 -25.87
CA ASP A 197 -6.44 20.65 -24.98
C ASP A 197 -7.81 20.03 -25.26
N ALA A 198 -8.17 19.86 -26.53
CA ALA A 198 -9.49 19.29 -26.87
C ALA A 198 -9.58 17.89 -26.33
N LEU A 199 -8.46 17.18 -26.37
CA LEU A 199 -8.44 15.79 -25.97
C LEU A 199 -8.55 15.70 -24.45
N VAL A 200 -7.69 16.45 -23.76
CA VAL A 200 -7.73 16.51 -22.31
C VAL A 200 -9.09 16.94 -21.79
N ASP A 201 -9.66 17.99 -22.36
CA ASP A 201 -10.99 18.44 -21.97
C ASP A 201 -11.99 17.31 -22.09
N ASP A 202 -11.80 16.40 -23.03
CA ASP A 202 -12.67 15.23 -23.15
C ASP A 202 -12.58 14.32 -21.94
N TYR A 203 -11.44 14.29 -21.28
CA TYR A 203 -11.26 13.42 -20.14
C TYR A 203 -12.16 13.86 -19.01
N PHE A 204 -12.36 15.17 -18.88
CA PHE A 204 -13.25 15.70 -17.86
C PHE A 204 -14.65 15.21 -18.06
N VAL A 205 -15.10 15.23 -19.30
CA VAL A 205 -16.42 14.73 -19.62
C VAL A 205 -16.51 13.26 -19.27
N LEU A 206 -15.44 12.53 -19.59
CA LEU A 206 -15.38 11.11 -19.32
C LEU A 206 -15.46 10.89 -17.84
N LEU A 207 -14.81 11.75 -17.08
CA LEU A 207 -14.77 11.60 -15.64
C LEU A 207 -16.14 11.87 -15.02
N GLU A 208 -16.89 12.79 -15.61
CA GLU A 208 -18.22 13.09 -15.11
C GLU A 208 -19.11 11.88 -15.28
N LYS A 209 -18.96 11.18 -16.40
CA LYS A 209 -19.72 9.96 -16.67
C LYS A 209 -19.40 8.91 -15.65
N ILE A 210 -18.12 8.81 -15.29
CA ILE A 210 -17.70 7.85 -14.30
C ILE A 210 -18.15 8.28 -12.89
N ASP A 211 -18.06 9.56 -12.57
CA ASP A 211 -18.53 10.05 -11.27
C ASP A 211 -19.99 9.68 -11.07
N ASP A 212 -20.75 9.68 -12.17
CA ASP A 212 -22.17 9.34 -12.11
C ASP A 212 -22.39 7.89 -11.72
N GLU A 213 -21.71 6.98 -12.42
CA GLU A 213 -21.76 5.56 -12.09
C GLU A 213 -21.48 5.36 -10.62
N ILE A 214 -20.53 6.12 -10.08
CA ILE A 214 -20.12 5.93 -8.71
C ILE A 214 -21.24 6.30 -7.77
N ASP A 215 -21.93 7.39 -8.06
CA ASP A 215 -23.08 7.80 -7.25
C ASP A 215 -24.17 6.72 -7.29
N VAL A 216 -24.43 6.22 -8.49
CA VAL A 216 -25.44 5.18 -8.66
C VAL A 216 -25.06 3.97 -7.83
N LEU A 217 -23.83 3.53 -7.96
CA LEU A 217 -23.42 2.28 -7.35
C LEU A 217 -23.38 2.45 -5.86
N GLU A 218 -23.02 3.64 -5.37
CA GLU A 218 -22.88 3.76 -3.94
C GLU A 218 -24.26 3.81 -3.28
N GLU A 219 -25.30 3.93 -4.10
CA GLU A 219 -26.64 3.60 -3.68
C GLU A 219 -26.87 2.09 -3.70
N GLU A 220 -26.93 1.49 -4.89
CA GLU A 220 -27.12 0.05 -5.04
C GLU A 220 -26.37 -0.75 -4.00
N VAL A 221 -25.17 -0.36 -3.72
CA VAL A 221 -24.28 -1.18 -2.91
C VAL A 221 -24.81 -1.29 -1.51
N LEU A 222 -25.55 -0.27 -1.06
CA LEU A 222 -26.06 -0.31 0.30
C LEU A 222 -27.57 -0.26 0.35
N GLU A 223 -28.21 -0.48 -0.79
CA GLU A 223 -29.67 -0.60 -0.83
C GLU A 223 -30.16 -1.81 -1.60
N ARG A 224 -29.55 -2.09 -2.75
CA ARG A 224 -30.09 -3.13 -3.64
C ARG A 224 -29.36 -4.48 -3.63
N PRO A 225 -29.68 -5.39 -2.68
CA PRO A 225 -28.93 -6.64 -2.48
C PRO A 225 -29.10 -7.66 -3.60
N GLU A 226 -28.11 -7.79 -4.48
CA GLU A 226 -28.34 -8.09 -5.89
C GLU A 226 -27.06 -8.53 -6.62
N LYS A 227 -27.21 -9.26 -7.72
CA LYS A 227 -26.05 -9.87 -8.37
C LYS A 227 -25.37 -8.90 -9.35
N GLU A 228 -26.17 -8.09 -10.01
CA GLU A 228 -25.62 -7.18 -11.00
C GLU A 228 -24.80 -6.06 -10.37
N THR A 229 -25.07 -5.74 -9.10
CA THR A 229 -24.34 -4.64 -8.43
C THR A 229 -22.87 -4.98 -8.18
N VAL A 230 -22.59 -6.25 -7.94
CA VAL A 230 -21.23 -6.67 -7.77
C VAL A 230 -20.49 -6.66 -9.09
N GLN A 231 -21.09 -7.28 -10.09
CA GLN A 231 -20.59 -7.24 -11.46
C GLN A 231 -20.24 -5.81 -11.88
N ARG A 232 -21.14 -4.87 -11.58
CA ARG A 232 -20.93 -3.50 -12.00
C ARG A 232 -19.82 -2.85 -11.22
N THR A 233 -19.76 -3.15 -9.93
CA THR A 233 -18.71 -2.60 -9.08
C THR A 233 -17.33 -2.99 -9.64
N HIS A 234 -17.17 -4.28 -9.92
CA HIS A 234 -15.93 -4.77 -10.48
C HIS A 234 -15.58 -4.10 -11.80
N GLN A 235 -16.53 -4.11 -12.73
CA GLN A 235 -16.32 -3.45 -14.02
C GLN A 235 -15.84 -2.01 -13.82
N LEU A 236 -16.39 -1.32 -12.82
CA LEU A 236 -15.98 0.05 -12.56
C LEU A 236 -14.52 0.13 -12.11
N LYS A 237 -14.13 -0.72 -11.17
CA LYS A 237 -12.75 -0.74 -10.77
C LYS A 237 -11.86 -1.01 -11.97
N ARG A 238 -12.12 -2.08 -12.71
CA ARG A 238 -11.39 -2.36 -13.93
C ARG A 238 -11.18 -1.11 -14.75
N ASN A 239 -12.27 -0.39 -15.01
CA ASN A 239 -12.21 0.78 -15.86
C ASN A 239 -11.33 1.86 -15.27
N LEU A 240 -11.48 2.13 -13.98
CA LEU A 240 -10.66 3.13 -13.31
C LEU A 240 -9.17 2.75 -13.31
N VAL A 241 -8.87 1.46 -13.44
CA VAL A 241 -7.49 1.05 -13.55
C VAL A 241 -6.94 1.44 -14.92
N GLU A 242 -7.61 0.97 -15.97
CA GLU A 242 -7.21 1.29 -17.31
C GLU A 242 -7.10 2.81 -17.46
N LEU A 243 -7.95 3.55 -16.77
CA LEU A 243 -7.99 4.98 -16.91
C LEU A 243 -6.77 5.59 -16.24
N ARG A 244 -6.55 5.18 -15.01
CA ARG A 244 -5.37 5.59 -14.27
C ARG A 244 -4.10 5.23 -15.02
N LYS A 245 -4.11 4.06 -15.66
CA LYS A 245 -2.97 3.55 -16.45
C LYS A 245 -2.49 4.60 -17.43
N THR A 246 -3.44 5.41 -17.91
CA THR A 246 -3.19 6.30 -19.01
C THR A 246 -2.96 7.71 -18.52
N ILE A 247 -3.61 8.06 -17.42
CA ILE A 247 -3.70 9.45 -17.05
C ILE A 247 -2.44 9.96 -16.37
N TRP A 248 -1.76 9.09 -15.64
CA TRP A 248 -0.48 9.47 -15.07
C TRP A 248 0.57 9.76 -16.16
N PRO A 249 0.65 8.91 -17.18
CA PRO A 249 1.55 9.21 -18.25
C PRO A 249 1.18 10.48 -19.02
N LEU A 250 -0.12 10.69 -19.22
CA LEU A 250 -0.60 11.88 -19.92
C LEU A 250 -0.02 13.11 -19.23
N ARG A 251 -0.03 13.05 -17.91
CA ARG A 251 0.46 14.14 -17.08
C ARG A 251 1.94 14.32 -17.31
N GLU A 252 2.65 13.21 -17.37
CA GLU A 252 4.08 13.23 -17.67
C GLU A 252 4.39 13.83 -19.04
N VAL A 253 3.58 13.51 -20.03
CA VAL A 253 3.71 14.12 -21.34
C VAL A 253 3.69 15.63 -21.23
N LEU A 254 2.63 16.18 -20.64
CA LEU A 254 2.42 17.62 -20.72
C LEU A 254 3.34 18.33 -19.79
N SER A 255 3.86 17.61 -18.80
CA SER A 255 4.96 18.14 -18.01
C SER A 255 6.18 18.44 -18.88
N SER A 256 6.54 17.48 -19.72
CA SER A 256 7.66 17.65 -20.63
C SER A 256 7.44 18.82 -21.61
N LEU A 257 6.25 18.93 -22.19
CA LEU A 257 6.00 20.01 -23.14
C LEU A 257 6.02 21.35 -22.44
N TYR A 258 5.61 21.35 -21.17
CA TYR A 258 5.58 22.58 -20.39
C TYR A 258 7.01 22.94 -20.00
N ARG A 259 7.79 21.95 -19.60
CA ARG A 259 9.11 22.20 -19.02
C ARG A 259 10.28 21.81 -19.92
N ASP A 260 10.30 22.25 -21.18
CA ASP A 260 11.38 21.84 -22.09
C ASP A 260 11.43 22.71 -23.34
N VAL A 261 10.53 22.43 -24.29
CA VAL A 261 10.10 23.43 -25.24
C VAL A 261 11.23 23.77 -26.22
N PRO A 262 11.16 23.23 -27.44
CA PRO A 262 12.10 23.51 -28.57
C PRO A 262 11.58 24.39 -29.77
N PRO A 263 10.89 23.81 -30.79
CA PRO A 263 9.98 24.65 -31.60
C PRO A 263 8.54 24.73 -31.06
N LEU A 264 8.37 25.09 -29.80
CA LEU A 264 7.12 25.68 -29.31
C LEU A 264 7.40 27.12 -28.92
N ILE A 265 6.87 28.09 -29.67
CA ILE A 265 7.37 29.45 -29.54
C ILE A 265 7.24 29.86 -28.08
N GLU A 266 8.28 30.51 -27.54
CA GLU A 266 8.63 30.38 -26.12
C GLU A 266 7.62 31.12 -25.25
N LYS A 267 8.06 32.07 -24.42
CA LYS A 267 7.13 32.79 -23.54
C LYS A 267 5.92 33.28 -24.35
N GLU A 268 5.35 32.35 -25.11
CA GLU A 268 4.36 32.63 -26.14
C GLU A 268 3.25 31.64 -25.95
N THR A 269 3.51 30.39 -26.34
CA THR A 269 2.51 29.35 -26.33
C THR A 269 2.58 28.57 -25.02
N VAL A 270 3.72 28.65 -24.35
CA VAL A 270 3.98 27.81 -23.20
C VAL A 270 2.89 27.89 -22.13
N PRO A 271 2.43 29.09 -21.80
CA PRO A 271 1.42 29.19 -20.76
C PRO A 271 0.15 28.40 -21.08
N TYR A 272 -0.23 28.36 -22.37
CA TYR A 272 -1.35 27.53 -22.84
C TYR A 272 -1.10 26.05 -22.60
N PHE A 273 0.14 25.62 -22.82
CA PHE A 273 0.56 24.25 -22.50
C PHE A 273 0.57 24.02 -21.00
N ARG A 274 0.85 25.06 -20.23
CA ARG A 274 0.76 24.92 -18.79
C ARG A 274 -0.68 24.74 -18.34
N LYS A 275 -1.59 25.45 -19.00
CA LYS A 275 -3.00 25.32 -18.68
C LYS A 275 -3.35 23.86 -18.74
N VAL A 276 -2.88 23.17 -19.77
CA VAL A 276 -3.31 21.82 -20.02
C VAL A 276 -2.56 20.92 -19.07
N TYR A 277 -1.30 21.24 -18.82
CA TYR A 277 -0.53 20.50 -17.85
C TYR A 277 -1.23 20.50 -16.51
N ASP A 278 -1.76 21.66 -16.12
CA ASP A 278 -2.46 21.77 -14.83
C ASP A 278 -3.73 20.90 -14.86
N HIS A 279 -4.46 20.93 -15.96
CA HIS A 279 -5.61 20.08 -16.11
C HIS A 279 -5.31 18.62 -15.84
N THR A 280 -4.26 18.10 -16.43
CA THR A 280 -3.95 16.69 -16.31
C THR A 280 -3.70 16.36 -14.86
N ILE A 281 -3.09 17.30 -14.13
CA ILE A 281 -2.91 17.14 -12.69
C ILE A 281 -4.26 17.00 -11.97
N GLN A 282 -5.18 17.89 -12.28
CA GLN A 282 -6.52 17.81 -11.75
C GLN A 282 -7.18 16.47 -12.09
N ILE A 283 -7.05 16.07 -13.34
CA ILE A 283 -7.58 14.79 -13.77
C ILE A 283 -6.94 13.64 -13.00
N ALA A 284 -5.62 13.63 -12.92
CA ALA A 284 -4.92 12.61 -12.18
C ALA A 284 -5.47 12.50 -10.75
N ASP A 285 -5.58 13.63 -10.07
CA ASP A 285 -6.09 13.66 -8.71
C ASP A 285 -7.48 13.05 -8.64
N THR A 286 -8.31 13.41 -9.60
CA THR A 286 -9.68 13.01 -9.60
C THR A 286 -9.78 11.51 -9.78
N VAL A 287 -8.89 10.94 -10.57
CA VAL A 287 -8.92 9.52 -10.81
C VAL A 287 -8.48 8.77 -9.56
N GLU A 288 -7.49 9.30 -8.84
CA GLU A 288 -7.12 8.67 -7.58
C GLU A 288 -8.31 8.73 -6.64
N THR A 289 -8.84 9.92 -6.43
CA THR A 289 -10.05 10.07 -5.64
C THR A 289 -11.10 9.01 -5.95
N PHE A 290 -11.33 8.69 -7.22
CA PHE A 290 -12.36 7.69 -7.57
C PHE A 290 -11.89 6.31 -7.22
N ARG A 291 -10.63 6.02 -7.51
CA ARG A 291 -10.07 4.72 -7.20
C ARG A 291 -10.28 4.39 -5.75
N ASP A 292 -9.90 5.29 -4.86
CA ASP A 292 -10.12 5.07 -3.43
C ASP A 292 -11.57 4.72 -3.25
N ILE A 293 -12.41 5.73 -3.38
CA ILE A 293 -13.82 5.57 -3.11
C ILE A 293 -14.34 4.21 -3.59
N VAL A 294 -14.13 3.90 -4.86
CA VAL A 294 -14.64 2.67 -5.43
C VAL A 294 -14.03 1.43 -4.78
N SER A 295 -12.78 1.53 -4.35
CA SER A 295 -12.10 0.37 -3.71
C SER A 295 -12.80 -0.11 -2.44
N GLY A 296 -13.60 0.77 -1.83
CA GLY A 296 -14.31 0.42 -0.63
C GLY A 296 -15.61 -0.32 -0.90
N LEU A 297 -16.17 -0.18 -2.08
CA LEU A 297 -17.58 -0.46 -2.26
C LEU A 297 -17.94 -1.89 -1.88
N LEU A 298 -17.22 -2.87 -2.40
CA LEU A 298 -17.53 -4.24 -2.04
C LEU A 298 -17.53 -4.42 -0.53
N ASP A 299 -16.58 -3.82 0.16
CA ASP A 299 -16.55 -3.84 1.62
C ASP A 299 -17.82 -3.25 2.20
N VAL A 300 -18.31 -2.18 1.62
CA VAL A 300 -19.60 -1.66 2.03
C VAL A 300 -20.68 -2.71 1.78
N TYR A 301 -20.74 -3.19 0.55
CA TYR A 301 -21.73 -4.16 0.13
C TYR A 301 -21.69 -5.38 1.01
N LEU A 302 -20.49 -5.92 1.21
CA LEU A 302 -20.33 -7.08 2.04
C LEU A 302 -20.88 -6.84 3.42
N SER A 303 -20.73 -5.62 3.92
CA SER A 303 -21.20 -5.28 5.27
C SER A 303 -22.69 -5.06 5.25
N SER A 304 -23.18 -4.37 4.24
CA SER A 304 -24.61 -4.24 4.02
C SER A 304 -25.32 -5.62 3.93
N VAL A 305 -24.69 -6.59 3.29
CA VAL A 305 -25.31 -7.89 3.11
C VAL A 305 -25.24 -8.76 4.36
N SER A 306 -24.10 -8.71 5.05
CA SER A 306 -23.93 -9.47 6.29
C SER A 306 -24.98 -9.07 7.29
N ASN A 307 -25.37 -7.81 7.20
CA ASN A 307 -26.30 -7.17 8.06
C ASN A 307 -27.71 -7.68 7.79
N LYS A 308 -28.09 -7.61 6.52
CA LYS A 308 -29.38 -8.12 6.09
C LYS A 308 -29.52 -9.59 6.43
N THR A 309 -28.51 -10.38 6.10
CA THR A 309 -28.56 -11.78 6.46
C THR A 309 -28.71 -11.98 7.96
N ASN A 310 -28.17 -11.07 8.75
CA ASN A 310 -28.31 -11.16 10.20
C ASN A 310 -29.72 -10.85 10.65
N GLU A 311 -30.39 -9.92 9.99
CA GLU A 311 -31.80 -9.65 10.31
C GLU A 311 -32.63 -10.88 10.01
N VAL A 312 -32.43 -11.46 8.83
CA VAL A 312 -33.12 -12.69 8.43
C VAL A 312 -32.96 -13.78 9.47
N MET A 313 -31.76 -13.94 10.03
CA MET A 313 -31.53 -14.97 11.06
C MET A 313 -32.31 -14.69 12.32
N LYS A 314 -32.42 -13.43 12.70
CA LYS A 314 -33.14 -13.08 13.92
C LYS A 314 -34.61 -13.50 13.83
N VAL A 315 -35.26 -13.22 12.71
CA VAL A 315 -36.64 -13.62 12.52
C VAL A 315 -36.79 -15.13 12.58
N LEU A 316 -36.05 -15.84 11.74
CA LEU A 316 -36.06 -17.29 11.77
C LEU A 316 -35.82 -17.83 13.18
N THR A 317 -35.07 -17.11 14.01
CA THR A 317 -34.67 -17.66 15.31
C THR A 317 -35.64 -17.29 16.39
N ILE A 318 -36.34 -16.16 16.26
CA ILE A 318 -37.43 -15.86 17.19
C ILE A 318 -38.60 -16.79 16.88
N ILE A 319 -39.00 -16.85 15.61
CA ILE A 319 -40.02 -17.80 15.18
C ILE A 319 -39.73 -19.19 15.70
N ALA A 320 -38.53 -19.69 15.45
CA ALA A 320 -38.17 -21.05 15.87
C ALA A 320 -38.10 -21.17 17.39
N THR A 321 -37.66 -20.12 18.07
CA THR A 321 -37.42 -20.22 19.49
C THR A 321 -38.70 -20.02 20.32
N ILE A 322 -39.77 -19.58 19.68
CA ILE A 322 -41.08 -19.61 20.35
C ILE A 322 -41.85 -20.87 19.94
N PHE A 323 -42.05 -21.06 18.64
CA PHE A 323 -43.00 -22.05 18.15
C PHE A 323 -42.42 -23.47 18.10
N MET A 324 -41.33 -23.71 18.83
CA MET A 324 -40.80 -25.07 18.90
C MET A 324 -40.99 -25.74 20.28
N PRO A 325 -40.78 -24.98 21.37
CA PRO A 325 -41.25 -25.48 22.68
C PRO A 325 -42.78 -25.55 22.79
N LEU A 326 -43.45 -24.57 22.18
CA LEU A 326 -44.92 -24.53 22.17
C LEU A 326 -45.48 -25.72 21.41
N THR A 327 -45.01 -25.92 20.17
CA THR A 327 -45.39 -27.09 19.37
C THR A 327 -44.94 -28.38 20.06
N PHE A 328 -43.95 -28.29 20.93
CA PHE A 328 -43.46 -29.45 21.65
C PHE A 328 -44.41 -29.86 22.75
N ILE A 329 -44.84 -28.90 23.58
CA ILE A 329 -45.76 -29.26 24.68
C ILE A 329 -47.16 -29.55 24.14
N ALA A 330 -47.57 -28.84 23.09
CA ALA A 330 -48.80 -29.17 22.36
C ALA A 330 -48.78 -30.60 21.82
N GLY A 331 -47.59 -31.17 21.73
CA GLY A 331 -47.42 -32.50 21.16
C GLY A 331 -47.09 -33.58 22.19
N ILE A 332 -46.86 -33.18 23.44
CA ILE A 332 -46.76 -34.12 24.56
C ILE A 332 -47.97 -35.03 24.59
N TYR A 333 -49.04 -34.58 23.93
CA TYR A 333 -50.37 -35.15 24.13
C TYR A 333 -50.68 -36.20 23.06
N GLY A 334 -50.26 -37.43 23.37
CA GLY A 334 -49.62 -38.32 22.40
C GLY A 334 -48.09 -38.40 22.54
N TYR A 349 -56.57 -27.66 30.24
CA TYR A 349 -56.54 -27.20 28.85
C TYR A 349 -56.24 -25.70 28.77
N PRO A 350 -57.03 -24.88 29.50
CA PRO A 350 -56.72 -23.44 29.57
C PRO A 350 -55.58 -23.12 30.53
N VAL A 351 -55.11 -24.12 31.25
CA VAL A 351 -53.90 -23.99 32.06
C VAL A 351 -52.68 -24.19 31.19
N VAL A 352 -52.84 -24.95 30.11
CA VAL A 352 -51.77 -25.14 29.13
C VAL A 352 -51.70 -23.95 28.18
N LEU A 353 -52.84 -23.59 27.59
CA LEU A 353 -52.94 -22.38 26.76
C LEU A 353 -52.48 -21.12 27.47
N ALA A 354 -52.57 -21.12 28.80
CA ALA A 354 -52.03 -20.03 29.63
C ALA A 354 -50.51 -20.15 29.78
N VAL A 355 -50.01 -21.36 29.98
CA VAL A 355 -48.58 -21.61 30.05
C VAL A 355 -47.94 -21.43 28.68
N MET A 356 -48.68 -21.76 27.62
CA MET A 356 -48.16 -21.60 26.26
C MET A 356 -48.09 -20.11 25.87
N GLY A 357 -49.02 -19.32 26.40
CA GLY A 357 -49.05 -17.88 26.13
C GLY A 357 -48.05 -17.10 26.95
N VAL A 358 -47.69 -17.63 28.12
CA VAL A 358 -46.90 -16.88 29.09
C VAL A 358 -45.41 -16.99 28.77
N ILE A 359 -44.99 -18.19 28.33
CA ILE A 359 -43.61 -18.38 27.89
C ILE A 359 -43.45 -18.13 26.39
N ALA A 360 -44.47 -17.55 25.77
CA ALA A 360 -44.30 -16.83 24.51
C ALA A 360 -44.00 -15.37 24.81
N VAL A 361 -44.36 -14.93 26.01
CA VAL A 361 -44.21 -13.54 26.40
C VAL A 361 -42.93 -13.31 27.19
N ILE A 362 -42.40 -14.36 27.82
CA ILE A 362 -41.09 -14.27 28.46
C ILE A 362 -39.96 -14.40 27.43
N MET A 363 -40.30 -14.88 26.24
CA MET A 363 -39.38 -14.85 25.10
C MET A 363 -39.37 -13.45 24.48
N VAL A 364 -40.53 -12.97 24.04
CA VAL A 364 -40.63 -11.70 23.34
C VAL A 364 -40.10 -10.52 24.17
N VAL A 365 -40.33 -10.56 25.48
CA VAL A 365 -39.62 -9.67 26.41
C VAL A 365 -38.39 -10.38 26.96
N TYR A 366 -37.61 -10.94 26.03
CA TYR A 366 -36.24 -11.35 26.29
C TYR A 366 -35.50 -11.09 24.97
N PHE A 367 -36.23 -11.17 23.86
CA PHE A 367 -35.85 -10.50 22.61
C PHE A 367 -36.17 -9.00 22.67
N LYS A 368 -36.28 -8.48 23.88
CA LYS A 368 -36.12 -7.06 24.11
C LYS A 368 -34.67 -6.77 24.46
N LYS A 369 -33.86 -7.83 24.52
CA LYS A 369 -32.48 -7.74 24.94
C LYS A 369 -31.58 -8.40 23.88
N LYS A 370 -31.30 -7.64 22.83
CA LYS A 370 -30.92 -8.16 21.51
C LYS A 370 -31.92 -7.65 20.46
N LYS A 371 -32.59 -8.57 19.75
CA LYS A 371 -33.47 -8.22 18.64
C LYS A 371 -32.87 -7.05 17.84
N GLY B 37 -9.58 31.37 -23.62
CA GLY B 37 -9.69 32.86 -23.58
C GLY B 37 -11.03 33.34 -23.06
N THR B 38 -12.12 32.79 -23.60
CA THR B 38 -13.48 33.13 -23.14
C THR B 38 -13.70 32.76 -21.68
N LEU B 39 -14.42 33.62 -20.96
CA LEU B 39 -14.57 33.46 -19.54
C LEU B 39 -15.92 32.86 -19.19
N VAL B 40 -15.88 31.67 -18.60
CA VAL B 40 -17.08 30.93 -18.28
C VAL B 40 -16.99 30.42 -16.86
N TYR B 41 -18.05 30.62 -16.09
CA TYR B 41 -18.09 30.17 -14.70
C TYR B 41 -18.63 28.74 -14.58
N THR B 42 -17.74 27.82 -14.22
CA THR B 42 -18.04 26.39 -14.26
C THR B 42 -18.75 25.96 -12.96
N GLY B 43 -18.88 26.88 -12.01
CA GLY B 43 -19.33 26.55 -10.66
C GLY B 43 -20.83 26.44 -10.53
N LYS B 44 -21.30 26.40 -9.28
CA LYS B 44 -22.68 26.08 -8.95
C LYS B 44 -23.38 27.25 -8.24
N TYR B 45 -22.67 28.35 -8.00
CA TYR B 45 -23.16 29.42 -7.14
C TYR B 45 -23.43 30.73 -7.89
N ARG B 46 -24.71 31.06 -8.03
CA ARG B 46 -25.14 32.22 -8.83
C ARG B 46 -26.01 33.13 -7.98
N GLU B 47 -26.20 32.73 -6.72
CA GLU B 47 -27.05 33.42 -5.76
C GLU B 47 -26.63 34.87 -5.52
N ASP B 48 -25.36 35.08 -5.18
CA ASP B 48 -24.93 36.36 -4.62
C ASP B 48 -24.16 37.21 -5.63
N PHE B 49 -24.13 38.51 -5.37
CA PHE B 49 -23.05 39.36 -5.87
C PHE B 49 -22.87 40.56 -4.96
N GLU B 50 -21.61 40.84 -4.62
CA GLU B 50 -21.27 41.91 -3.70
C GLU B 50 -19.80 42.21 -3.85
N ILE B 51 -19.39 43.43 -3.51
CA ILE B 51 -17.98 43.77 -3.46
C ILE B 51 -17.72 44.52 -2.17
N GLU B 52 -16.60 44.25 -1.53
CA GLU B 52 -16.39 44.74 -0.18
C GLU B 52 -14.93 45.11 0.00
N VAL B 53 -14.68 46.41 0.03
CA VAL B 53 -13.33 46.94 0.10
C VAL B 53 -12.98 47.31 1.53
N MET B 54 -11.74 47.02 1.92
CA MET B 54 -11.21 47.53 3.17
C MET B 54 -9.83 48.11 2.96
N ASN B 55 -9.81 49.40 2.68
CA ASN B 55 -8.58 50.18 2.70
C ASN B 55 -8.23 50.54 4.14
N TYR B 56 -6.99 50.30 4.54
CA TYR B 56 -6.54 50.65 5.88
C TYR B 56 -5.07 51.07 5.91
N SER B 57 -4.72 51.85 6.92
CA SER B 57 -3.34 52.27 7.15
C SER B 57 -3.15 52.42 8.64
N ILE B 58 -1.94 52.79 9.05
CA ILE B 58 -1.60 52.79 10.46
C ILE B 58 -2.53 53.70 11.28
N GLU B 59 -3.02 54.77 10.67
CA GLU B 59 -3.88 55.72 11.40
C GLU B 59 -5.36 55.55 11.07
N GLU B 60 -5.67 55.48 9.77
CA GLU B 60 -7.04 55.60 9.29
C GLU B 60 -7.49 54.28 8.67
N PHE B 61 -8.79 54.01 8.68
CA PHE B 61 -9.36 52.88 7.96
C PHE B 61 -10.66 53.22 7.24
N ARG B 62 -10.86 52.62 6.06
CA ARG B 62 -12.04 52.83 5.25
C ARG B 62 -12.65 51.49 4.89
N GLU B 63 -13.97 51.42 4.76
CA GLU B 63 -14.65 50.15 4.49
C GLU B 63 -16.01 50.39 3.86
N PHE B 64 -16.31 49.72 2.75
CA PHE B 64 -17.63 49.85 2.14
C PHE B 64 -18.00 48.64 1.30
N LYS B 65 -19.30 48.50 1.03
CA LYS B 65 -19.79 47.51 0.07
C LYS B 65 -20.48 48.19 -1.11
N THR B 66 -20.35 47.57 -2.28
CA THR B 66 -20.60 48.22 -3.54
C THR B 66 -21.22 47.16 -4.45
N THR B 67 -21.97 47.54 -5.49
CA THR B 67 -22.33 46.61 -6.58
C THR B 67 -21.76 47.10 -7.91
N ASP B 68 -21.04 48.21 -7.84
CA ASP B 68 -20.47 48.88 -9.00
C ASP B 68 -18.97 48.66 -9.01
N VAL B 69 -18.52 47.79 -9.90
CA VAL B 69 -17.10 47.48 -10.01
C VAL B 69 -16.25 48.74 -10.07
N GLU B 70 -16.73 49.77 -10.78
CA GLU B 70 -15.88 50.89 -11.15
C GLU B 70 -15.45 51.69 -9.92
N SER B 71 -16.19 51.55 -8.83
CA SER B 71 -15.92 52.28 -7.60
C SER B 71 -14.72 51.72 -6.82
N VAL B 72 -14.31 50.48 -7.11
CA VAL B 72 -13.17 49.89 -6.43
C VAL B 72 -11.88 50.07 -7.24
N LEU B 73 -12.00 50.09 -8.56
CA LEU B 73 -10.83 49.99 -9.42
C LEU B 73 -9.71 50.97 -9.03
N PRO B 74 -10.07 52.21 -8.67
CA PRO B 74 -9.07 53.22 -8.29
C PRO B 74 -8.14 52.79 -7.16
N PHE B 75 -8.58 51.86 -6.31
CA PHE B 75 -7.74 51.40 -5.20
C PHE B 75 -6.53 50.61 -5.66
N ARG B 76 -6.51 50.27 -6.94
CA ARG B 76 -5.33 49.64 -7.54
C ARG B 76 -4.08 50.46 -7.22
N ASP B 77 -4.27 51.77 -7.14
CA ASP B 77 -3.14 52.68 -7.03
C ASP B 77 -3.15 53.38 -5.68
N SER B 78 -3.97 52.88 -4.75
CA SER B 78 -3.85 53.29 -3.37
C SER B 78 -2.44 53.05 -2.89
N SER B 79 -1.97 53.92 -2.00
CA SER B 79 -0.63 53.83 -1.47
C SER B 79 -0.62 53.01 -0.19
N THR B 80 -1.81 52.66 0.28
CA THR B 80 -1.96 51.84 1.48
C THR B 80 -2.69 50.54 1.16
N PRO B 81 -2.49 49.50 1.98
CA PRO B 81 -3.09 48.20 1.77
C PRO B 81 -4.60 48.31 1.52
N THR B 82 -5.09 47.58 0.53
CA THR B 82 -6.52 47.46 0.30
C THR B 82 -6.92 46.02 0.05
N TRP B 83 -8.02 45.59 0.67
CA TRP B 83 -8.49 44.21 0.57
C TRP B 83 -9.82 44.20 -0.17
N ILE B 84 -9.75 43.99 -1.48
CA ILE B 84 -10.93 44.03 -2.34
C ILE B 84 -11.51 42.65 -2.51
N ASN B 85 -12.69 42.44 -1.95
CA ASN B 85 -13.24 41.10 -1.81
C ASN B 85 -14.47 40.93 -2.70
N ILE B 86 -14.28 40.28 -3.84
CA ILE B 86 -15.35 40.16 -4.83
C ILE B 86 -16.10 38.86 -4.67
N THR B 87 -17.32 38.94 -4.15
CA THR B 87 -18.16 37.76 -3.95
C THR B 87 -19.12 37.61 -5.12
N GLY B 88 -19.03 36.47 -5.81
CA GLY B 88 -19.96 36.17 -6.89
C GLY B 88 -19.30 36.22 -8.26
N ILE B 89 -18.41 35.28 -8.52
CA ILE B 89 -17.64 35.25 -9.77
C ILE B 89 -18.46 34.74 -10.95
N HIS B 90 -19.70 34.32 -10.71
CA HIS B 90 -20.57 33.96 -11.83
C HIS B 90 -20.72 35.17 -12.73
N ARG B 91 -20.48 36.34 -12.16
CA ARG B 91 -20.40 37.58 -12.94
C ARG B 91 -19.09 37.69 -13.71
N THR B 92 -18.95 36.85 -14.74
CA THR B 92 -17.71 36.77 -15.50
C THR B 92 -17.28 38.14 -16.01
N ASP B 93 -18.24 39.02 -16.24
CA ASP B 93 -17.93 40.38 -16.72
C ASP B 93 -17.09 41.16 -15.70
N VAL B 94 -17.51 41.12 -14.44
CA VAL B 94 -16.85 41.87 -13.36
C VAL B 94 -15.43 41.38 -13.19
N VAL B 95 -15.26 40.07 -13.29
CA VAL B 95 -13.95 39.47 -13.20
C VAL B 95 -13.10 39.98 -14.36
N GLN B 96 -13.66 39.97 -15.56
CA GLN B 96 -12.91 40.40 -16.74
C GLN B 96 -12.45 41.85 -16.60
N ARG B 97 -13.32 42.69 -16.03
CA ARG B 97 -13.01 44.10 -15.84
C ARG B 97 -11.86 44.30 -14.85
N VAL B 98 -12.01 43.77 -13.65
CA VAL B 98 -10.94 43.83 -12.65
C VAL B 98 -9.67 43.20 -13.21
N GLY B 99 -9.82 42.13 -13.97
CA GLY B 99 -8.69 41.49 -14.60
C GLY B 99 -7.93 42.46 -15.49
N GLU B 100 -8.61 42.99 -16.50
CA GLU B 100 -7.98 43.93 -17.43
C GLU B 100 -7.31 45.09 -16.68
N PHE B 101 -8.02 45.65 -15.71
CA PHE B 101 -7.64 46.91 -15.08
C PHE B 101 -6.42 46.74 -14.17
N PHE B 102 -6.31 45.57 -13.54
CA PHE B 102 -5.12 45.23 -12.76
C PHE B 102 -4.09 44.53 -13.62
N GLY B 103 -4.38 44.39 -14.91
CA GLY B 103 -3.45 43.79 -15.86
C GLY B 103 -3.08 42.37 -15.50
N ILE B 104 -4.05 41.47 -15.65
CA ILE B 104 -3.93 40.10 -15.16
C ILE B 104 -4.15 39.13 -16.32
N HIS B 105 -3.17 38.26 -16.58
CA HIS B 105 -3.18 37.41 -17.76
C HIS B 105 -4.50 36.63 -17.84
N PRO B 106 -5.14 36.61 -19.02
CA PRO B 106 -6.41 35.93 -19.24
C PRO B 106 -6.46 34.51 -18.71
N LEU B 107 -5.37 33.77 -18.87
CA LEU B 107 -5.34 32.39 -18.40
C LEU B 107 -5.54 32.33 -16.89
N VAL B 108 -5.05 33.34 -16.17
CA VAL B 108 -5.28 33.45 -14.73
C VAL B 108 -6.73 33.72 -14.44
N LEU B 109 -7.37 34.52 -15.27
CA LEU B 109 -8.81 34.74 -15.16
C LEU B 109 -9.63 33.46 -15.38
N GLU B 110 -9.22 32.65 -16.34
CA GLU B 110 -9.89 31.39 -16.60
C GLU B 110 -9.82 30.52 -15.35
N LYS B 111 -8.66 30.52 -14.71
CA LYS B 111 -8.41 29.68 -13.56
C LYS B 111 -9.24 30.12 -12.38
N ILE B 112 -9.48 31.42 -12.29
CA ILE B 112 -10.30 31.96 -11.22
C ILE B 112 -11.73 31.43 -11.31
N LEU B 113 -12.25 31.36 -12.53
CA LEU B 113 -13.66 31.00 -12.78
C LEU B 113 -13.86 29.49 -12.86
N ASN B 114 -12.77 28.76 -13.00
CA ASN B 114 -12.83 27.31 -12.88
C ASN B 114 -12.66 26.85 -11.43
N VAL B 115 -13.69 26.19 -10.89
CA VAL B 115 -13.73 25.88 -9.46
C VAL B 115 -13.43 24.40 -9.18
N HIS B 116 -12.97 23.67 -10.19
CA HIS B 116 -12.56 22.28 -10.02
C HIS B 116 -11.07 22.11 -10.33
N GLN B 117 -10.24 22.17 -9.31
CA GLN B 117 -8.88 22.68 -9.43
C GLN B 117 -8.10 22.55 -8.12
N ARG B 118 -6.87 22.08 -8.21
CA ARG B 118 -6.02 22.00 -7.02
C ARG B 118 -5.63 23.37 -6.56
N PRO B 119 -5.65 23.57 -5.24
CA PRO B 119 -4.91 24.68 -4.67
C PRO B 119 -3.56 24.80 -5.33
N LYS B 120 -3.08 26.02 -5.50
CA LYS B 120 -1.88 26.25 -6.27
C LYS B 120 -1.45 27.69 -6.16
N VAL B 121 -0.16 27.94 -6.41
CA VAL B 121 0.37 29.29 -6.41
C VAL B 121 1.14 29.57 -7.73
N GLU B 122 0.83 30.68 -8.38
CA GLU B 122 1.52 31.06 -9.60
C GLU B 122 2.14 32.41 -9.39
N PHE B 123 3.42 32.54 -9.74
CA PHE B 123 4.16 33.78 -9.53
C PHE B 123 4.35 34.55 -10.84
N PHE B 124 3.99 35.82 -10.84
CA PHE B 124 4.18 36.64 -12.02
C PHE B 124 5.00 37.86 -11.65
N GLU B 125 5.46 38.59 -12.67
CA GLU B 125 6.29 39.78 -12.48
C GLU B 125 5.65 40.75 -11.48
N ASN B 126 4.35 41.01 -11.59
CA ASN B 126 3.72 42.07 -10.79
C ASN B 126 2.51 41.58 -9.95
N TYR B 127 2.36 40.27 -9.78
CA TYR B 127 1.36 39.73 -8.84
C TYR B 127 1.62 38.27 -8.51
N VAL B 128 1.20 37.85 -7.31
CA VAL B 128 1.11 36.42 -6.96
C VAL B 128 -0.34 35.96 -7.03
N PHE B 129 -0.55 34.76 -7.56
CA PHE B 129 -1.89 34.24 -7.77
C PHE B 129 -2.01 32.97 -6.99
N ILE B 130 -3.02 32.91 -6.13
CA ILE B 130 -3.19 31.75 -5.24
C ILE B 130 -4.62 31.23 -5.34
N VAL B 131 -4.77 29.91 -5.35
CA VAL B 131 -6.10 29.32 -5.30
C VAL B 131 -6.19 28.43 -4.09
N LEU B 132 -7.24 28.65 -3.28
CA LEU B 132 -7.49 27.81 -2.11
C LEU B 132 -8.93 27.33 -2.09
N LYS B 133 -9.19 26.27 -1.32
CA LYS B 133 -10.55 25.86 -1.05
C LYS B 133 -10.93 26.23 0.37
N MET B 134 -12.23 26.33 0.59
CA MET B 134 -12.79 26.75 1.84
C MET B 134 -13.91 25.80 2.18
N PHE B 135 -13.84 25.14 3.33
CA PHE B 135 -14.73 24.01 3.59
C PHE B 135 -15.85 24.35 4.57
N THR B 136 -16.94 23.58 4.54
CA THR B 136 -17.89 23.55 5.67
C THR B 136 -18.44 22.15 5.92
N TYR B 137 -18.31 21.66 7.15
CA TYR B 137 -18.94 20.40 7.55
C TYR B 137 -20.32 20.63 8.15
N ASP B 138 -21.35 20.29 7.39
CA ASP B 138 -22.68 20.07 7.94
C ASP B 138 -22.65 18.82 8.79
N LYS B 139 -22.76 18.97 10.10
CA LYS B 139 -22.89 17.79 10.95
C LYS B 139 -24.22 17.10 10.63
N ASN B 140 -24.52 15.99 11.30
CA ASN B 140 -25.86 15.35 11.33
C ASN B 140 -26.57 15.08 9.99
N LEU B 141 -26.28 15.87 8.95
CA LEU B 141 -26.32 15.35 7.59
C LEU B 141 -24.92 15.39 7.03
N HIS B 142 -24.25 14.26 7.00
CA HIS B 142 -22.82 14.20 7.27
C HIS B 142 -22.00 14.50 6.03
N GLU B 143 -22.13 15.72 5.55
CA GLU B 143 -21.64 16.06 4.24
C GLU B 143 -20.99 17.42 4.32
N LEU B 144 -19.92 17.58 3.57
CA LEU B 144 -19.18 18.80 3.70
C LEU B 144 -18.93 19.39 2.33
N GLU B 145 -19.16 20.69 2.25
CA GLU B 145 -19.17 21.39 0.99
C GLU B 145 -17.94 22.28 0.92
N SER B 146 -17.43 22.47 -0.29
CA SER B 146 -16.31 23.37 -0.51
C SER B 146 -16.68 24.57 -1.38
N GLU B 147 -16.00 25.67 -1.14
CA GLU B 147 -16.09 26.84 -1.99
C GLU B 147 -14.67 27.21 -2.38
N GLN B 148 -14.48 27.67 -3.60
CA GLN B 148 -13.15 28.09 -4.03
C GLN B 148 -12.92 29.56 -3.77
N VAL B 149 -11.76 29.87 -3.19
CA VAL B 149 -11.35 31.25 -3.05
C VAL B 149 -10.04 31.43 -3.78
N SER B 150 -9.99 32.32 -4.76
CA SER B 150 -8.68 32.71 -5.29
C SER B 150 -8.24 34.05 -4.70
N LEU B 151 -6.92 34.23 -4.60
CA LEU B 151 -6.35 35.49 -4.15
C LEU B 151 -5.36 36.01 -5.16
N ILE B 152 -5.23 37.32 -5.22
CA ILE B 152 -4.13 37.94 -5.98
C ILE B 152 -3.47 39.03 -5.13
N LEU B 153 -2.18 38.83 -4.84
CA LEU B 153 -1.38 39.84 -4.16
C LEU B 153 -0.76 40.72 -5.22
N THR B 154 -0.74 42.02 -4.98
CA THR B 154 -0.42 42.97 -6.04
C THR B 154 -0.14 44.37 -5.47
N LYS B 155 1.13 44.74 -5.47
CA LYS B 155 1.59 46.04 -4.98
C LYS B 155 0.97 46.35 -3.62
N ASN B 156 -0.23 46.95 -3.65
CA ASN B 156 -0.88 47.43 -2.43
C ASN B 156 -2.26 46.81 -2.24
N CYS B 157 -2.55 45.75 -3.00
CA CYS B 157 -3.88 45.17 -2.99
C CYS B 157 -3.81 43.66 -2.74
N VAL B 158 -4.85 43.14 -2.10
CA VAL B 158 -5.20 41.72 -2.23
C VAL B 158 -6.57 41.61 -2.87
N LEU B 159 -6.60 41.21 -4.14
CA LEU B 159 -7.85 40.84 -4.78
C LEU B 159 -8.25 39.46 -4.33
N MET B 160 -9.51 39.30 -4.00
CA MET B 160 -10.04 38.04 -3.51
C MET B 160 -11.36 37.73 -4.21
N PHE B 161 -11.52 36.51 -4.70
CA PHE B 161 -12.72 36.16 -5.44
C PHE B 161 -13.42 34.93 -4.84
N GLN B 162 -14.65 35.14 -4.37
CA GLN B 162 -15.44 34.06 -3.82
C GLN B 162 -16.57 33.69 -4.77
N GLU B 163 -17.18 32.52 -4.51
CA GLU B 163 -18.29 32.03 -5.32
C GLU B 163 -19.61 32.55 -4.76
N LYS B 164 -19.65 32.70 -3.44
CA LYS B 164 -20.88 32.93 -2.69
C LYS B 164 -20.60 33.56 -1.32
N ILE B 165 -21.57 34.34 -0.85
CA ILE B 165 -21.52 34.98 0.46
C ILE B 165 -21.37 33.95 1.58
N GLY B 166 -20.61 34.29 2.60
CA GLY B 166 -20.05 33.27 3.51
C GLY B 166 -18.56 33.00 3.28
N ASP B 167 -17.79 33.15 4.36
CA ASP B 167 -16.35 32.88 4.37
C ASP B 167 -15.81 32.77 5.80
N VAL B 168 -14.49 32.82 5.95
CA VAL B 168 -13.86 32.53 7.25
C VAL B 168 -12.95 33.66 7.70
N PHE B 169 -13.15 34.84 7.11
CA PHE B 169 -12.16 35.91 7.21
C PHE B 169 -12.62 37.01 8.15
N ASP B 170 -13.75 36.79 8.83
CA ASP B 170 -14.29 37.80 9.75
C ASP B 170 -13.26 38.24 10.79
N PRO B 171 -12.50 37.30 11.39
CA PRO B 171 -11.53 37.73 12.40
C PRO B 171 -10.46 38.68 11.85
N VAL B 172 -10.17 38.59 10.55
CA VAL B 172 -9.31 39.58 9.90
C VAL B 172 -10.02 40.94 9.80
N ARG B 173 -11.29 40.92 9.40
CA ARG B 173 -12.11 42.13 9.42
C ARG B 173 -12.09 42.81 10.80
N GLU B 174 -12.26 42.05 11.88
CA GLU B 174 -12.23 42.64 13.24
C GLU B 174 -10.89 43.32 13.53
N ARG B 175 -9.78 42.64 13.27
CA ARG B 175 -8.46 43.18 13.58
C ARG B 175 -8.17 44.49 12.84
N ILE B 176 -8.62 44.58 11.60
CA ILE B 176 -8.51 45.84 10.85
C ILE B 176 -9.44 46.89 11.44
N ARG B 177 -10.71 46.53 11.60
CA ARG B 177 -11.70 47.41 12.22
C ARG B 177 -11.21 47.99 13.56
N TYR B 178 -10.85 47.11 14.51
CA TYR B 178 -10.52 47.52 15.87
C TYR B 178 -9.00 47.66 16.06
N ASN B 179 -8.31 48.22 15.07
CA ASN B 179 -6.86 48.21 15.05
C ASN B 179 -6.28 47.29 16.12
N ARG B 180 -6.42 45.99 15.91
CA ARG B 180 -5.80 45.00 16.78
C ARG B 180 -4.59 44.41 16.10
N GLY B 181 -3.97 43.45 16.76
CA GLY B 181 -2.67 42.94 16.36
C GLY B 181 -1.75 43.98 15.72
N ILE B 182 -1.11 43.58 14.63
CA ILE B 182 -0.09 44.35 13.96
C ILE B 182 -0.55 44.67 12.55
N ILE B 183 -1.79 44.29 12.22
CA ILE B 183 -2.17 44.18 10.81
C ILE B 183 -2.18 45.53 10.11
N ARG B 184 -2.47 46.59 10.87
CA ARG B 184 -2.54 47.94 10.32
C ARG B 184 -1.16 48.52 10.03
N LYS B 185 -0.21 48.20 10.92
CA LYS B 185 1.17 48.67 10.79
C LYS B 185 1.82 48.09 9.55
N LYS B 186 1.39 46.91 9.14
CA LYS B 186 2.07 46.17 8.08
C LYS B 186 1.32 46.28 6.75
N ARG B 187 1.96 45.85 5.67
CA ARG B 187 1.46 46.10 4.33
C ARG B 187 0.68 44.88 3.80
N ALA B 188 0.70 44.71 2.48
CA ALA B 188 -0.36 43.98 1.78
C ALA B 188 -0.04 42.51 1.76
N ASP B 189 1.25 42.20 1.74
CA ASP B 189 1.71 40.84 1.87
C ASP B 189 1.32 40.25 3.23
N TYR B 190 1.40 41.06 4.28
CA TYR B 190 1.00 40.60 5.60
C TYR B 190 -0.50 40.41 5.66
N LEU B 191 -1.23 41.18 4.87
CA LEU B 191 -2.66 40.97 4.66
C LEU B 191 -2.88 39.59 4.08
N LEU B 192 -2.24 39.33 2.93
CA LEU B 192 -2.30 38.01 2.32
C LEU B 192 -2.05 36.91 3.35
N TYR B 193 -0.93 37.00 4.09
CA TYR B 193 -0.68 36.09 5.21
C TYR B 193 -1.89 35.96 6.16
N SER B 194 -2.43 37.10 6.59
CA SER B 194 -3.49 37.09 7.58
C SER B 194 -4.71 36.32 7.10
N LEU B 195 -5.01 36.46 5.82
CA LEU B 195 -6.18 35.81 5.25
C LEU B 195 -5.95 34.32 5.14
N ILE B 196 -4.80 33.93 4.60
CA ILE B 196 -4.46 32.52 4.47
C ILE B 196 -4.40 31.84 5.84
N ASP B 197 -3.77 32.50 6.82
CA ASP B 197 -3.78 31.98 8.19
C ASP B 197 -5.19 31.77 8.69
N ALA B 198 -6.10 32.70 8.39
CA ALA B 198 -7.48 32.59 8.85
C ALA B 198 -8.11 31.33 8.25
N LEU B 199 -7.75 31.04 7.01
CA LEU B 199 -8.36 29.93 6.29
C LEU B 199 -7.82 28.64 6.85
N VAL B 200 -6.50 28.54 6.91
CA VAL B 200 -5.85 27.38 7.50
C VAL B 200 -6.31 27.10 8.95
N ASP B 201 -6.36 28.12 9.79
CA ASP B 201 -6.90 27.95 11.13
C ASP B 201 -8.29 27.30 11.11
N ASP B 202 -9.07 27.60 10.08
CA ASP B 202 -10.40 27.00 9.94
C ASP B 202 -10.31 25.48 9.73
N TYR B 203 -9.23 25.01 9.13
CA TYR B 203 -9.07 23.58 8.91
C TYR B 203 -8.96 22.82 10.22
N PHE B 204 -8.31 23.41 11.23
CA PHE B 204 -8.24 22.81 12.57
C PHE B 204 -9.60 22.61 13.18
N VAL B 205 -10.45 23.62 13.08
CA VAL B 205 -11.79 23.51 13.62
C VAL B 205 -12.58 22.46 12.84
N LEU B 206 -12.40 22.42 11.53
CA LEU B 206 -12.99 21.38 10.70
C LEU B 206 -12.54 20.00 11.14
N LEU B 207 -11.26 19.87 11.49
CA LEU B 207 -10.71 18.58 11.85
C LEU B 207 -11.26 18.11 13.19
N GLU B 208 -11.51 19.06 14.09
CA GLU B 208 -12.09 18.72 15.37
C GLU B 208 -13.49 18.14 15.17
N LYS B 209 -14.25 18.73 14.26
CA LYS B 209 -15.58 18.22 13.94
C LYS B 209 -15.48 16.80 13.41
N ILE B 210 -14.49 16.55 12.58
CA ILE B 210 -14.32 15.23 12.00
C ILE B 210 -13.82 14.24 13.05
N ASP B 211 -12.90 14.66 13.91
CA ASP B 211 -12.47 13.81 15.00
C ASP B 211 -13.64 13.33 15.85
N ASP B 212 -14.66 14.18 16.00
CA ASP B 212 -15.83 13.83 16.80
C ASP B 212 -16.62 12.73 16.13
N GLU B 213 -16.89 12.89 14.83
CA GLU B 213 -17.61 11.88 14.07
C GLU B 213 -16.94 10.54 14.22
N ILE B 214 -15.62 10.55 14.24
CA ILE B 214 -14.87 9.33 14.31
C ILE B 214 -15.14 8.64 15.63
N ASP B 215 -15.19 9.41 16.71
CA ASP B 215 -15.43 8.86 18.05
C ASP B 215 -16.83 8.27 18.10
N VAL B 216 -17.79 9.00 17.56
CA VAL B 216 -19.16 8.53 17.51
C VAL B 216 -19.28 7.22 16.76
N LEU B 217 -18.71 7.21 15.56
CA LEU B 217 -18.85 6.09 14.69
C LEU B 217 -18.12 4.88 15.23
N GLU B 218 -16.99 5.10 15.89
CA GLU B 218 -16.20 3.95 16.33
C GLU B 218 -16.94 3.38 17.51
N GLU B 219 -17.92 4.14 17.96
CA GLU B 219 -18.96 3.64 18.84
C GLU B 219 -19.93 2.76 18.06
N GLU B 220 -20.82 3.37 17.30
CA GLU B 220 -21.79 2.67 16.48
C GLU B 220 -21.28 1.37 15.86
N VAL B 221 -20.07 1.39 15.33
CA VAL B 221 -19.64 0.30 14.48
C VAL B 221 -19.53 -0.93 15.30
N LEU B 222 -19.30 -0.79 16.59
CA LEU B 222 -19.16 -1.97 17.44
C LEU B 222 -20.15 -2.00 18.61
N GLU B 223 -21.15 -1.11 18.58
CA GLU B 223 -22.22 -1.06 19.60
C GLU B 223 -23.62 -1.04 19.00
N ARG B 224 -23.83 -0.27 17.95
CA ARG B 224 -25.17 -0.03 17.43
C ARG B 224 -25.37 -0.59 16.02
N PRO B 225 -25.01 -1.86 15.79
CA PRO B 225 -24.85 -2.39 14.41
C PRO B 225 -26.12 -2.52 13.52
N GLU B 226 -26.10 -1.86 12.36
CA GLU B 226 -27.20 -1.03 11.85
C GLU B 226 -26.91 -0.56 10.41
N LYS B 227 -27.93 -0.10 9.68
CA LYS B 227 -27.76 0.24 8.25
C LYS B 227 -27.18 1.63 8.03
N GLU B 228 -27.60 2.59 8.84
CA GLU B 228 -27.10 3.95 8.70
C GLU B 228 -25.61 4.04 9.08
N THR B 229 -25.13 3.13 9.90
CA THR B 229 -23.76 3.16 10.35
C THR B 229 -22.75 2.89 9.22
N VAL B 230 -23.16 2.04 8.28
CA VAL B 230 -22.31 1.72 7.15
C VAL B 230 -22.29 2.89 6.20
N GLN B 231 -23.48 3.37 5.87
CA GLN B 231 -23.62 4.57 5.07
C GLN B 231 -22.72 5.67 5.61
N ARG B 232 -22.72 5.85 6.93
CA ARG B 232 -22.01 6.97 7.53
C ARG B 232 -20.52 6.73 7.46
N THR B 233 -20.13 5.49 7.67
CA THR B 233 -18.73 5.15 7.62
C THR B 233 -18.20 5.51 6.24
N HIS B 234 -18.91 5.08 5.20
CA HIS B 234 -18.48 5.36 3.84
C HIS B 234 -18.41 6.87 3.60
N GLN B 235 -19.49 7.57 3.92
CA GLN B 235 -19.49 9.03 3.77
C GLN B 235 -18.26 9.66 4.46
N LEU B 236 -17.86 9.13 5.62
CA LEU B 236 -16.71 9.69 6.34
C LEU B 236 -15.42 9.46 5.56
N LYS B 237 -15.22 8.25 5.08
CA LYS B 237 -14.07 7.99 4.25
C LYS B 237 -14.07 8.92 3.05
N ARG B 238 -15.14 8.93 2.26
CA ARG B 238 -15.28 9.90 1.18
C ARG B 238 -14.80 11.28 1.61
N ASN B 239 -15.31 11.78 2.72
CA ASN B 239 -14.97 13.13 3.16
C ASN B 239 -13.50 13.26 3.45
N LEU B 240 -12.92 12.29 4.14
CA LEU B 240 -11.50 12.34 4.44
C LEU B 240 -10.67 12.26 3.19
N VAL B 241 -11.23 11.71 2.11
CA VAL B 241 -10.51 11.68 0.85
C VAL B 241 -10.48 13.07 0.25
N GLU B 242 -11.66 13.65 0.09
CA GLU B 242 -11.78 14.99 -0.42
C GLU B 242 -10.92 15.95 0.40
N LEU B 243 -10.82 15.73 1.70
CA LEU B 243 -10.06 16.64 2.53
C LEU B 243 -8.60 16.45 2.28
N ARG B 244 -8.16 15.21 2.32
CA ARG B 244 -6.79 14.89 2.02
C ARG B 244 -6.40 15.42 0.63
N LYS B 245 -7.35 15.33 -0.30
CA LYS B 245 -7.17 15.77 -1.68
C LYS B 245 -6.68 17.20 -1.71
N THR B 246 -7.12 17.97 -0.73
CA THR B 246 -6.96 19.41 -0.74
C THR B 246 -5.83 19.81 0.15
N ILE B 247 -5.61 19.04 1.21
CA ILE B 247 -4.73 19.46 2.28
C ILE B 247 -3.27 19.30 1.88
N TRP B 248 -2.97 18.31 1.05
CA TRP B 248 -1.59 18.13 0.61
C TRP B 248 -1.18 19.24 -0.34
N PRO B 249 -2.05 19.61 -1.30
CA PRO B 249 -1.73 20.74 -2.15
C PRO B 249 -1.62 22.03 -1.37
N LEU B 250 -2.50 22.21 -0.38
CA LEU B 250 -2.44 23.40 0.47
C LEU B 250 -1.06 23.54 1.06
N ARG B 251 -0.55 22.44 1.57
CA ARG B 251 0.78 22.38 2.13
C ARG B 251 1.83 22.77 1.10
N GLU B 252 1.69 22.23 -0.11
CA GLU B 252 2.58 22.58 -1.21
C GLU B 252 2.53 24.08 -1.52
N VAL B 253 1.34 24.66 -1.48
CA VAL B 253 1.18 26.09 -1.72
C VAL B 253 2.05 26.85 -0.75
N LEU B 254 1.88 26.59 0.54
CA LEU B 254 2.51 27.44 1.51
C LEU B 254 3.98 27.13 1.60
N SER B 255 4.38 25.97 1.14
CA SER B 255 5.79 25.67 1.02
C SER B 255 6.42 26.64 0.03
N SER B 256 5.75 26.83 -1.10
CA SER B 256 6.23 27.75 -2.13
C SER B 256 6.29 29.18 -1.62
N LEU B 257 5.27 29.65 -0.91
CA LEU B 257 5.30 31.01 -0.38
C LEU B 257 6.36 31.18 0.70
N TYR B 258 6.63 30.11 1.45
CA TYR B 258 7.68 30.13 2.47
C TYR B 258 9.05 30.12 1.82
N ARG B 259 9.22 29.29 0.79
CA ARG B 259 10.54 29.04 0.21
C ARG B 259 10.77 29.67 -1.15
N ASP B 260 10.65 31.00 -1.25
CA ASP B 260 11.36 31.74 -2.31
C ASP B 260 10.94 33.22 -2.42
N VAL B 261 9.66 33.57 -2.37
CA VAL B 261 9.28 34.93 -1.95
C VAL B 261 9.76 36.01 -2.93
N PRO B 262 8.83 36.59 -3.72
CA PRO B 262 9.13 37.74 -4.62
C PRO B 262 8.76 39.20 -4.12
N PRO B 263 7.52 39.72 -4.36
CA PRO B 263 7.03 40.81 -3.48
C PRO B 263 6.29 40.34 -2.24
N LEU B 264 6.92 39.46 -1.47
CA LEU B 264 6.61 39.30 -0.05
C LEU B 264 7.83 39.77 0.70
N ILE B 265 7.71 40.86 1.43
CA ILE B 265 8.92 41.47 2.00
C ILE B 265 9.63 40.39 2.83
N GLU B 266 10.92 40.18 2.55
CA GLU B 266 11.54 38.87 2.81
C GLU B 266 11.73 38.67 4.32
N LYS B 267 12.98 38.60 4.80
CA LYS B 267 13.25 38.46 6.23
C LYS B 267 12.36 39.41 7.07
N GLU B 268 11.07 39.33 6.81
CA GLU B 268 10.09 40.28 7.33
C GLU B 268 8.82 39.51 7.59
N THR B 269 8.11 39.17 6.51
CA THR B 269 6.83 38.51 6.58
C THR B 269 7.01 37.00 6.52
N VAL B 270 8.15 36.54 6.02
CA VAL B 270 8.33 35.10 5.71
C VAL B 270 8.08 34.19 6.92
N PRO B 271 8.60 34.56 8.10
CA PRO B 271 8.38 33.67 9.25
C PRO B 271 6.90 33.42 9.53
N TYR B 272 6.08 34.47 9.35
CA TYR B 272 4.62 34.35 9.50
C TYR B 272 4.06 33.37 8.50
N PHE B 273 4.56 33.40 7.27
CA PHE B 273 4.19 32.41 6.26
C PHE B 273 4.72 31.04 6.65
N ARG B 274 5.85 31.00 7.36
CA ARG B 274 6.34 29.72 7.84
C ARG B 274 5.45 29.18 8.94
N LYS B 275 4.96 30.06 9.81
CA LYS B 275 4.02 29.63 10.82
C LYS B 275 2.88 28.83 10.17
N VAL B 276 2.36 29.35 9.06
CA VAL B 276 1.20 28.74 8.45
C VAL B 276 1.63 27.50 7.69
N TYR B 277 2.78 27.57 7.04
CA TYR B 277 3.34 26.40 6.41
C TYR B 277 3.45 25.24 7.41
N ASP B 278 3.90 25.54 8.63
CA ASP B 278 4.02 24.51 9.64
C ASP B 278 2.64 23.95 10.01
N HIS B 279 1.67 24.84 10.13
CA HIS B 279 0.30 24.42 10.41
C HIS B 279 -0.18 23.38 9.41
N THR B 280 0.01 23.65 8.12
CA THR B 280 -0.51 22.78 7.09
C THR B 280 0.10 21.41 7.25
N ILE B 281 1.36 21.37 7.67
CA ILE B 281 2.01 20.10 7.94
C ILE B 281 1.32 19.34 9.07
N GLN B 282 1.04 20.05 10.16
CA GLN B 282 0.32 19.47 11.28
C GLN B 282 -1.05 18.94 10.85
N ILE B 283 -1.73 19.73 10.04
CA ILE B 283 -3.01 19.34 9.50
C ILE B 283 -2.88 18.10 8.61
N ALA B 284 -1.94 18.14 7.69
CA ALA B 284 -1.73 17.01 6.83
C ALA B 284 -1.56 15.75 7.68
N ASP B 285 -0.74 15.83 8.72
CA ASP B 285 -0.46 14.67 9.57
C ASP B 285 -1.73 14.14 10.19
N THR B 286 -2.58 15.06 10.61
CA THR B 286 -3.78 14.72 11.35
C THR B 286 -4.81 14.06 10.44
N VAL B 287 -4.84 14.49 9.19
CA VAL B 287 -5.70 13.87 8.22
C VAL B 287 -5.24 12.45 7.91
N GLU B 288 -3.94 12.22 7.85
CA GLU B 288 -3.46 10.87 7.62
C GLU B 288 -3.90 10.01 8.79
N THR B 289 -3.58 10.44 9.98
CA THR B 289 -4.05 9.74 11.17
C THR B 289 -5.53 9.30 11.09
N PHE B 290 -6.39 10.17 10.60
CA PHE B 290 -7.82 9.85 10.52
C PHE B 290 -8.09 8.83 9.43
N ARG B 291 -7.42 9.02 8.30
CA ARG B 291 -7.59 8.12 7.20
C ARG B 291 -7.34 6.70 7.65
N ASP B 292 -6.21 6.46 8.32
CA ASP B 292 -5.88 5.12 8.83
C ASP B 292 -7.01 4.57 9.68
N ILE B 293 -7.22 5.23 10.80
CA ILE B 293 -8.23 4.82 11.75
C ILE B 293 -9.56 4.47 11.06
N VAL B 294 -10.08 5.40 10.26
CA VAL B 294 -11.36 5.18 9.61
C VAL B 294 -11.31 3.98 8.65
N SER B 295 -10.16 3.75 8.05
CA SER B 295 -10.03 2.69 7.03
C SER B 295 -10.34 1.32 7.61
N GLY B 296 -10.30 1.21 8.93
CA GLY B 296 -10.52 -0.08 9.60
C GLY B 296 -11.97 -0.36 9.89
N LEU B 297 -12.78 0.69 9.93
CA LEU B 297 -14.05 0.58 10.62
C LEU B 297 -14.94 -0.51 10.05
N LEU B 298 -15.12 -0.57 8.74
CA LEU B 298 -15.99 -1.61 8.16
C LEU B 298 -15.51 -2.96 8.58
N ASP B 299 -14.19 -3.17 8.57
CA ASP B 299 -13.62 -4.42 9.05
C ASP B 299 -14.00 -4.71 10.49
N VAL B 300 -14.00 -3.69 11.33
CA VAL B 300 -14.53 -3.83 12.68
C VAL B 300 -15.98 -4.23 12.60
N TYR B 301 -16.77 -3.44 11.90
CA TYR B 301 -18.20 -3.65 11.76
C TYR B 301 -18.51 -5.05 11.25
N LEU B 302 -17.84 -5.42 10.18
CA LEU B 302 -18.01 -6.73 9.59
C LEU B 302 -17.70 -7.85 10.57
N SER B 303 -16.71 -7.62 11.43
CA SER B 303 -16.37 -8.60 12.48
C SER B 303 -17.41 -8.57 13.59
N SER B 304 -17.79 -7.37 14.04
CA SER B 304 -18.84 -7.21 15.01
C SER B 304 -20.09 -7.97 14.55
N VAL B 305 -20.40 -7.93 13.26
CA VAL B 305 -21.68 -8.44 12.79
C VAL B 305 -21.61 -9.94 12.60
N SER B 306 -20.49 -10.41 12.07
CA SER B 306 -20.30 -11.83 11.86
C SER B 306 -20.48 -12.56 13.16
N ASN B 307 -20.11 -11.90 14.23
CA ASN B 307 -20.14 -12.49 15.53
C ASN B 307 -21.57 -12.58 16.05
N LYS B 308 -22.25 -11.47 15.96
CA LYS B 308 -23.63 -11.40 16.38
C LYS B 308 -24.43 -12.46 15.64
N THR B 309 -24.27 -12.51 14.32
CA THR B 309 -24.93 -13.54 13.53
C THR B 309 -24.56 -14.94 14.03
N ASN B 310 -23.34 -15.12 14.50
CA ASN B 310 -22.95 -16.41 15.05
C ASN B 310 -23.64 -16.71 16.37
N GLU B 311 -23.88 -15.70 17.20
CA GLU B 311 -24.62 -15.91 18.45
C GLU B 311 -26.03 -16.33 18.11
N VAL B 312 -26.66 -15.59 17.21
CA VAL B 312 -28.00 -15.94 16.73
C VAL B 312 -28.09 -17.39 16.29
N MET B 313 -27.10 -17.88 15.56
CA MET B 313 -27.10 -19.27 15.11
C MET B 313 -27.03 -20.25 16.28
N LYS B 314 -26.26 -19.90 17.31
CA LYS B 314 -26.14 -20.78 18.46
C LYS B 314 -27.49 -21.01 19.16
N VAL B 315 -28.26 -19.94 19.38
CA VAL B 315 -29.57 -20.10 20.03
C VAL B 315 -30.50 -20.94 19.15
N LEU B 316 -30.62 -20.58 17.88
CA LEU B 316 -31.40 -21.38 16.94
C LEU B 316 -31.00 -22.84 16.97
N THR B 317 -29.74 -23.12 17.21
CA THR B 317 -29.27 -24.49 17.13
C THR B 317 -29.38 -25.23 18.45
N ILE B 318 -29.35 -24.51 19.56
CA ILE B 318 -29.66 -25.12 20.86
C ILE B 318 -31.17 -25.43 20.95
N ILE B 319 -31.98 -24.42 20.73
CA ILE B 319 -33.41 -24.61 20.59
C ILE B 319 -33.73 -25.82 19.70
N ALA B 320 -33.20 -25.84 18.48
CA ALA B 320 -33.53 -26.90 17.54
C ALA B 320 -32.99 -28.23 18.02
N THR B 321 -31.83 -28.22 18.67
CA THR B 321 -31.16 -29.47 18.98
C THR B 321 -31.67 -30.12 20.28
N ILE B 322 -32.46 -29.40 21.07
CA ILE B 322 -33.20 -30.05 22.17
C ILE B 322 -34.64 -30.38 21.72
N PHE B 323 -35.38 -29.39 21.21
CA PHE B 323 -36.82 -29.54 20.98
C PHE B 323 -37.19 -30.25 19.68
N MET B 324 -36.24 -30.96 19.07
CA MET B 324 -36.56 -31.71 17.85
C MET B 324 -36.56 -33.22 18.06
N PRO B 325 -35.57 -33.74 18.84
CA PRO B 325 -35.72 -35.10 19.35
C PRO B 325 -36.86 -35.26 20.36
N LEU B 326 -37.06 -34.24 21.19
CA LEU B 326 -38.12 -34.28 22.19
C LEU B 326 -39.47 -34.28 21.50
N THR B 327 -39.69 -33.34 20.61
CA THR B 327 -40.92 -33.30 19.82
C THR B 327 -41.06 -34.58 18.96
N PHE B 328 -39.94 -35.24 18.72
CA PHE B 328 -39.94 -36.45 17.90
C PHE B 328 -40.45 -37.62 18.71
N ILE B 329 -39.95 -37.79 19.92
CA ILE B 329 -40.38 -38.95 20.72
C ILE B 329 -41.78 -38.72 21.27
N ALA B 330 -42.10 -37.47 21.59
CA ALA B 330 -43.48 -37.09 21.90
C ALA B 330 -44.46 -37.43 20.77
N GLY B 331 -43.92 -37.62 19.58
CA GLY B 331 -44.73 -37.82 18.38
C GLY B 331 -44.69 -39.23 17.82
N ILE B 332 -43.83 -40.09 18.37
CA ILE B 332 -43.83 -41.52 18.03
C ILE B 332 -45.21 -42.09 18.31
N TYR B 333 -45.97 -41.35 19.13
CA TYR B 333 -47.21 -41.84 19.70
C TYR B 333 -48.40 -41.33 18.89
N GLY B 334 -48.25 -41.40 17.55
CA GLY B 334 -49.28 -41.95 16.67
C GLY B 334 -48.61 -42.66 15.51
N TYR B 349 -45.61 -43.06 30.91
CA TYR B 349 -45.86 -41.65 30.65
C TYR B 349 -44.85 -40.76 31.39
N PRO B 350 -44.74 -40.93 32.72
CA PRO B 350 -43.72 -40.19 33.49
C PRO B 350 -42.34 -40.81 33.38
N VAL B 351 -42.26 -41.96 32.71
CA VAL B 351 -40.99 -42.54 32.32
C VAL B 351 -40.47 -41.89 31.04
N VAL B 352 -41.39 -41.40 30.22
CA VAL B 352 -41.04 -40.66 29.02
C VAL B 352 -40.68 -39.22 29.36
N LEU B 353 -41.57 -38.55 30.09
CA LEU B 353 -41.30 -37.20 30.60
C LEU B 353 -40.01 -37.11 31.40
N ALA B 354 -39.58 -38.23 31.98
CA ALA B 354 -38.31 -38.31 32.68
C ALA B 354 -37.17 -38.46 31.70
N VAL B 355 -37.37 -39.28 30.67
CA VAL B 355 -36.39 -39.45 29.60
C VAL B 355 -36.30 -38.18 28.75
N MET B 356 -37.42 -37.49 28.58
CA MET B 356 -37.43 -36.25 27.82
C MET B 356 -36.73 -35.12 28.57
N GLY B 357 -36.81 -35.16 29.90
CA GLY B 357 -36.19 -34.15 30.75
C GLY B 357 -34.70 -34.40 30.95
N VAL B 358 -34.28 -35.65 30.88
CA VAL B 358 -32.88 -36.01 31.19
C VAL B 358 -31.96 -35.76 29.99
N ILE B 359 -32.45 -36.04 28.79
CA ILE B 359 -31.68 -35.73 27.57
C ILE B 359 -31.99 -34.34 27.02
N ALA B 360 -32.68 -33.53 27.82
CA ALA B 360 -32.63 -32.08 27.67
C ALA B 360 -31.50 -31.50 28.52
N VAL B 361 -31.09 -32.27 29.52
CA VAL B 361 -30.12 -31.82 30.49
C VAL B 361 -28.72 -32.29 30.12
N ILE B 362 -28.65 -33.38 29.35
CA ILE B 362 -27.37 -33.82 28.80
C ILE B 362 -26.97 -32.99 27.58
N MET B 363 -27.93 -32.27 27.01
CA MET B 363 -27.64 -31.29 25.96
C MET B 363 -27.15 -30.01 26.59
N VAL B 364 -27.93 -29.42 27.48
CA VAL B 364 -27.60 -28.11 28.06
C VAL B 364 -26.26 -28.15 28.82
N VAL B 365 -25.96 -29.26 29.47
CA VAL B 365 -24.62 -29.51 29.99
C VAL B 365 -23.84 -30.33 28.96
N TYR B 366 -23.90 -29.86 27.72
CA TYR B 366 -22.99 -30.27 26.67
C TYR B 366 -22.77 -29.00 25.82
N PHE B 367 -23.77 -28.14 25.80
CA PHE B 367 -23.59 -26.72 25.52
C PHE B 367 -22.96 -25.97 26.71
N LYS B 368 -22.32 -26.72 27.59
CA LYS B 368 -21.33 -26.17 28.52
C LYS B 368 -19.89 -26.40 28.05
N LYS B 369 -19.73 -26.97 26.86
CA LYS B 369 -18.42 -27.02 26.20
C LYS B 369 -18.49 -26.54 24.72
N LYS B 370 -18.17 -25.26 24.52
CA LYS B 370 -18.79 -24.42 23.48
C LYS B 370 -19.57 -23.32 24.21
N LYS B 371 -20.86 -23.17 23.88
CA LYS B 371 -21.54 -21.88 23.97
C LYS B 371 -20.72 -20.89 24.82
N LEU C 39 2.59 34.78 24.59
CA LEU C 39 2.89 33.41 25.08
C LEU C 39 1.69 32.79 25.79
N VAL C 40 1.19 31.70 25.23
CA VAL C 40 0.00 31.04 25.74
C VAL C 40 0.23 29.55 25.81
N TYR C 41 -0.13 28.95 26.94
CA TYR C 41 0.07 27.53 27.16
C TYR C 41 -1.15 26.72 26.70
N THR C 42 -0.97 25.98 25.61
CA THR C 42 -2.08 25.32 24.92
C THR C 42 -2.38 23.98 25.57
N GLY C 43 -1.57 23.59 26.55
CA GLY C 43 -1.66 22.25 27.13
C GLY C 43 -2.77 22.16 28.15
N LYS C 44 -2.75 21.10 28.97
CA LYS C 44 -3.81 20.86 29.94
C LYS C 44 -3.30 20.62 31.36
N TYR C 45 -2.03 20.90 31.60
CA TYR C 45 -1.41 20.60 32.90
C TYR C 45 -1.04 21.87 33.64
N ARG C 46 -1.78 22.17 34.71
CA ARG C 46 -1.65 23.43 35.45
C ARG C 46 -1.48 23.22 36.95
N GLU C 47 -1.85 22.02 37.39
CA GLU C 47 -1.33 21.35 38.59
C GLU C 47 0.00 21.91 39.14
N ASP C 48 1.12 21.63 38.48
CA ASP C 48 2.43 21.70 39.16
C ASP C 48 3.21 22.97 38.83
N PHE C 49 4.13 23.35 39.70
CA PHE C 49 5.27 24.16 39.30
C PHE C 49 6.46 23.94 40.22
N GLU C 50 7.65 23.79 39.62
CA GLU C 50 8.86 23.50 40.35
C GLU C 50 10.05 23.79 39.45
N ILE C 51 11.20 24.08 40.03
CA ILE C 51 12.43 24.19 39.28
C ILE C 51 13.51 23.44 40.03
N GLU C 52 14.36 22.73 39.30
CA GLU C 52 15.26 21.77 39.93
C GLU C 52 16.58 21.75 39.22
N VAL C 53 17.57 22.36 39.84
CA VAL C 53 18.88 22.57 39.22
C VAL C 53 19.83 21.49 39.68
N MET C 54 20.66 20.99 38.77
CA MET C 54 21.76 20.14 39.14
C MET C 54 23.04 20.59 38.46
N ASN C 55 23.77 21.47 39.14
CA ASN C 55 25.12 21.81 38.79
C ASN C 55 26.08 20.74 39.32
N TYR C 56 26.97 20.27 38.45
CA TYR C 56 27.92 19.23 38.83
C TYR C 56 29.23 19.43 38.10
N SER C 57 30.30 18.93 38.71
CA SER C 57 31.60 18.93 38.10
C SER C 57 32.32 17.67 38.56
N ILE C 58 33.56 17.50 38.11
CA ILE C 58 34.28 16.25 38.36
C ILE C 58 34.47 16.01 39.86
N GLU C 59 34.59 17.08 40.64
CA GLU C 59 34.95 16.95 42.06
C GLU C 59 33.74 17.02 43.01
N GLU C 60 32.82 17.94 42.76
CA GLU C 60 31.74 18.22 43.73
C GLU C 60 30.48 18.71 43.02
N PHE C 61 29.31 18.26 43.48
CA PHE C 61 28.04 18.50 42.79
C PHE C 61 27.03 19.22 43.69
N ARG C 62 26.25 20.10 43.07
CA ARG C 62 25.24 20.88 43.77
C ARG C 62 23.87 20.50 43.22
N GLU C 63 22.84 20.61 44.04
CA GLU C 63 21.47 20.35 43.57
C GLU C 63 20.40 20.88 44.53
N PHE C 64 19.39 21.53 43.97
CA PHE C 64 18.36 22.17 44.79
C PHE C 64 17.06 22.36 44.02
N LYS C 65 15.98 22.61 44.75
CA LYS C 65 14.73 23.02 44.14
C LYS C 65 14.33 24.41 44.62
N THR C 66 13.69 25.15 43.73
CA THR C 66 13.18 26.48 44.06
C THR C 66 11.83 26.64 43.37
N THR C 67 11.12 27.71 43.69
CA THR C 67 10.07 28.17 42.81
C THR C 67 10.35 29.61 42.41
N ASP C 68 11.56 30.06 42.69
CA ASP C 68 11.99 31.41 42.37
C ASP C 68 12.91 31.36 41.17
N VAL C 69 12.39 31.76 40.01
CA VAL C 69 13.15 31.71 38.76
C VAL C 69 14.53 32.36 38.92
N GLU C 70 14.58 33.48 39.64
CA GLU C 70 15.76 34.34 39.62
C GLU C 70 16.97 33.64 40.23
N SER C 71 16.72 32.61 41.04
CA SER C 71 17.78 31.87 41.72
C SER C 71 18.55 30.92 40.77
N VAL C 72 17.96 30.59 39.63
CA VAL C 72 18.64 29.70 38.68
C VAL C 72 19.40 30.49 37.61
N LEU C 73 18.87 31.66 37.25
CA LEU C 73 19.34 32.39 36.07
C LEU C 73 20.87 32.49 36.04
N PRO C 74 21.51 32.77 37.19
CA PRO C 74 22.98 32.92 37.24
C PRO C 74 23.75 31.73 36.69
N PHE C 75 23.14 30.54 36.69
CA PHE C 75 23.81 29.34 36.21
C PHE C 75 24.02 29.36 34.70
N ARG C 76 23.39 30.31 34.03
CA ARG C 76 23.66 30.57 32.61
C ARG C 76 25.15 30.66 32.35
N ASP C 77 25.87 31.21 33.33
CA ASP C 77 27.28 31.54 33.14
C ASP C 77 28.17 30.68 34.04
N SER C 78 27.59 29.64 34.64
CA SER C 78 28.38 28.62 35.29
C SER C 78 29.41 28.07 34.33
N SER C 79 30.58 27.71 34.86
CA SER C 79 31.66 27.18 34.06
C SER C 79 31.61 25.66 34.04
N THR C 80 30.69 25.09 34.81
CA THR C 80 30.47 23.65 34.82
C THR C 80 29.04 23.32 34.39
N PRO C 81 28.82 22.10 33.88
CA PRO C 81 27.49 21.68 33.43
C PRO C 81 26.42 21.97 34.46
N THR C 82 25.29 22.49 34.02
CA THR C 82 24.13 22.56 34.91
C THR C 82 22.84 22.17 34.18
N TRP C 83 22.01 21.43 34.89
CA TRP C 83 20.79 20.86 34.32
C TRP C 83 19.59 21.53 34.98
N ILE C 84 19.08 22.58 34.35
CA ILE C 84 17.96 23.33 34.90
C ILE C 84 16.64 22.79 34.39
N ASN C 85 15.85 22.20 35.29
CA ASN C 85 14.67 21.46 34.90
C ASN C 85 13.40 22.18 35.34
N ILE C 86 12.75 22.87 34.40
CA ILE C 86 11.58 23.65 34.74
C ILE C 86 10.30 22.87 34.50
N THR C 87 9.65 22.45 35.59
CA THR C 87 8.40 21.72 35.49
C THR C 87 7.23 22.67 35.67
N GLY C 88 6.35 22.73 34.67
CA GLY C 88 5.14 23.53 34.78
C GLY C 88 5.18 24.76 33.89
N ILE C 89 5.11 24.53 32.59
CA ILE C 89 5.22 25.62 31.62
C ILE C 89 3.92 26.41 31.47
N HIS C 90 2.85 25.98 32.14
CA HIS C 90 1.67 26.82 32.20
C HIS C 90 2.05 28.19 32.75
N ARG C 91 3.14 28.25 33.49
CA ARG C 91 3.70 29.51 33.95
C ARG C 91 4.43 30.23 32.83
N THR C 92 3.65 30.73 31.86
CA THR C 92 4.20 31.38 30.68
C THR C 92 5.19 32.48 31.06
N ASP C 93 4.98 33.10 32.21
CA ASP C 93 5.85 34.18 32.66
C ASP C 93 7.29 33.68 32.92
N VAL C 94 7.41 32.54 33.59
CA VAL C 94 8.71 31.97 33.96
C VAL C 94 9.47 31.59 32.71
N VAL C 95 8.73 31.06 31.75
CA VAL C 95 9.31 30.68 30.47
C VAL C 95 9.84 31.94 29.80
N GLN C 96 9.04 33.00 29.79
CA GLN C 96 9.43 34.23 29.14
C GLN C 96 10.70 34.82 29.75
N ARG C 97 10.81 34.73 31.07
CA ARG C 97 11.96 35.24 31.82
C ARG C 97 13.23 34.46 31.46
N VAL C 98 13.21 33.15 31.63
CA VAL C 98 14.34 32.31 31.26
C VAL C 98 14.65 32.51 29.79
N GLY C 99 13.61 32.70 28.98
CA GLY C 99 13.80 32.91 27.55
C GLY C 99 14.64 34.13 27.30
N GLU C 100 14.15 35.28 27.77
CA GLU C 100 14.88 36.53 27.61
C GLU C 100 16.31 36.42 28.11
N PHE C 101 16.47 35.86 29.30
CA PHE C 101 17.75 35.89 30.02
C PHE C 101 18.81 35.00 29.35
N PHE C 102 18.35 33.89 28.76
CA PHE C 102 19.24 33.04 27.97
C PHE C 102 19.20 33.42 26.50
N GLY C 103 18.46 34.47 26.18
CA GLY C 103 18.48 35.05 24.84
C GLY C 103 17.97 34.06 23.83
N ILE C 104 16.67 33.77 23.90
CA ILE C 104 16.07 32.70 23.13
C ILE C 104 14.94 33.28 22.31
N HIS C 105 15.02 33.09 20.99
CA HIS C 105 14.07 33.70 20.06
C HIS C 105 12.62 33.40 20.50
N PRO C 106 11.78 34.45 20.54
CA PRO C 106 10.37 34.32 20.93
C PRO C 106 9.64 33.16 20.27
N LEU C 107 9.90 32.93 18.99
CA LEU C 107 9.19 31.88 18.27
C LEU C 107 9.52 30.54 18.86
N VAL C 108 10.74 30.39 19.37
CA VAL C 108 11.11 29.18 20.08
C VAL C 108 10.34 29.05 21.38
N LEU C 109 10.10 30.17 22.05
CA LEU C 109 9.30 30.18 23.26
C LEU C 109 7.85 29.76 22.98
N GLU C 110 7.31 30.21 21.86
CA GLU C 110 5.96 29.84 21.46
C GLU C 110 5.90 28.33 21.30
N LYS C 111 6.94 27.77 20.68
CA LYS C 111 6.97 26.36 20.35
C LYS C 111 7.06 25.54 21.62
N ILE C 112 7.72 26.08 22.64
CA ILE C 112 7.85 25.37 23.91
C ILE C 112 6.49 25.20 24.58
N LEU C 113 5.65 26.24 24.48
CA LEU C 113 4.37 26.26 25.16
C LEU C 113 3.25 25.64 24.33
N ASN C 114 3.52 25.42 23.05
CA ASN C 114 2.61 24.65 22.23
C ASN C 114 2.92 23.17 22.27
N VAL C 115 1.95 22.38 22.72
CA VAL C 115 2.22 20.99 23.03
C VAL C 115 1.60 20.08 21.97
N HIS C 116 1.13 20.65 20.87
CA HIS C 116 0.58 19.84 19.76
C HIS C 116 1.41 20.01 18.49
N GLN C 117 2.38 19.12 18.28
CA GLN C 117 3.64 19.48 17.65
C GLN C 117 4.54 18.27 17.47
N ARG C 118 5.10 18.13 16.28
CA ARG C 118 6.07 17.06 16.03
C ARG C 118 7.35 17.31 16.77
N PRO C 119 7.89 16.27 17.39
CA PRO C 119 9.29 16.28 17.76
C PRO C 119 10.12 16.94 16.68
N LYS C 120 11.17 17.65 17.06
CA LYS C 120 11.94 18.43 16.12
C LYS C 120 13.18 19.01 16.76
N VAL C 121 14.15 19.35 15.92
CA VAL C 121 15.37 20.00 16.33
C VAL C 121 15.46 21.31 15.60
N GLU C 122 15.92 22.36 16.27
CA GLU C 122 16.26 23.59 15.59
C GLU C 122 17.60 24.03 16.07
N PHE C 123 18.47 24.35 15.12
CA PHE C 123 19.83 24.78 15.43
C PHE C 123 19.96 26.30 15.33
N PHE C 124 20.43 26.91 16.40
CA PHE C 124 20.71 28.32 16.38
C PHE C 124 22.19 28.53 16.68
N GLU C 125 22.66 29.76 16.47
CA GLU C 125 24.08 30.07 16.69
C GLU C 125 24.56 29.61 18.08
N ASN C 126 23.75 29.88 19.12
CA ASN C 126 24.20 29.74 20.51
C ASN C 126 23.35 28.80 21.34
N TYR C 127 22.47 28.04 20.69
CA TYR C 127 21.74 26.99 21.38
C TYR C 127 21.11 26.02 20.41
N VAL C 128 20.97 24.77 20.86
CA VAL C 128 20.15 23.81 20.14
C VAL C 128 18.82 23.66 20.84
N PHE C 129 17.76 23.60 20.05
CA PHE C 129 16.40 23.50 20.59
C PHE C 129 15.79 22.19 20.17
N ILE C 130 15.32 21.42 21.14
CA ILE C 130 14.80 20.09 20.83
C ILE C 130 13.44 19.89 21.46
N VAL C 131 12.49 19.30 20.72
CA VAL C 131 11.18 18.97 21.29
C VAL C 131 10.96 17.48 21.22
N LEU C 132 10.62 16.88 22.36
CA LEU C 132 10.29 15.47 22.39
C LEU C 132 8.95 15.21 23.11
N LYS C 133 8.35 14.06 22.85
CA LYS C 133 7.23 13.59 23.64
C LYS C 133 7.66 12.50 24.62
N MET C 134 6.85 12.34 25.65
CA MET C 134 7.12 11.42 26.76
C MET C 134 5.80 10.68 27.01
N PHE C 135 5.77 9.37 26.79
CA PHE C 135 4.50 8.64 26.71
C PHE C 135 4.15 7.88 27.98
N THR C 136 2.87 7.58 28.14
CA THR C 136 2.40 6.70 29.17
C THR C 136 1.33 5.76 28.64
N TYR C 137 1.56 4.45 28.73
CA TYR C 137 0.49 3.49 28.48
C TYR C 137 -0.25 3.15 29.78
N ASP C 138 -1.46 3.70 29.93
CA ASP C 138 -2.43 3.17 30.84
C ASP C 138 -2.87 1.79 30.36
N LYS C 139 -2.44 0.75 31.05
CA LYS C 139 -2.97 -0.60 30.80
C LYS C 139 -4.45 -0.62 31.22
N ASN C 140 -5.07 -1.79 31.20
CA ASN C 140 -6.44 -1.94 31.75
C ASN C 140 -7.53 -1.06 31.10
N LEU C 141 -7.25 0.22 30.96
CA LEU C 141 -8.02 1.11 30.09
C LEU C 141 -7.13 1.56 28.94
N HIS C 142 -7.31 0.97 27.76
CA HIS C 142 -6.18 0.66 26.90
C HIS C 142 -5.76 1.88 26.07
N GLU C 143 -5.29 2.92 26.74
CA GLU C 143 -5.18 4.23 26.11
C GLU C 143 -3.91 4.94 26.59
N LEU C 144 -3.40 5.83 25.75
CA LEU C 144 -2.00 6.17 25.73
C LEU C 144 -1.90 7.67 25.82
N GLU C 145 -1.26 8.19 26.88
CA GLU C 145 -1.21 9.63 27.13
C GLU C 145 0.22 10.15 26.93
N SER C 146 0.36 11.38 26.42
CA SER C 146 1.68 11.98 26.16
C SER C 146 1.92 13.29 26.96
N GLU C 147 3.17 13.56 27.31
CA GLU C 147 3.60 14.86 27.85
C GLU C 147 4.71 15.38 26.94
N GLN C 148 4.72 16.67 26.67
CA GLN C 148 5.79 17.24 25.87
C GLN C 148 6.97 17.71 26.72
N VAL C 149 8.18 17.38 26.30
CA VAL C 149 9.38 17.90 26.93
C VAL C 149 10.21 18.63 25.92
N SER C 150 10.48 19.91 26.15
CA SER C 150 11.48 20.62 25.33
C SER C 150 12.83 20.62 26.02
N LEU C 151 13.89 20.59 25.23
CA LEU C 151 15.24 20.83 25.75
C LEU C 151 15.93 21.99 25.03
N ILE C 152 16.82 22.67 25.73
CA ILE C 152 17.72 23.62 25.10
C ILE C 152 19.14 23.36 25.59
N LEU C 153 20.03 23.00 24.68
CA LEU C 153 21.45 22.93 24.97
C LEU C 153 22.09 24.29 24.72
N THR C 154 23.00 24.70 25.59
CA THR C 154 23.46 26.09 25.60
C THR C 154 24.71 26.31 26.47
N LYS C 155 25.85 26.50 25.82
CA LYS C 155 27.11 26.69 26.52
C LYS C 155 27.36 25.63 27.59
N ASN C 156 26.87 25.90 28.80
CA ASN C 156 27.12 25.04 29.95
C ASN C 156 25.82 24.60 30.62
N CYS C 157 24.71 24.78 29.91
CA CYS C 157 23.41 24.45 30.46
C CYS C 157 22.62 23.50 29.56
N VAL C 158 21.78 22.68 30.18
CA VAL C 158 20.62 22.14 29.50
C VAL C 158 19.35 22.63 30.17
N LEU C 159 18.66 23.55 29.51
CA LEU C 159 17.33 23.94 29.94
C LEU C 159 16.35 22.88 29.51
N MET C 160 15.45 22.50 30.41
CA MET C 160 14.45 21.48 30.14
C MET C 160 13.09 21.98 30.61
N PHE C 161 12.06 21.84 29.78
CA PHE C 161 10.72 22.29 30.15
C PHE C 161 9.65 21.18 30.07
N GLN C 162 9.07 20.86 31.23
CA GLN C 162 8.03 19.86 31.30
C GLN C 162 6.68 20.50 31.53
N GLU C 163 5.62 19.73 31.33
CA GLU C 163 4.26 20.19 31.57
C GLU C 163 3.88 19.98 33.03
N LYS C 164 4.46 18.95 33.63
CA LYS C 164 3.89 18.33 34.80
C LYS C 164 4.94 17.44 35.48
N ILE C 165 4.88 17.40 36.81
CA ILE C 165 5.74 16.53 37.59
C ILE C 165 5.53 15.07 37.16
N GLY C 166 6.63 14.31 37.18
CA GLY C 166 6.67 13.04 36.46
C GLY C 166 7.53 13.13 35.20
N ASP C 167 8.55 12.27 35.15
CA ASP C 167 9.39 12.12 33.96
C ASP C 167 10.18 10.80 33.99
N VAL C 168 11.21 10.70 33.14
CA VAL C 168 11.91 9.43 32.95
C VAL C 168 13.41 9.60 33.17
N PHE C 169 13.81 10.67 33.85
CA PHE C 169 15.19 11.09 33.89
C PHE C 169 15.86 10.76 35.22
N ASP C 170 15.15 10.07 36.10
CA ASP C 170 15.71 9.73 37.41
C ASP C 170 17.06 9.02 37.31
N PRO C 171 17.20 8.03 36.41
CA PRO C 171 18.50 7.36 36.32
C PRO C 171 19.67 8.30 36.00
N VAL C 172 19.39 9.39 35.30
CA VAL C 172 20.41 10.41 35.08
C VAL C 172 20.69 11.11 36.40
N ARG C 173 19.63 11.46 37.13
CA ARG C 173 19.80 12.06 38.46
C ARG C 173 20.68 11.18 39.35
N GLU C 174 20.44 9.87 39.34
CA GLU C 174 21.24 8.93 40.11
C GLU C 174 22.72 9.02 39.76
N ARG C 175 23.03 8.93 38.48
CA ARG C 175 24.42 8.90 38.02
C ARG C 175 25.18 10.18 38.39
N ILE C 176 24.51 11.32 38.33
CA ILE C 176 25.11 12.57 38.79
C ILE C 176 25.27 12.56 40.31
N ARG C 177 24.18 12.25 41.01
CA ARG C 177 24.19 12.12 42.46
C ARG C 177 25.35 11.27 42.94
N TYR C 178 25.40 10.02 42.47
CA TYR C 178 26.34 9.03 42.99
C TYR C 178 27.57 8.92 42.11
N ASN C 179 28.07 10.06 41.65
CA ASN C 179 29.12 10.07 40.63
C ASN C 179 29.34 8.69 40.02
N ARG C 180 28.37 8.23 39.23
CA ARG C 180 28.52 6.98 38.49
C ARG C 180 28.81 7.28 37.03
N GLY C 181 28.89 6.22 36.23
CA GLY C 181 29.35 6.32 34.85
C GLY C 181 30.46 7.35 34.69
N ILE C 182 30.36 8.14 33.63
CA ILE C 182 31.36 9.17 33.35
C ILE C 182 30.71 10.55 33.25
N ILE C 183 29.46 10.65 33.68
CA ILE C 183 28.64 11.81 33.35
C ILE C 183 29.23 13.05 33.97
N ARG C 184 29.94 12.87 35.09
CA ARG C 184 30.50 13.99 35.87
C ARG C 184 31.77 14.53 35.24
N LYS C 185 32.56 13.63 34.67
CA LYS C 185 33.75 13.99 33.93
C LYS C 185 33.46 14.81 32.67
N LYS C 186 32.29 14.61 32.08
CA LYS C 186 31.99 15.15 30.75
C LYS C 186 31.09 16.37 30.87
N ARG C 187 30.90 17.11 29.78
CA ARG C 187 30.22 18.41 29.79
C ARG C 187 28.75 18.30 29.44
N ALA C 188 28.22 19.39 28.88
CA ALA C 188 26.79 19.67 28.90
C ALA C 188 26.10 19.00 27.73
N ASP C 189 26.81 18.91 26.63
CA ASP C 189 26.34 18.14 25.50
C ASP C 189 26.15 16.67 25.87
N TYR C 190 27.04 16.14 26.69
CA TYR C 190 26.94 14.73 27.09
C TYR C 190 25.78 14.57 28.03
N LEU C 191 25.48 15.63 28.76
CA LEU C 191 24.26 15.70 29.55
C LEU C 191 23.05 15.56 28.61
N LEU C 192 22.97 16.44 27.63
CA LEU C 192 21.90 16.38 26.65
C LEU C 192 21.74 14.96 26.14
N TYR C 193 22.83 14.37 25.67
CA TYR C 193 22.82 12.96 25.27
C TYR C 193 22.19 12.07 26.35
N SER C 194 22.66 12.21 27.58
CA SER C 194 22.23 11.31 28.66
C SER C 194 20.74 11.37 28.88
N LEU C 195 20.18 12.57 28.73
CA LEU C 195 18.77 12.77 28.96
C LEU C 195 17.97 12.15 27.83
N ILE C 196 18.38 12.43 26.60
CA ILE C 196 17.66 11.93 25.43
C ILE C 196 17.71 10.43 25.44
N ASP C 197 18.88 9.88 25.77
CA ASP C 197 19.00 8.45 25.86
C ASP C 197 18.03 7.90 26.89
N ALA C 198 17.87 8.60 28.00
CA ALA C 198 16.97 8.13 29.04
C ALA C 198 15.54 8.06 28.51
N LEU C 199 15.20 9.03 27.67
CA LEU C 199 13.85 9.15 27.18
C LEU C 199 13.62 8.06 26.16
N VAL C 200 14.52 7.96 25.19
CA VAL C 200 14.41 6.92 24.18
C VAL C 200 14.33 5.53 24.82
N ASP C 201 15.19 5.27 25.80
CA ASP C 201 15.18 3.97 26.48
C ASP C 201 13.80 3.71 27.03
N ASP C 202 13.07 4.75 27.38
CA ASP C 202 11.70 4.60 27.90
C ASP C 202 10.75 4.08 26.84
N TYR C 203 11.04 4.39 25.57
CA TYR C 203 10.18 3.93 24.50
C TYR C 203 10.22 2.41 24.41
N PHE C 204 11.37 1.82 24.71
CA PHE C 204 11.49 0.38 24.68
C PHE C 204 10.58 -0.25 25.71
N VAL C 205 10.53 0.35 26.89
CA VAL C 205 9.62 -0.14 27.93
C VAL C 205 8.17 -0.05 27.47
N LEU C 206 7.85 1.07 26.84
CA LEU C 206 6.53 1.29 26.33
C LEU C 206 6.21 0.22 25.30
N LEU C 207 7.19 -0.11 24.47
CA LEU C 207 6.96 -1.06 23.40
C LEU C 207 6.72 -2.45 23.96
N GLU C 208 7.39 -2.77 25.06
CA GLU C 208 7.19 -4.06 25.71
C GLU C 208 5.75 -4.20 26.21
N LYS C 209 5.20 -3.12 26.75
CA LYS C 209 3.82 -3.10 27.22
C LYS C 209 2.88 -3.34 26.05
N ILE C 210 3.19 -2.73 24.92
CA ILE C 210 2.36 -2.91 23.75
C ILE C 210 2.53 -4.30 23.15
N ASP C 211 3.76 -4.81 23.10
CA ASP C 211 4.00 -6.17 22.63
C ASP C 211 3.15 -7.16 23.43
N ASP C 212 2.91 -6.84 24.70
CA ASP C 212 2.14 -7.73 25.58
C ASP C 212 0.68 -7.77 25.20
N GLU C 213 0.08 -6.59 25.04
CA GLU C 213 -1.28 -6.49 24.51
C GLU C 213 -1.44 -7.31 23.23
N ILE C 214 -0.44 -7.27 22.37
CA ILE C 214 -0.54 -7.94 21.09
C ILE C 214 -0.59 -9.45 21.29
N ASP C 215 0.23 -9.97 22.20
CA ASP C 215 0.19 -11.39 22.54
C ASP C 215 -1.19 -11.78 23.08
N VAL C 216 -1.71 -10.96 23.99
CA VAL C 216 -3.00 -11.22 24.59
C VAL C 216 -4.04 -11.28 23.49
N LEU C 217 -4.02 -10.29 22.61
CA LEU C 217 -5.06 -10.15 21.60
C LEU C 217 -4.95 -11.23 20.55
N GLU C 218 -3.74 -11.62 20.24
CA GLU C 218 -3.55 -12.68 19.31
C GLU C 218 -4.05 -14.02 19.81
N GLU C 219 -4.28 -14.12 21.12
CA GLU C 219 -5.02 -15.27 21.67
C GLU C 219 -6.48 -15.05 21.46
N GLU C 220 -7.03 -14.09 22.22
CA GLU C 220 -8.42 -13.75 22.10
C GLU C 220 -8.89 -13.93 20.65
N VAL C 221 -8.14 -13.45 19.67
CA VAL C 221 -8.73 -13.31 18.33
C VAL C 221 -8.95 -14.66 17.75
N LEU C 222 -8.16 -15.64 18.16
CA LEU C 222 -8.36 -16.99 17.68
C LEU C 222 -8.64 -18.02 18.81
N GLU C 223 -8.86 -17.56 20.04
CA GLU C 223 -9.04 -18.48 21.19
C GLU C 223 -9.95 -18.02 22.33
N ARG C 224 -10.17 -16.73 22.50
CA ARG C 224 -11.12 -16.24 23.48
C ARG C 224 -12.22 -15.40 22.81
N PRO C 225 -12.86 -15.93 21.75
CA PRO C 225 -13.69 -15.08 20.86
C PRO C 225 -14.91 -14.42 21.54
N GLU C 226 -14.98 -13.09 21.46
CA GLU C 226 -15.42 -12.25 22.58
C GLU C 226 -15.71 -10.82 22.13
N LYS C 227 -16.49 -10.07 22.92
CA LYS C 227 -17.04 -8.79 22.49
C LYS C 227 -16.00 -7.68 22.60
N GLU C 228 -15.16 -7.74 23.64
CA GLU C 228 -14.19 -6.67 23.88
C GLU C 228 -13.04 -6.81 22.91
N THR C 229 -12.87 -7.98 22.30
CA THR C 229 -11.70 -8.28 21.49
C THR C 229 -11.59 -7.41 20.27
N VAL C 230 -12.72 -7.11 19.65
CA VAL C 230 -12.70 -6.33 18.43
C VAL C 230 -12.44 -4.89 18.80
N GLN C 231 -13.20 -4.40 19.78
CA GLN C 231 -12.99 -3.06 20.33
C GLN C 231 -11.53 -2.85 20.71
N ARG C 232 -10.93 -3.85 21.35
CA ARG C 232 -9.56 -3.73 21.79
C ARG C 232 -8.60 -3.73 20.61
N THR C 233 -8.88 -4.57 19.62
CA THR C 233 -8.05 -4.65 18.43
C THR C 233 -7.96 -3.28 17.77
N HIS C 234 -9.11 -2.69 17.56
CA HIS C 234 -9.14 -1.35 16.99
C HIS C 234 -8.39 -0.32 17.85
N GLN C 235 -8.66 -0.30 19.16
CA GLN C 235 -7.96 0.61 20.07
C GLN C 235 -6.47 0.48 19.93
N LEU C 236 -6.00 -0.76 19.76
CA LEU C 236 -4.58 -1.00 19.66
C LEU C 236 -4.04 -0.39 18.37
N LYS C 237 -4.74 -0.59 17.26
CA LYS C 237 -4.30 0.00 16.02
C LYS C 237 -4.22 1.52 16.19
N ARG C 238 -5.31 2.13 16.67
CA ARG C 238 -5.31 3.55 16.97
C ARG C 238 -4.05 3.96 17.72
N ASN C 239 -3.72 3.24 18.79
CA ASN C 239 -2.54 3.60 19.59
C ASN C 239 -1.26 3.49 18.79
N LEU C 240 -1.11 2.41 18.06
CA LEU C 240 0.07 2.22 17.24
C LEU C 240 0.19 3.29 16.17
N VAL C 241 -0.91 3.92 15.80
CA VAL C 241 -0.83 5.02 14.86
C VAL C 241 -0.23 6.24 15.55
N GLU C 242 -0.85 6.65 16.66
CA GLU C 242 -0.34 7.79 17.42
C GLU C 242 1.13 7.59 17.76
N LEU C 243 1.51 6.35 18.03
CA LEU C 243 2.86 6.08 18.41
C LEU C 243 3.77 6.28 17.22
N ARG C 244 3.38 5.67 16.10
CA ARG C 244 4.16 5.75 14.87
C ARG C 244 4.27 7.21 14.47
N LYS C 245 3.21 7.96 14.74
CA LYS C 245 3.16 9.38 14.44
C LYS C 245 4.33 10.14 15.06
N THR C 246 4.78 9.69 16.23
CA THR C 246 5.78 10.38 17.01
C THR C 246 7.17 9.80 16.79
N ILE C 247 7.23 8.53 16.48
CA ILE C 247 8.49 7.84 16.52
C ILE C 247 9.29 8.12 15.28
N TRP C 248 8.62 8.34 14.15
CA TRP C 248 9.33 8.65 12.91
C TRP C 248 10.00 10.02 13.00
N PRO C 249 9.31 11.02 13.55
CA PRO C 249 9.95 12.31 13.84
C PRO C 249 11.07 12.23 14.88
N LEU C 250 10.87 11.49 15.95
CA LEU C 250 11.94 11.26 16.92
C LEU C 250 13.22 10.83 16.22
N ARG C 251 13.06 9.92 15.27
CA ARG C 251 14.19 9.35 14.54
C ARG C 251 14.84 10.44 13.73
N GLU C 252 13.99 11.27 13.10
CA GLU C 252 14.47 12.41 12.34
C GLU C 252 15.28 13.38 13.21
N VAL C 253 14.82 13.59 14.44
CA VAL C 253 15.53 14.44 15.37
C VAL C 253 16.94 13.94 15.55
N LEU C 254 17.08 12.69 15.96
CA LEU C 254 18.40 12.23 16.34
C LEU C 254 19.29 12.03 15.14
N SER C 255 18.68 11.91 13.97
CA SER C 255 19.46 11.87 12.73
C SER C 255 20.19 13.19 12.57
N SER C 256 19.46 14.27 12.80
CA SER C 256 20.04 15.60 12.71
C SER C 256 21.15 15.82 13.74
N LEU C 257 20.93 15.41 14.98
CA LEU C 257 21.97 15.57 15.99
C LEU C 257 23.18 14.72 15.70
N TYR C 258 22.98 13.58 15.09
CA TYR C 258 24.07 12.69 14.75
C TYR C 258 24.83 13.28 13.57
N ARG C 259 24.10 13.85 12.62
CA ARG C 259 24.65 14.19 11.33
C ARG C 259 24.73 15.70 11.10
N ASP C 260 25.25 16.45 12.07
CA ASP C 260 25.29 17.92 11.94
C ASP C 260 26.22 18.56 12.97
N VAL C 261 25.74 18.70 14.20
CA VAL C 261 26.63 18.86 15.36
C VAL C 261 27.37 20.19 15.32
N PRO C 262 26.93 21.15 16.13
CA PRO C 262 27.57 22.47 16.31
C PRO C 262 28.32 22.78 17.67
N PRO C 263 27.63 23.28 18.74
CA PRO C 263 28.23 23.11 20.08
C PRO C 263 27.85 21.82 20.80
N LEU C 264 28.00 20.69 20.12
CA LEU C 264 28.18 19.41 20.82
C LEU C 264 29.47 18.77 20.32
N ILE C 265 30.39 18.59 21.26
CA ILE C 265 31.79 18.51 20.91
C ILE C 265 31.95 17.32 19.97
N GLU C 266 32.67 17.55 18.89
CA GLU C 266 32.45 16.82 17.66
C GLU C 266 33.00 15.40 17.83
N LYS C 267 34.09 15.10 17.13
CA LYS C 267 34.68 13.77 17.17
C LYS C 267 34.78 13.25 18.61
N GLU C 268 33.70 13.42 19.39
CA GLU C 268 33.81 13.37 20.84
C GLU C 268 32.57 12.67 21.40
N THR C 269 31.44 13.39 21.41
CA THR C 269 30.20 12.84 21.96
C THR C 269 29.31 12.25 20.87
N VAL C 270 29.63 12.52 19.60
CA VAL C 270 28.76 12.14 18.49
C VAL C 270 28.44 10.64 18.51
N PRO C 271 29.45 9.81 18.78
CA PRO C 271 29.14 8.37 18.76
C PRO C 271 28.01 7.99 19.73
N TYR C 272 27.96 8.66 20.88
CA TYR C 272 26.91 8.43 21.88
C TYR C 272 25.56 8.84 21.31
N PHE C 273 25.54 9.92 20.55
CA PHE C 273 24.34 10.36 19.90
C PHE C 273 23.98 9.41 18.77
N ARG C 274 24.98 8.77 18.19
CA ARG C 274 24.69 7.77 17.19
C ARG C 274 24.05 6.57 17.85
N LYS C 275 24.49 6.23 19.06
CA LYS C 275 23.93 5.10 19.78
C LYS C 275 22.43 5.27 19.86
N VAL C 276 22.01 6.50 20.13
CA VAL C 276 20.62 6.74 20.39
C VAL C 276 19.90 6.81 19.05
N TYR C 277 20.57 7.40 18.07
CA TYR C 277 20.01 7.45 16.74
C TYR C 277 19.70 6.04 16.28
N ASP C 278 20.60 5.11 16.56
CA ASP C 278 20.42 3.74 16.13
C ASP C 278 19.21 3.18 16.88
N HIS C 279 19.10 3.49 18.17
CA HIS C 279 17.96 3.04 18.95
C HIS C 279 16.63 3.43 18.33
N THR C 280 16.50 4.69 17.95
CA THR C 280 15.24 5.18 17.41
C THR C 280 14.92 4.40 16.16
N ILE C 281 15.95 4.05 15.40
CA ILE C 281 15.74 3.27 14.22
C ILE C 281 15.13 1.93 14.62
N GLN C 282 15.74 1.31 15.63
CA GLN C 282 15.25 0.02 16.13
C GLN C 282 13.78 0.16 16.58
N ILE C 283 13.50 1.23 17.28
CA ILE C 283 12.16 1.53 17.74
C ILE C 283 11.20 1.70 16.57
N ALA C 284 11.61 2.52 15.61
CA ALA C 284 10.80 2.75 14.44
C ALA C 284 10.47 1.41 13.79
N ASP C 285 11.48 0.56 13.62
CA ASP C 285 11.28 -0.74 13.00
C ASP C 285 10.30 -1.57 13.78
N THR C 286 10.43 -1.52 15.10
CA THR C 286 9.61 -2.32 15.95
C THR C 286 8.15 -1.88 15.87
N VAL C 287 7.93 -0.58 15.72
CA VAL C 287 6.58 -0.09 15.64
C VAL C 287 5.97 -0.51 14.32
N GLU C 288 6.77 -0.54 13.25
CA GLU C 288 6.23 -0.98 11.96
C GLU C 288 5.85 -2.45 12.09
N THR C 289 6.77 -3.25 12.57
CA THR C 289 6.48 -4.64 12.88
C THR C 289 5.15 -4.83 13.60
N PHE C 290 4.84 -3.98 14.58
CA PHE C 290 3.59 -4.14 15.32
C PHE C 290 2.40 -3.73 14.49
N ARG C 291 2.55 -2.63 13.78
CA ARG C 291 1.51 -2.19 12.89
C ARG C 291 1.06 -3.30 11.94
N ASP C 292 2.00 -3.95 11.26
CA ASP C 292 1.69 -5.06 10.35
C ASP C 292 0.90 -6.11 11.05
N ILE C 293 1.55 -6.70 12.05
CA ILE C 293 0.95 -7.78 12.83
C ILE C 293 -0.46 -7.46 13.24
N VAL C 294 -0.64 -6.34 13.91
CA VAL C 294 -1.95 -5.95 14.38
C VAL C 294 -2.96 -5.78 13.24
N SER C 295 -2.50 -5.29 12.08
CA SER C 295 -3.41 -5.03 10.96
C SER C 295 -4.14 -6.29 10.50
N GLY C 296 -3.60 -7.45 10.85
CA GLY C 296 -4.11 -8.71 10.35
C GLY C 296 -5.20 -9.26 11.23
N LEU C 297 -5.23 -8.79 12.47
CA LEU C 297 -5.93 -9.53 13.52
C LEU C 297 -7.39 -9.74 13.21
N LEU C 298 -8.08 -8.68 12.84
CA LEU C 298 -9.49 -8.82 12.50
C LEU C 298 -9.70 -9.89 11.42
N ASP C 299 -8.85 -9.89 10.39
CA ASP C 299 -8.87 -10.95 9.39
C ASP C 299 -8.73 -12.34 9.98
N VAL C 300 -7.82 -12.49 10.93
CA VAL C 300 -7.77 -13.75 11.68
C VAL C 300 -9.12 -14.02 12.36
N TYR C 301 -9.57 -13.06 13.15
CA TYR C 301 -10.80 -13.18 13.91
C TYR C 301 -11.96 -13.53 12.99
N LEU C 302 -12.05 -12.81 11.88
CA LEU C 302 -13.14 -12.99 10.94
C LEU C 302 -13.13 -14.42 10.43
N SER C 303 -11.93 -14.98 10.27
CA SER C 303 -11.80 -16.35 9.77
C SER C 303 -12.11 -17.31 10.87
N SER C 304 -11.62 -17.03 12.08
CA SER C 304 -11.94 -17.84 13.26
C SER C 304 -13.46 -17.91 13.49
N VAL C 305 -14.16 -16.81 13.23
CA VAL C 305 -15.58 -16.76 13.49
C VAL C 305 -16.39 -17.43 12.39
N SER C 306 -15.99 -17.23 11.13
CA SER C 306 -16.67 -17.87 10.02
C SER C 306 -16.66 -19.41 10.19
N ASN C 307 -15.62 -19.88 10.86
CA ASN C 307 -15.26 -21.27 11.06
C ASN C 307 -16.11 -21.94 12.14
N LYS C 308 -16.32 -21.17 13.21
CA LYS C 308 -17.22 -21.51 14.29
C LYS C 308 -18.64 -21.51 13.79
N THR C 309 -19.04 -20.44 13.13
CA THR C 309 -20.38 -20.40 12.54
C THR C 309 -20.64 -21.61 11.64
N ASN C 310 -19.60 -22.09 10.97
CA ASN C 310 -19.77 -23.25 10.10
C ASN C 310 -19.98 -24.53 10.89
N GLU C 311 -19.30 -24.67 12.02
CA GLU C 311 -19.53 -25.82 12.90
C GLU C 311 -20.97 -25.80 13.40
N VAL C 312 -21.40 -24.64 13.88
CA VAL C 312 -22.78 -24.45 14.32
C VAL C 312 -23.79 -24.89 13.28
N MET C 313 -23.58 -24.55 12.01
CA MET C 313 -24.50 -24.96 10.94
C MET C 313 -24.55 -26.44 10.74
N LYS C 314 -23.39 -27.09 10.84
CA LYS C 314 -23.35 -28.53 10.66
C LYS C 314 -24.26 -29.23 11.70
N VAL C 315 -24.16 -28.84 12.98
CA VAL C 315 -24.95 -29.47 14.02
C VAL C 315 -26.44 -29.25 13.76
N LEU C 316 -26.83 -27.99 13.62
CA LEU C 316 -28.21 -27.66 13.28
C LEU C 316 -28.70 -28.44 12.08
N THR C 317 -27.81 -28.76 11.14
CA THR C 317 -28.25 -29.40 9.90
C THR C 317 -28.29 -30.92 10.01
N ILE C 318 -27.46 -31.48 10.88
CA ILE C 318 -27.53 -32.91 11.16
C ILE C 318 -28.79 -33.19 11.98
N ILE C 319 -28.91 -32.47 13.09
CA ILE C 319 -30.11 -32.54 13.89
C ILE C 319 -31.36 -32.42 13.02
N ALA C 320 -31.44 -31.38 12.20
CA ALA C 320 -32.62 -31.16 11.38
C ALA C 320 -32.79 -32.25 10.33
N THR C 321 -31.70 -32.76 9.80
CA THR C 321 -31.78 -33.67 8.66
C THR C 321 -32.04 -35.12 9.08
N ILE C 322 -31.92 -35.41 10.38
CA ILE C 322 -32.42 -36.71 10.86
C ILE C 322 -33.84 -36.54 11.45
N PHE C 323 -34.00 -35.62 12.40
CA PHE C 323 -35.22 -35.55 13.20
C PHE C 323 -36.38 -34.81 12.53
N MET C 324 -36.32 -34.64 11.22
CA MET C 324 -37.42 -34.00 10.52
C MET C 324 -38.19 -34.94 9.63
N PRO C 325 -37.49 -35.84 8.90
CA PRO C 325 -38.18 -36.98 8.29
C PRO C 325 -38.73 -37.95 9.33
N LEU C 326 -37.98 -38.16 10.41
CA LEU C 326 -38.42 -39.05 11.48
C LEU C 326 -39.68 -38.52 12.16
N THR C 327 -39.63 -37.27 12.62
CA THR C 327 -40.81 -36.61 13.17
C THR C 327 -41.93 -36.51 12.13
N PHE C 328 -41.58 -36.58 10.86
CA PHE C 328 -42.58 -36.52 9.79
C PHE C 328 -43.33 -37.83 9.65
N ILE C 329 -42.61 -38.94 9.58
CA ILE C 329 -43.27 -40.24 9.43
C ILE C 329 -43.97 -40.67 10.73
N ALA C 330 -43.38 -40.31 11.88
CA ALA C 330 -44.06 -40.45 13.18
C ALA C 330 -45.38 -39.70 13.23
N GLY C 331 -45.53 -38.72 12.33
CA GLY C 331 -46.65 -37.80 12.37
C GLY C 331 -47.59 -37.88 11.17
N ILE C 332 -47.35 -38.82 10.25
CA ILE C 332 -48.36 -39.17 9.24
C ILE C 332 -49.51 -39.92 9.87
N TYR C 333 -49.34 -40.30 11.13
CA TYR C 333 -50.31 -41.11 11.86
C TYR C 333 -51.27 -40.26 12.72
N GLY C 334 -52.42 -39.92 12.12
CA GLY C 334 -53.20 -38.72 12.50
C GLY C 334 -54.54 -38.50 11.67
N GLY C 348 -47.74 -48.70 12.78
CA GLY C 348 -47.35 -50.08 12.46
C GLY C 348 -45.93 -50.32 12.93
N TYR C 349 -45.80 -50.94 14.11
CA TYR C 349 -45.13 -50.26 15.21
C TYR C 349 -43.60 -50.46 15.30
N PRO C 350 -43.15 -51.68 15.61
CA PRO C 350 -41.70 -51.95 15.52
C PRO C 350 -41.16 -52.08 14.08
N VAL C 351 -42.04 -52.03 13.07
CA VAL C 351 -41.61 -51.92 11.68
C VAL C 351 -41.35 -50.47 11.32
N VAL C 352 -42.04 -49.53 11.96
CA VAL C 352 -41.71 -48.10 11.79
C VAL C 352 -40.47 -47.72 12.61
N LEU C 353 -40.47 -48.08 13.89
CA LEU C 353 -39.31 -47.90 14.75
C LEU C 353 -38.01 -48.49 14.19
N ALA C 354 -38.15 -49.53 13.38
CA ALA C 354 -37.02 -50.14 12.68
C ALA C 354 -36.63 -49.30 11.47
N VAL C 355 -37.64 -48.82 10.73
CA VAL C 355 -37.38 -47.93 9.60
C VAL C 355 -36.87 -46.56 10.07
N MET C 356 -37.34 -46.12 11.24
CA MET C 356 -36.92 -44.84 11.79
C MET C 356 -35.49 -44.91 12.30
N GLY C 357 -35.10 -46.09 12.78
CA GLY C 357 -33.75 -46.28 13.32
C GLY C 357 -32.73 -46.52 12.23
N VAL C 358 -33.18 -47.06 11.10
CA VAL C 358 -32.26 -47.46 10.02
C VAL C 358 -31.86 -46.27 9.15
N ILE C 359 -32.81 -45.38 8.86
CA ILE C 359 -32.50 -44.17 8.11
C ILE C 359 -32.13 -43.00 9.04
N ALA C 360 -31.89 -43.31 10.31
CA ALA C 360 -31.08 -42.45 11.17
C ALA C 360 -29.62 -42.86 11.10
N VAL C 361 -29.39 -44.10 10.68
CA VAL C 361 -28.06 -44.67 10.66
C VAL C 361 -27.43 -44.54 9.28
N ILE C 362 -28.26 -44.43 8.25
CA ILE C 362 -27.76 -44.14 6.90
C ILE C 362 -27.43 -42.65 6.73
N MET C 363 -27.95 -41.82 7.64
CA MET C 363 -27.55 -40.42 7.73
C MET C 363 -26.24 -40.28 8.47
N VAL C 364 -26.18 -40.74 9.71
CA VAL C 364 -24.99 -40.56 10.53
C VAL C 364 -23.73 -41.19 9.91
N VAL C 365 -23.89 -42.31 9.22
CA VAL C 365 -22.83 -42.82 8.34
C VAL C 365 -23.10 -42.33 6.91
N TYR C 366 -23.32 -41.02 6.80
CA TYR C 366 -23.25 -40.30 5.54
C TYR C 366 -22.69 -38.92 5.90
N PHE C 367 -22.97 -38.49 7.14
CA PHE C 367 -22.17 -37.48 7.83
C PHE C 367 -20.87 -38.08 8.37
N LYS C 368 -20.46 -39.19 7.81
CA LYS C 368 -19.08 -39.63 7.90
C LYS C 368 -18.30 -39.13 6.69
N LYS C 369 -19.00 -38.42 5.80
CA LYS C 369 -18.45 -37.98 4.53
C LYS C 369 -18.65 -36.48 4.39
N LYS C 370 -17.79 -35.70 5.03
CA LYS C 370 -18.08 -34.33 5.47
C LYS C 370 -17.92 -34.25 6.99
N LYS C 371 -18.99 -33.87 7.70
CA LYS C 371 -18.90 -33.35 9.05
C LYS C 371 -17.46 -32.95 9.37
N PRO D 35 33.61 -24.82 -2.49
CA PRO D 35 34.28 -23.53 -2.58
C PRO D 35 33.59 -22.55 -3.52
N PRO D 36 33.41 -21.28 -3.10
CA PRO D 36 32.77 -20.28 -3.95
C PRO D 36 33.71 -19.72 -5.01
N GLY D 37 34.56 -20.61 -5.54
CA GLY D 37 35.39 -20.33 -6.72
C GLY D 37 35.30 -21.44 -7.75
N THR D 38 35.08 -22.66 -7.27
CA THR D 38 34.60 -23.78 -8.08
C THR D 38 33.26 -23.46 -8.74
N LEU D 39 33.10 -23.89 -9.98
CA LEU D 39 31.94 -23.55 -10.79
C LEU D 39 30.93 -24.66 -10.66
N VAL D 40 29.74 -24.31 -10.20
CA VAL D 40 28.72 -25.30 -9.94
C VAL D 40 27.39 -24.84 -10.48
N TYR D 41 26.71 -25.74 -11.19
CA TYR D 41 25.45 -25.42 -11.84
C TYR D 41 24.27 -25.71 -10.92
N THR D 42 23.62 -24.64 -10.46
CA THR D 42 22.62 -24.74 -9.39
C THR D 42 21.26 -25.11 -9.97
N GLY D 43 21.17 -25.16 -11.30
CA GLY D 43 19.88 -25.30 -11.97
C GLY D 43 19.41 -26.72 -11.94
N LYS D 44 18.43 -27.02 -12.77
CA LYS D 44 17.85 -28.37 -12.81
C LYS D 44 17.79 -28.99 -14.21
N TYR D 45 18.51 -28.39 -15.17
CA TYR D 45 18.47 -28.84 -16.54
C TYR D 45 19.82 -29.42 -17.01
N ARG D 46 19.83 -30.74 -17.21
CA ARG D 46 21.07 -31.46 -17.53
C ARG D 46 20.91 -32.30 -18.80
N GLU D 47 19.72 -32.23 -19.36
CA GLU D 47 19.37 -32.89 -20.63
C GLU D 47 20.42 -32.59 -21.70
N ASP D 48 20.47 -31.34 -22.11
CA ASP D 48 20.98 -31.02 -23.42
C ASP D 48 22.43 -30.58 -23.34
N PHE D 49 23.13 -30.68 -24.46
CA PHE D 49 24.29 -29.83 -24.71
C PHE D 49 24.56 -29.65 -26.20
N GLU D 50 24.83 -28.41 -26.60
CA GLU D 50 24.96 -28.05 -28.00
C GLU D 50 25.62 -26.70 -28.08
N ILE D 51 26.30 -26.41 -29.18
CA ILE D 51 26.80 -25.07 -29.45
C ILE D 51 26.46 -24.71 -30.88
N GLU D 52 26.07 -23.47 -31.12
CA GLU D 52 25.50 -23.10 -32.40
C GLU D 52 25.93 -21.70 -32.77
N VAL D 53 26.86 -21.62 -33.70
CA VAL D 53 27.46 -20.38 -34.10
C VAL D 53 26.76 -19.81 -35.34
N MET D 54 26.56 -18.50 -35.36
CA MET D 54 26.13 -17.83 -36.57
C MET D 54 27.01 -16.60 -36.80
N ASN D 55 28.09 -16.80 -37.53
CA ASN D 55 28.88 -15.72 -38.10
C ASN D 55 28.22 -15.19 -39.37
N TYR D 56 28.06 -13.88 -39.46
CA TYR D 56 27.38 -13.28 -40.61
C TYR D 56 27.97 -11.92 -40.88
N SER D 57 27.85 -11.50 -42.13
CA SER D 57 28.34 -10.20 -42.55
C SER D 57 27.45 -9.79 -43.69
N ILE D 58 27.74 -8.63 -44.28
CA ILE D 58 26.84 -8.06 -45.26
C ILE D 58 26.74 -8.95 -46.50
N GLU D 59 27.83 -9.62 -46.86
CA GLU D 59 27.91 -10.40 -48.12
C GLU D 59 27.59 -11.87 -47.89
N GLU D 60 28.10 -12.43 -46.79
CA GLU D 60 28.16 -13.87 -46.59
C GLU D 60 27.72 -14.25 -45.18
N PHE D 61 27.35 -15.50 -44.99
CA PHE D 61 26.82 -15.95 -43.72
C PHE D 61 27.17 -17.42 -43.45
N ARG D 62 27.75 -17.65 -42.29
CA ARG D 62 28.44 -18.89 -41.98
C ARG D 62 27.80 -19.42 -40.66
N GLU D 63 27.36 -20.68 -40.63
CA GLU D 63 26.54 -21.24 -39.55
C GLU D 63 26.91 -22.70 -39.31
N PHE D 64 26.94 -23.13 -38.04
CA PHE D 64 27.13 -24.55 -37.74
C PHE D 64 26.82 -24.91 -36.31
N LYS D 65 26.67 -26.21 -36.03
CA LYS D 65 26.62 -26.71 -34.66
C LYS D 65 27.80 -27.62 -34.37
N THR D 66 28.26 -27.59 -33.14
CA THR D 66 29.33 -28.46 -32.70
C THR D 66 29.01 -28.90 -31.29
N THR D 67 29.79 -29.84 -30.76
CA THR D 67 29.82 -30.06 -29.33
C THR D 67 31.26 -29.91 -28.85
N ASP D 68 32.11 -29.39 -29.73
CA ASP D 68 33.51 -29.18 -29.44
C ASP D 68 33.75 -27.72 -29.23
N VAL D 69 33.91 -27.32 -27.98
CA VAL D 69 34.11 -25.92 -27.62
C VAL D 69 35.20 -25.27 -28.48
N GLU D 70 36.28 -26.00 -28.74
CA GLU D 70 37.50 -25.40 -29.29
C GLU D 70 37.26 -24.86 -30.71
N SER D 71 36.20 -25.34 -31.35
CA SER D 71 35.90 -24.95 -32.72
C SER D 71 35.26 -23.57 -32.80
N VAL D 72 34.71 -23.08 -31.70
CA VAL D 72 34.09 -21.74 -31.70
C VAL D 72 35.05 -20.65 -31.23
N LEU D 73 35.97 -21.03 -30.34
CA LEU D 73 36.81 -20.06 -29.67
C LEU D 73 37.44 -19.03 -30.63
N PRO D 74 37.97 -19.49 -31.79
CA PRO D 74 38.60 -18.57 -32.76
C PRO D 74 37.72 -17.40 -33.22
N PHE D 75 36.41 -17.55 -33.16
CA PHE D 75 35.50 -16.47 -33.54
C PHE D 75 35.58 -15.27 -32.62
N ARG D 76 36.28 -15.43 -31.49
CA ARG D 76 36.53 -14.33 -30.57
C ARG D 76 37.10 -13.14 -31.32
N ASP D 77 37.86 -13.44 -32.35
CA ASP D 77 38.63 -12.41 -33.03
C ASP D 77 38.14 -12.23 -34.44
N SER D 78 36.99 -12.82 -34.75
CA SER D 78 36.30 -12.55 -36.02
C SER D 78 36.09 -11.06 -36.16
N SER D 79 36.17 -10.57 -37.38
CA SER D 79 36.01 -9.14 -37.66
C SER D 79 34.56 -8.83 -37.98
N THR D 80 33.75 -9.88 -38.09
CA THR D 80 32.32 -9.73 -38.32
C THR D 80 31.51 -10.34 -37.19
N PRO D 81 30.27 -9.88 -37.00
CA PRO D 81 29.41 -10.32 -35.91
C PRO D 81 29.31 -11.82 -35.85
N THR D 82 29.41 -12.38 -34.65
CA THR D 82 29.20 -13.79 -34.44
C THR D 82 28.31 -14.02 -33.22
N TRP D 83 27.32 -14.89 -33.39
CA TRP D 83 26.40 -15.19 -32.32
C TRP D 83 26.63 -16.63 -31.83
N ILE D 84 27.43 -16.78 -30.78
CA ILE D 84 27.77 -18.09 -30.25
C ILE D 84 26.81 -18.50 -29.14
N ASN D 85 26.01 -19.52 -29.39
CA ASN D 85 24.90 -19.84 -28.52
C ASN D 85 25.14 -21.15 -27.80
N ILE D 86 25.54 -21.10 -26.53
CA ILE D 86 25.89 -22.30 -25.80
C ILE D 86 24.72 -22.81 -24.98
N THR D 87 24.14 -23.91 -25.41
CA THR D 87 23.00 -24.48 -24.71
C THR D 87 23.48 -25.61 -23.83
N GLY D 88 23.21 -25.52 -22.54
CA GLY D 88 23.55 -26.59 -21.61
C GLY D 88 24.69 -26.22 -20.68
N ILE D 89 24.43 -25.27 -19.77
CA ILE D 89 25.48 -24.75 -18.89
C ILE D 89 25.79 -25.68 -17.73
N HIS D 90 25.02 -26.77 -17.61
CA HIS D 90 25.39 -27.78 -16.63
C HIS D 90 26.81 -28.23 -16.92
N ARG D 91 27.25 -28.05 -18.15
CA ARG D 91 28.64 -28.31 -18.53
C ARG D 91 29.55 -27.20 -18.04
N THR D 92 29.72 -27.13 -16.73
CA THR D 92 30.54 -26.10 -16.11
C THR D 92 31.94 -25.97 -16.74
N ASP D 93 32.48 -27.08 -17.25
CA ASP D 93 33.78 -27.05 -17.91
C ASP D 93 33.81 -26.17 -19.16
N VAL D 94 32.79 -26.29 -20.01
CA VAL D 94 32.76 -25.53 -21.28
C VAL D 94 32.64 -24.07 -20.96
N VAL D 95 31.85 -23.77 -19.93
CA VAL D 95 31.65 -22.39 -19.52
C VAL D 95 33.00 -21.85 -19.07
N GLN D 96 33.72 -22.62 -18.26
CA GLN D 96 35.01 -22.18 -17.76
C GLN D 96 36.00 -21.90 -18.89
N ARG D 97 35.96 -22.74 -19.91
CA ARG D 97 36.86 -22.61 -21.06
C ARG D 97 36.56 -21.32 -21.85
N VAL D 98 35.31 -21.17 -22.27
CA VAL D 98 34.90 -19.96 -22.98
C VAL D 98 35.19 -18.76 -22.11
N GLY D 99 35.00 -18.92 -20.81
CA GLY D 99 35.25 -17.83 -19.89
C GLY D 99 36.68 -17.39 -19.98
N GLU D 100 37.60 -18.32 -19.72
CA GLU D 100 39.03 -18.00 -19.73
C GLU D 100 39.44 -17.37 -21.04
N PHE D 101 38.99 -17.97 -22.14
CA PHE D 101 39.46 -17.62 -23.47
C PHE D 101 38.98 -16.25 -23.94
N PHE D 102 37.78 -15.88 -23.53
CA PHE D 102 37.27 -14.53 -23.77
C PHE D 102 37.62 -13.59 -22.61
N GLY D 103 38.38 -14.11 -21.65
CA GLY D 103 38.86 -13.29 -20.56
C GLY D 103 37.72 -12.68 -19.78
N ILE D 104 37.02 -13.53 -19.04
CA ILE D 104 35.78 -13.15 -18.35
C ILE D 104 35.92 -13.46 -16.86
N HIS D 105 35.76 -12.43 -16.03
CA HIS D 105 36.00 -12.56 -14.60
C HIS D 105 35.22 -13.76 -14.04
N PRO D 106 35.90 -14.62 -13.26
CA PRO D 106 35.29 -15.79 -12.65
C PRO D 106 33.95 -15.52 -11.98
N LEU D 107 33.82 -14.40 -11.31
CA LEU D 107 32.61 -14.13 -10.57
C LEU D 107 31.45 -14.01 -11.56
N VAL D 108 31.73 -13.54 -12.76
CA VAL D 108 30.71 -13.46 -13.80
C VAL D 108 30.33 -14.86 -14.25
N LEU D 109 31.31 -15.75 -14.30
CA LEU D 109 31.05 -17.15 -14.60
C LEU D 109 30.16 -17.79 -13.54
N GLU D 110 30.38 -17.46 -12.28
CA GLU D 110 29.59 -18.02 -11.20
C GLU D 110 28.15 -17.59 -11.40
N LYS D 111 27.97 -16.34 -11.81
CA LYS D 111 26.65 -15.76 -11.96
C LYS D 111 25.92 -16.41 -13.11
N ILE D 112 26.66 -16.84 -14.12
CA ILE D 112 26.06 -17.46 -15.28
C ILE D 112 25.44 -18.79 -14.90
N LEU D 113 26.13 -19.54 -14.03
CA LEU D 113 25.72 -20.87 -13.63
C LEU D 113 24.72 -20.86 -12.48
N ASN D 114 24.57 -19.72 -11.83
CA ASN D 114 23.53 -19.56 -10.83
C ASN D 114 22.24 -19.04 -11.45
N VAL D 115 21.17 -19.80 -11.32
CA VAL D 115 19.95 -19.52 -12.07
C VAL D 115 18.85 -18.94 -11.18
N HIS D 116 19.19 -18.58 -9.96
CA HIS D 116 18.21 -18.02 -9.03
C HIS D 116 18.66 -16.63 -8.62
N GLN D 117 18.16 -15.63 -9.35
CA GLN D 117 18.93 -14.41 -9.60
C GLN D 117 18.10 -13.41 -10.37
N ARG D 118 18.15 -12.16 -9.94
CA ARG D 118 17.49 -11.09 -10.67
C ARG D 118 18.17 -10.83 -11.99
N PRO D 119 17.38 -10.67 -13.05
CA PRO D 119 17.89 -10.01 -14.23
C PRO D 119 18.77 -8.82 -13.86
N LYS D 120 19.83 -8.59 -14.64
CA LYS D 120 20.82 -7.60 -14.28
C LYS D 120 21.80 -7.39 -15.38
N VAL D 121 22.45 -6.24 -15.37
CA VAL D 121 23.49 -5.93 -16.34
C VAL D 121 24.72 -5.55 -15.57
N GLU D 122 25.88 -5.99 -16.06
CA GLU D 122 27.14 -5.59 -15.45
C GLU D 122 28.03 -5.15 -16.55
N PHE D 123 28.63 -3.98 -16.37
CA PHE D 123 29.51 -3.42 -17.37
C PHE D 123 30.98 -3.62 -17.00
N PHE D 124 31.76 -4.14 -17.94
CA PHE D 124 33.19 -4.26 -17.71
C PHE D 124 33.91 -3.58 -18.85
N GLU D 125 35.22 -3.44 -18.71
CA GLU D 125 36.05 -2.78 -19.69
C GLU D 125 35.80 -3.29 -21.09
N ASN D 126 35.74 -4.61 -21.24
CA ASN D 126 35.71 -5.20 -22.57
C ASN D 126 34.56 -6.18 -22.83
N TYR D 127 33.54 -6.11 -21.99
CA TYR D 127 32.32 -6.85 -22.27
C TYR D 127 31.17 -6.36 -21.42
N VAL D 128 29.96 -6.48 -21.95
CA VAL D 128 28.77 -6.28 -21.17
C VAL D 128 28.21 -7.64 -20.81
N PHE D 129 27.77 -7.78 -19.57
CA PHE D 129 27.20 -9.03 -19.09
C PHE D 129 25.74 -8.84 -18.70
N ILE D 130 24.87 -9.66 -19.25
CA ILE D 130 23.45 -9.47 -19.04
C ILE D 130 22.80 -10.77 -18.62
N VAL D 131 21.92 -10.73 -17.64
CA VAL D 131 21.15 -11.91 -17.26
C VAL D 131 19.67 -11.68 -17.44
N LEU D 132 19.00 -12.57 -18.16
CA LEU D 132 17.55 -12.46 -18.37
C LEU D 132 16.85 -13.75 -18.08
N LYS D 133 15.55 -13.68 -17.81
CA LYS D 133 14.74 -14.89 -17.73
C LYS D 133 13.86 -15.04 -18.96
N MET D 134 13.44 -16.28 -19.19
CA MET D 134 12.69 -16.66 -20.37
C MET D 134 11.54 -17.53 -19.88
N PHE D 135 10.31 -17.08 -20.04
CA PHE D 135 9.17 -17.72 -19.36
C PHE D 135 8.31 -18.64 -20.23
N THR D 136 7.58 -19.53 -19.58
CA THR D 136 6.61 -20.40 -20.25
C THR D 136 5.37 -20.56 -19.39
N TYR D 137 4.21 -20.12 -19.89
CA TYR D 137 2.95 -20.42 -19.25
C TYR D 137 2.37 -21.70 -19.82
N ASP D 138 2.37 -22.75 -19.02
CA ASP D 138 1.48 -23.87 -19.27
C ASP D 138 0.05 -23.46 -18.96
N LYS D 139 -0.79 -23.34 -19.98
CA LYS D 139 -2.23 -23.19 -19.77
C LYS D 139 -2.80 -24.44 -19.10
N ASN D 140 -4.11 -24.47 -18.94
CA ASN D 140 -4.86 -25.62 -18.36
C ASN D 140 -4.30 -26.31 -17.10
N LEU D 141 -2.99 -26.41 -16.96
CA LEU D 141 -2.37 -26.63 -15.66
C LEU D 141 -1.61 -25.37 -15.29
N HIS D 142 -2.19 -24.54 -14.43
CA HIS D 142 -2.06 -23.10 -14.55
C HIS D 142 -0.76 -22.59 -13.94
N GLU D 143 0.37 -23.04 -14.48
CA GLU D 143 1.64 -22.86 -13.80
C GLU D 143 2.72 -22.49 -14.81
N LEU D 144 3.67 -21.68 -14.36
CA LEU D 144 4.56 -21.06 -15.32
C LEU D 144 6.02 -21.17 -14.90
N GLU D 145 6.85 -21.59 -15.84
CA GLU D 145 8.21 -22.02 -15.58
C GLU D 145 9.18 -21.07 -16.28
N SER D 146 10.36 -20.87 -15.69
CA SER D 146 11.36 -19.98 -16.25
C SER D 146 12.67 -20.69 -16.59
N GLU D 147 13.38 -20.16 -17.59
CA GLU D 147 14.75 -20.59 -17.91
C GLU D 147 15.61 -19.35 -17.88
N GLN D 148 16.83 -19.45 -17.38
CA GLN D 148 17.72 -18.31 -17.38
C GLN D 148 18.59 -18.28 -18.64
N VAL D 149 18.64 -17.14 -19.30
CA VAL D 149 19.63 -16.96 -20.37
C VAL D 149 20.57 -15.78 -20.07
N SER D 150 21.87 -16.04 -20.08
CA SER D 150 22.86 -14.98 -19.92
C SER D 150 23.36 -14.56 -21.30
N LEU D 151 23.71 -13.30 -21.45
CA LEU D 151 24.39 -12.84 -22.64
C LEU D 151 25.68 -12.12 -22.29
N ILE D 152 26.62 -12.15 -23.23
CA ILE D 152 27.80 -11.33 -23.12
C ILE D 152 28.06 -10.71 -24.48
N LEU D 153 28.04 -9.38 -24.51
CA LEU D 153 28.47 -8.62 -25.67
C LEU D 153 29.95 -8.34 -25.54
N THR D 154 30.67 -8.43 -26.66
CA THR D 154 32.13 -8.44 -26.62
C THR D 154 32.74 -8.28 -28.01
N LYS D 155 33.33 -7.10 -28.26
CA LYS D 155 33.96 -6.83 -29.55
C LYS D 155 33.00 -7.14 -30.69
N ASN D 156 33.06 -8.39 -31.16
CA ASN D 156 32.37 -8.83 -32.37
C ASN D 156 31.53 -10.07 -32.10
N CYS D 157 31.31 -10.35 -30.83
CA CYS D 157 30.61 -11.55 -30.44
C CYS D 157 29.45 -11.23 -29.51
N VAL D 158 28.42 -12.06 -29.58
CA VAL D 158 27.50 -12.22 -28.49
C VAL D 158 27.57 -13.65 -28.02
N LEU D 159 28.23 -13.88 -26.90
CA LEU D 159 28.08 -15.14 -26.19
C LEU D 159 26.73 -15.23 -25.51
N MET D 160 26.09 -16.39 -25.62
CA MET D 160 24.78 -16.61 -25.03
C MET D 160 24.75 -17.97 -24.34
N PHE D 161 24.24 -18.03 -23.12
CA PHE D 161 24.25 -19.29 -22.38
C PHE D 161 22.87 -19.70 -21.87
N GLN D 162 22.38 -20.84 -22.36
CA GLN D 162 21.07 -21.32 -21.97
C GLN D 162 21.19 -22.54 -21.09
N GLU D 163 20.10 -22.91 -20.45
CA GLU D 163 20.07 -24.09 -19.60
C GLU D 163 19.75 -25.35 -20.42
N LYS D 164 18.94 -25.16 -21.45
CA LYS D 164 18.22 -26.23 -22.13
C LYS D 164 17.75 -25.78 -23.52
N ILE D 165 17.72 -26.73 -24.45
CA ILE D 165 17.20 -26.49 -25.80
C ILE D 165 15.76 -25.99 -25.73
N GLY D 166 15.41 -25.06 -26.63
CA GLY D 166 14.22 -24.25 -26.48
C GLY D 166 14.60 -22.83 -26.13
N ASP D 167 14.16 -21.90 -26.98
CA ASP D 167 14.29 -20.46 -26.73
C ASP D 167 13.33 -19.62 -27.61
N VAL D 168 13.59 -18.32 -27.72
CA VAL D 168 12.62 -17.42 -28.33
C VAL D 168 13.27 -16.60 -29.42
N PHE D 169 14.41 -17.09 -29.90
CA PHE D 169 15.28 -16.28 -30.73
C PHE D 169 15.22 -16.70 -32.20
N ASP D 170 14.33 -17.64 -32.51
CA ASP D 170 14.21 -18.13 -33.87
C ASP D 170 14.00 -17.01 -34.90
N PRO D 171 13.13 -16.04 -34.60
CA PRO D 171 12.94 -14.96 -35.58
C PRO D 171 14.22 -14.18 -35.89
N VAL D 172 15.15 -14.12 -34.93
CA VAL D 172 16.45 -13.54 -35.21
C VAL D 172 17.22 -14.47 -36.15
N ARG D 173 17.20 -15.76 -35.87
CA ARG D 173 17.83 -16.74 -36.76
C ARG D 173 17.31 -16.60 -38.18
N GLU D 174 16.00 -16.46 -38.35
CA GLU D 174 15.41 -16.25 -39.68
C GLU D 174 16.01 -15.05 -40.38
N ARG D 175 16.02 -13.90 -39.72
CA ARG D 175 16.47 -12.66 -40.34
C ARG D 175 17.93 -12.76 -40.77
N ILE D 176 18.76 -13.44 -39.99
CA ILE D 176 20.13 -13.64 -40.38
C ILE D 176 20.21 -14.61 -41.54
N ARG D 177 19.55 -15.76 -41.36
CA ARG D 177 19.41 -16.76 -42.41
C ARG D 177 19.02 -16.18 -43.77
N TYR D 178 17.88 -15.49 -43.81
CA TYR D 178 17.30 -14.99 -45.05
C TYR D 178 17.63 -13.51 -45.25
N ASN D 179 18.86 -13.13 -44.95
CA ASN D 179 19.23 -11.72 -44.97
C ASN D 179 17.99 -10.81 -45.06
N ARG D 180 17.22 -10.77 -43.99
CA ARG D 180 16.10 -9.85 -43.90
C ARG D 180 16.47 -8.68 -42.99
N GLY D 181 15.51 -7.81 -42.74
CA GLY D 181 15.76 -6.54 -42.08
C GLY D 181 17.11 -5.95 -42.45
N ILE D 182 17.82 -5.43 -41.45
CA ILE D 182 19.13 -4.81 -41.67
C ILE D 182 20.19 -5.48 -40.80
N ILE D 183 19.84 -6.63 -40.21
CA ILE D 183 20.62 -7.19 -39.12
C ILE D 183 22.01 -7.52 -39.63
N ARG D 184 22.11 -7.82 -40.93
CA ARG D 184 23.34 -8.30 -41.53
C ARG D 184 24.27 -7.13 -41.79
N LYS D 185 23.69 -5.99 -42.16
CA LYS D 185 24.43 -4.77 -42.40
C LYS D 185 25.07 -4.22 -41.14
N LYS D 186 24.45 -4.49 -40.00
CA LYS D 186 24.87 -3.89 -38.74
C LYS D 186 25.72 -4.85 -37.90
N ARG D 187 26.33 -4.35 -36.83
CA ARG D 187 27.28 -5.12 -36.05
C ARG D 187 26.67 -5.79 -34.80
N ALA D 188 27.48 -5.98 -33.76
CA ALA D 188 27.25 -7.04 -32.79
C ALA D 188 26.37 -6.52 -31.69
N ASP D 189 26.49 -5.25 -31.42
CA ASP D 189 25.62 -4.61 -30.46
C ASP D 189 24.20 -4.62 -30.98
N TYR D 190 24.03 -4.47 -32.28
CA TYR D 190 22.69 -4.50 -32.87
C TYR D 190 22.15 -5.91 -32.78
N LEU D 191 23.06 -6.88 -32.81
CA LEU D 191 22.70 -8.26 -32.55
C LEU D 191 22.13 -8.37 -31.14
N LEU D 192 22.93 -7.95 -30.16
CA LEU D 192 22.48 -7.95 -28.77
C LEU D 192 21.08 -7.36 -28.65
N TYR D 193 20.89 -6.15 -29.19
CA TYR D 193 19.56 -5.56 -29.28
C TYR D 193 18.53 -6.50 -29.88
N SER D 194 18.85 -7.09 -31.03
CA SER D 194 17.89 -7.95 -31.73
C SER D 194 17.42 -9.14 -30.87
N LEU D 195 18.35 -9.71 -30.11
CA LEU D 195 18.03 -10.84 -29.25
C LEU D 195 17.14 -10.41 -28.09
N ILE D 196 17.54 -9.35 -27.41
CA ILE D 196 16.79 -8.88 -26.25
C ILE D 196 15.40 -8.49 -26.69
N ASP D 197 15.30 -7.80 -27.82
CA ASP D 197 13.99 -7.43 -28.36
C ASP D 197 13.14 -8.66 -28.59
N ALA D 198 13.76 -9.72 -29.07
CA ALA D 198 13.02 -10.95 -29.31
C ALA D 198 12.45 -11.47 -28.00
N LEU D 199 13.21 -11.29 -26.93
CA LEU D 199 12.88 -11.93 -25.68
C LEU D 199 11.76 -11.14 -25.07
N VAL D 200 11.95 -9.83 -25.01
CA VAL D 200 10.92 -8.93 -24.50
C VAL D 200 9.61 -9.06 -25.26
N ASP D 201 9.67 -9.08 -26.59
CA ASP D 201 8.46 -9.33 -27.39
C ASP D 201 7.72 -10.60 -26.94
N ASP D 202 8.47 -11.60 -26.48
CA ASP D 202 7.86 -12.81 -25.96
C ASP D 202 7.02 -12.56 -24.70
N TYR D 203 7.40 -11.56 -23.92
CA TYR D 203 6.65 -11.27 -22.69
C TYR D 203 5.24 -10.79 -23.01
N PHE D 204 5.09 -10.08 -24.13
CA PHE D 204 3.76 -9.66 -24.58
C PHE D 204 2.84 -10.85 -24.86
N VAL D 205 3.38 -11.86 -25.51
CA VAL D 205 2.63 -13.07 -25.75
C VAL D 205 2.22 -13.71 -24.44
N LEU D 206 3.15 -13.73 -23.52
CA LEU D 206 2.91 -14.33 -22.24
C LEU D 206 1.78 -13.59 -21.58
N LEU D 207 1.76 -12.28 -21.75
CA LEU D 207 0.80 -11.46 -21.03
C LEU D 207 -0.59 -11.67 -21.62
N GLU D 208 -0.67 -11.94 -22.91
CA GLU D 208 -1.94 -12.23 -23.54
C GLU D 208 -2.56 -13.50 -22.96
N LYS D 209 -1.71 -14.52 -22.75
CA LYS D 209 -2.16 -15.76 -22.16
C LYS D 209 -2.73 -15.52 -20.77
N ILE D 210 -2.07 -14.68 -20.02
CA ILE D 210 -2.50 -14.38 -18.67
C ILE D 210 -3.78 -13.54 -18.70
N ASP D 211 -3.85 -12.58 -19.62
CA ASP D 211 -5.07 -11.77 -19.74
C ASP D 211 -6.27 -12.67 -19.97
N ASP D 212 -6.04 -13.80 -20.63
CA ASP D 212 -7.12 -14.73 -20.97
C ASP D 212 -7.66 -15.42 -19.72
N GLU D 213 -6.75 -15.99 -18.94
CA GLU D 213 -7.11 -16.55 -17.65
C GLU D 213 -7.94 -15.57 -16.83
N ILE D 214 -7.57 -14.31 -16.87
CA ILE D 214 -8.26 -13.33 -16.05
C ILE D 214 -9.71 -13.21 -16.52
N ASP D 215 -9.94 -13.24 -17.82
CA ASP D 215 -11.28 -13.09 -18.36
C ASP D 215 -12.12 -14.29 -17.93
N VAL D 216 -11.52 -15.47 -18.04
CA VAL D 216 -12.19 -16.69 -17.61
C VAL D 216 -12.56 -16.63 -16.16
N LEU D 217 -11.61 -16.28 -15.30
CA LEU D 217 -11.85 -16.29 -13.86
C LEU D 217 -12.88 -15.24 -13.50
N GLU D 218 -12.87 -14.14 -14.21
CA GLU D 218 -13.73 -13.05 -13.85
C GLU D 218 -15.16 -13.41 -14.10
N GLU D 219 -15.37 -14.46 -14.88
CA GLU D 219 -16.69 -15.09 -15.00
C GLU D 219 -16.95 -16.02 -13.83
N GLU D 220 -16.23 -17.14 -13.82
CA GLU D 220 -16.34 -18.09 -12.72
C GLU D 220 -16.63 -17.37 -11.41
N VAL D 221 -15.88 -16.32 -11.12
CA VAL D 221 -15.84 -15.77 -9.79
C VAL D 221 -17.19 -15.16 -9.46
N LEU D 222 -17.91 -14.71 -10.47
CA LEU D 222 -19.23 -14.18 -10.24
C LEU D 222 -20.32 -14.89 -11.05
N GLU D 223 -19.95 -15.98 -11.73
CA GLU D 223 -20.88 -16.75 -12.58
C GLU D 223 -20.46 -18.20 -12.78
N ARG D 224 -19.87 -18.83 -11.77
CA ARG D 224 -19.77 -20.29 -11.69
C ARG D 224 -19.30 -20.69 -10.29
N PRO D 225 -19.87 -20.05 -9.25
CA PRO D 225 -19.27 -20.04 -7.89
C PRO D 225 -19.17 -21.41 -7.15
N GLU D 226 -17.93 -21.80 -6.85
CA GLU D 226 -17.46 -23.19 -7.03
C GLU D 226 -16.04 -23.38 -6.44
N LYS D 227 -15.57 -24.63 -6.39
CA LYS D 227 -14.40 -24.99 -5.57
C LYS D 227 -13.05 -24.79 -6.28
N GLU D 228 -12.99 -25.09 -7.56
CA GLU D 228 -11.74 -24.90 -8.32
C GLU D 228 -11.44 -23.42 -8.56
N THR D 229 -12.45 -22.58 -8.49
CA THR D 229 -12.34 -21.17 -8.80
C THR D 229 -11.44 -20.40 -7.82
N VAL D 230 -11.49 -20.77 -6.56
CA VAL D 230 -10.68 -20.08 -5.58
C VAL D 230 -9.23 -20.50 -5.71
N GLN D 231 -9.02 -21.81 -5.76
CA GLN D 231 -7.70 -22.36 -6.07
C GLN D 231 -7.07 -21.66 -7.27
N ARG D 232 -7.84 -21.49 -8.34
CA ARG D 232 -7.30 -20.91 -9.56
C ARG D 232 -6.98 -19.44 -9.38
N THR D 233 -7.84 -18.75 -8.65
CA THR D 233 -7.63 -17.36 -8.41
C THR D 233 -6.30 -17.15 -7.70
N HIS D 234 -6.08 -17.90 -6.64
CA HIS D 234 -4.83 -17.81 -5.93
C HIS D 234 -3.64 -18.15 -6.84
N GLN D 235 -3.72 -19.26 -7.56
CA GLN D 235 -2.64 -19.64 -8.48
C GLN D 235 -2.30 -18.48 -9.42
N LEU D 236 -3.30 -17.76 -9.87
CA LEU D 236 -3.06 -16.65 -10.78
C LEU D 236 -2.30 -15.53 -10.07
N LYS D 237 -2.74 -15.17 -8.86
CA LYS D 237 -2.02 -14.17 -8.12
C LYS D 237 -0.55 -14.61 -7.97
N ARG D 238 -0.33 -15.81 -7.44
CA ARG D 238 1.01 -16.35 -7.38
C ARG D 238 1.82 -16.07 -8.65
N ASN D 239 1.25 -16.40 -9.80
CA ASN D 239 1.97 -16.27 -11.06
C ASN D 239 2.28 -14.83 -11.40
N LEU D 240 1.30 -13.97 -11.20
CA LEU D 240 1.54 -12.55 -11.43
C LEU D 240 2.60 -11.99 -10.49
N VAL D 241 2.85 -12.65 -9.36
CA VAL D 241 3.90 -12.20 -8.46
C VAL D 241 5.23 -12.53 -9.05
N GLU D 242 5.40 -13.80 -9.41
CA GLU D 242 6.64 -14.25 -9.98
C GLU D 242 6.96 -13.43 -11.22
N LEU D 243 5.94 -13.04 -11.96
CA LEU D 243 6.21 -12.27 -13.18
C LEU D 243 6.67 -10.91 -12.79
N ARG D 244 5.93 -10.29 -11.89
CA ARG D 244 6.23 -8.94 -11.48
C ARG D 244 7.63 -8.92 -10.88
N LYS D 245 7.99 -10.00 -10.22
CA LYS D 245 9.31 -10.17 -9.64
C LYS D 245 10.41 -9.94 -10.65
N THR D 246 10.14 -10.34 -11.90
CA THR D 246 11.16 -10.42 -12.93
C THR D 246 11.08 -9.19 -13.81
N ILE D 247 9.89 -8.62 -13.93
CA ILE D 247 9.65 -7.65 -14.97
C ILE D 247 10.14 -6.31 -14.57
N TRP D 248 10.09 -5.99 -13.29
CA TRP D 248 10.69 -4.74 -12.83
C TRP D 248 12.20 -4.72 -13.02
N PRO D 249 12.87 -5.83 -12.73
CA PRO D 249 14.29 -5.86 -12.98
C PRO D 249 14.62 -5.78 -14.45
N LEU D 250 13.81 -6.43 -15.26
CA LEU D 250 14.05 -6.43 -16.70
C LEU D 250 14.08 -5.01 -17.18
N ARG D 251 13.16 -4.23 -16.65
CA ARG D 251 13.05 -2.83 -16.97
C ARG D 251 14.29 -2.08 -16.53
N GLU D 252 14.77 -2.39 -15.34
CA GLU D 252 16.01 -1.84 -14.83
C GLU D 252 17.20 -2.15 -15.73
N VAL D 253 17.25 -3.37 -16.23
CA VAL D 253 18.29 -3.75 -17.14
C VAL D 253 18.30 -2.82 -18.32
N LEU D 254 17.18 -2.72 -19.01
CA LEU D 254 17.21 -2.02 -20.28
C LEU D 254 17.32 -0.55 -20.06
N SER D 255 16.98 -0.09 -18.86
CA SER D 255 17.21 1.29 -18.54
C SER D 255 18.70 1.57 -18.58
N SER D 256 19.46 0.65 -17.98
CA SER D 256 20.91 0.79 -17.94
C SER D 256 21.51 0.80 -19.35
N LEU D 257 21.07 -0.11 -20.19
CA LEU D 257 21.63 -0.18 -21.55
C LEU D 257 21.25 1.07 -22.34
N TYR D 258 20.10 1.64 -22.03
CA TYR D 258 19.62 2.81 -22.74
C TYR D 258 20.39 4.01 -22.26
N ARG D 259 20.60 4.08 -20.95
CA ARG D 259 21.14 5.29 -20.32
C ARG D 259 22.56 5.10 -19.82
N ASP D 260 23.48 4.60 -20.64
CA ASP D 260 24.85 4.38 -20.17
C ASP D 260 25.80 4.15 -21.34
N VAL D 261 25.79 2.94 -21.88
CA VAL D 261 26.30 2.69 -23.22
C VAL D 261 27.82 2.88 -23.31
N PRO D 262 28.59 1.76 -23.38
CA PRO D 262 30.06 1.73 -23.62
C PRO D 262 30.59 1.26 -25.02
N PRO D 263 30.77 -0.07 -25.27
CA PRO D 263 30.72 -0.54 -26.66
C PRO D 263 29.31 -0.90 -27.16
N LEU D 264 28.34 -0.01 -27.01
CA LEU D 264 27.15 0.02 -27.85
C LEU D 264 27.21 1.27 -28.70
N ILE D 265 27.42 1.10 -30.00
CA ILE D 265 27.79 2.24 -30.81
C ILE D 265 26.70 3.30 -30.67
N GLU D 266 27.14 4.54 -30.56
CA GLU D 266 26.39 5.58 -29.88
C GLU D 266 25.29 6.10 -30.79
N LYS D 267 25.44 7.34 -31.22
CA LYS D 267 24.94 7.83 -32.52
C LYS D 267 24.36 6.75 -33.45
N GLU D 268 23.73 5.70 -32.92
CA GLU D 268 23.59 4.51 -33.71
C GLU D 268 22.50 3.58 -33.17
N THR D 269 22.86 2.79 -32.16
CA THR D 269 22.05 1.62 -31.78
C THR D 269 21.14 1.98 -30.63
N VAL D 270 21.50 3.02 -29.89
CA VAL D 270 20.81 3.37 -28.67
C VAL D 270 19.30 3.50 -28.83
N PRO D 271 18.85 4.19 -29.87
CA PRO D 271 17.39 4.32 -30.03
C PRO D 271 16.67 2.97 -30.08
N TYR D 272 17.30 1.98 -30.68
CA TYR D 272 16.72 0.65 -30.76
C TYR D 272 16.61 0.04 -29.36
N PHE D 273 17.61 0.29 -28.53
CA PHE D 273 17.57 -0.15 -27.15
C PHE D 273 16.50 0.63 -26.40
N ARG D 274 16.26 1.85 -26.81
CA ARG D 274 15.22 2.61 -26.16
C ARG D 274 13.87 2.04 -26.53
N LYS D 275 13.71 1.61 -27.78
CA LYS D 275 12.47 0.96 -28.18
C LYS D 275 12.12 -0.17 -27.22
N VAL D 276 13.11 -0.96 -26.86
CA VAL D 276 12.86 -2.12 -26.02
C VAL D 276 12.69 -1.66 -24.57
N TYR D 277 13.48 -0.67 -24.16
CA TYR D 277 13.30 -0.09 -22.84
C TYR D 277 11.87 0.39 -22.67
N ASP D 278 11.32 1.01 -23.70
CA ASP D 278 9.95 1.47 -23.64
C ASP D 278 8.98 0.27 -23.52
N HIS D 279 9.22 -0.77 -24.29
CA HIS D 279 8.42 -1.98 -24.18
C HIS D 279 8.35 -2.48 -22.74
N THR D 280 9.49 -2.56 -22.07
CA THR D 280 9.50 -3.14 -20.74
C THR D 280 8.65 -2.31 -19.83
N ILE D 281 8.62 -1.02 -20.08
CA ILE D 281 7.79 -0.14 -19.29
C ILE D 281 6.33 -0.47 -19.51
N GLN D 282 5.94 -0.60 -20.76
CA GLN D 282 4.58 -1.05 -21.11
C GLN D 282 4.25 -2.38 -20.44
N ILE D 283 5.20 -3.30 -20.46
CA ILE D 283 5.03 -4.60 -19.83
C ILE D 283 4.84 -4.47 -18.32
N ALA D 284 5.76 -3.76 -17.69
CA ALA D 284 5.62 -3.47 -16.29
C ALA D 284 4.24 -2.91 -15.95
N ASP D 285 3.78 -1.92 -16.72
CA ASP D 285 2.48 -1.31 -16.49
C ASP D 285 1.36 -2.35 -16.58
N THR D 286 1.49 -3.23 -17.57
CA THR D 286 0.45 -4.19 -17.83
C THR D 286 0.38 -5.21 -16.69
N VAL D 287 1.52 -5.51 -16.10
CA VAL D 287 1.54 -6.48 -15.03
C VAL D 287 0.94 -5.87 -13.79
N GLU D 288 1.19 -4.60 -13.55
CA GLU D 288 0.54 -3.93 -12.43
C GLU D 288 -0.97 -3.93 -12.64
N THR D 289 -1.44 -3.44 -13.79
CA THR D 289 -2.86 -3.53 -14.09
C THR D 289 -3.47 -4.89 -13.78
N PHE D 290 -2.78 -5.98 -14.09
CA PHE D 290 -3.32 -7.32 -13.83
C PHE D 290 -3.33 -7.59 -12.34
N ARG D 291 -2.25 -7.22 -11.67
CA ARG D 291 -2.14 -7.44 -10.24
C ARG D 291 -3.32 -6.83 -9.53
N ASP D 292 -3.61 -5.56 -9.80
CA ASP D 292 -4.78 -4.88 -9.22
C ASP D 292 -6.04 -5.66 -9.45
N ILE D 293 -6.41 -5.76 -10.71
CA ILE D 293 -7.62 -6.48 -11.12
C ILE D 293 -7.76 -7.80 -10.40
N VAL D 294 -6.74 -8.65 -10.50
CA VAL D 294 -6.79 -9.96 -9.86
C VAL D 294 -6.92 -9.88 -8.35
N SER D 295 -6.33 -8.86 -7.73
CA SER D 295 -6.38 -8.71 -6.27
C SER D 295 -7.80 -8.58 -5.74
N GLY D 296 -8.72 -8.15 -6.61
CA GLY D 296 -10.09 -7.94 -6.23
C GLY D 296 -10.94 -9.20 -6.26
N LEU D 297 -10.50 -10.21 -7.00
CA LEU D 297 -11.41 -11.27 -7.41
C LEU D 297 -12.05 -12.03 -6.23
N LEU D 298 -11.24 -12.51 -5.31
CA LEU D 298 -11.79 -13.15 -4.13
C LEU D 298 -12.84 -12.27 -3.46
N ASP D 299 -12.56 -10.97 -3.34
CA ASP D 299 -13.52 -10.05 -2.77
C ASP D 299 -14.81 -10.07 -3.55
N VAL D 300 -14.72 -10.19 -4.87
CA VAL D 300 -15.91 -10.32 -5.68
C VAL D 300 -16.59 -11.64 -5.32
N TYR D 301 -15.83 -12.72 -5.37
CA TYR D 301 -16.33 -14.05 -5.07
C TYR D 301 -16.97 -14.14 -3.70
N LEU D 302 -16.27 -13.65 -2.71
CA LEU D 302 -16.80 -13.55 -1.37
C LEU D 302 -18.10 -12.77 -1.29
N SER D 303 -18.22 -11.71 -2.08
CA SER D 303 -19.49 -10.97 -2.18
C SER D 303 -20.57 -11.76 -2.94
N SER D 304 -20.19 -12.37 -4.06
CA SER D 304 -21.07 -13.25 -4.81
C SER D 304 -21.63 -14.36 -3.89
N VAL D 305 -20.80 -14.86 -2.98
CA VAL D 305 -21.20 -16.00 -2.17
C VAL D 305 -22.05 -15.58 -0.99
N SER D 306 -21.67 -14.47 -0.36
CA SER D 306 -22.43 -13.93 0.75
C SER D 306 -23.89 -13.73 0.39
N ASN D 307 -24.14 -13.38 -0.85
CA ASN D 307 -25.50 -12.97 -1.17
C ASN D 307 -26.33 -14.11 -1.74
N LYS D 308 -25.67 -15.16 -2.24
CA LYS D 308 -26.30 -16.45 -2.42
C LYS D 308 -26.70 -17.06 -1.09
N THR D 309 -25.77 -17.12 -0.15
CA THR D 309 -26.11 -17.60 1.19
C THR D 309 -27.26 -16.81 1.82
N ASN D 310 -27.35 -15.52 1.52
CA ASN D 310 -28.48 -14.72 2.01
C ASN D 310 -29.82 -15.08 1.36
N GLU D 311 -29.82 -15.45 0.09
CA GLU D 311 -31.02 -15.91 -0.58
C GLU D 311 -31.49 -17.19 0.09
N VAL D 312 -30.54 -18.10 0.30
CA VAL D 312 -30.85 -19.37 0.93
C VAL D 312 -31.56 -19.17 2.28
N MET D 313 -31.07 -18.21 3.06
CA MET D 313 -31.68 -17.93 4.36
C MET D 313 -33.10 -17.41 4.24
N LYS D 314 -33.38 -16.61 3.23
CA LYS D 314 -34.69 -16.04 3.07
C LYS D 314 -35.74 -17.13 2.83
N VAL D 315 -35.44 -18.10 1.96
CA VAL D 315 -36.39 -19.19 1.72
C VAL D 315 -36.61 -20.00 3.00
N LEU D 316 -35.52 -20.45 3.63
CA LEU D 316 -35.62 -21.17 4.89
C LEU D 316 -36.46 -20.40 5.89
N THR D 317 -36.41 -19.07 5.83
CA THR D 317 -37.02 -18.27 6.89
C THR D 317 -38.46 -17.94 6.58
N ILE D 318 -38.80 -17.90 5.30
CA ILE D 318 -40.21 -17.80 4.91
C ILE D 318 -40.93 -19.12 5.18
N ILE D 319 -40.39 -20.20 4.64
CA ILE D 319 -40.88 -21.54 4.95
C ILE D 319 -41.09 -21.71 6.45
N ALA D 320 -40.07 -21.46 7.25
CA ALA D 320 -40.16 -21.66 8.70
C ALA D 320 -41.17 -20.72 9.33
N THR D 321 -41.26 -19.51 8.82
CA THR D 321 -42.02 -18.48 9.50
C THR D 321 -43.52 -18.53 9.14
N ILE D 322 -43.88 -19.30 8.12
CA ILE D 322 -45.29 -19.64 7.94
C ILE D 322 -45.62 -21.00 8.57
N PHE D 323 -44.88 -22.05 8.22
CA PHE D 323 -45.26 -23.42 8.57
C PHE D 323 -44.86 -23.85 9.98
N MET D 324 -44.57 -22.89 10.86
CA MET D 324 -44.27 -23.25 12.24
C MET D 324 -45.37 -22.83 13.23
N PRO D 325 -45.93 -21.62 13.05
CA PRO D 325 -47.18 -21.29 13.75
C PRO D 325 -48.33 -22.13 13.26
N LEU D 326 -48.37 -22.39 11.96
CA LEU D 326 -49.44 -23.19 11.39
C LEU D 326 -49.38 -24.63 11.92
N THR D 327 -48.21 -25.26 11.84
CA THR D 327 -48.01 -26.60 12.41
C THR D 327 -48.21 -26.58 13.93
N PHE D 328 -48.09 -25.40 14.53
CA PHE D 328 -48.28 -25.25 15.96
C PHE D 328 -49.76 -25.26 16.34
N ILE D 329 -50.55 -24.46 15.64
CA ILE D 329 -51.99 -24.42 15.85
C ILE D 329 -52.67 -25.74 15.44
N ALA D 330 -52.23 -26.31 14.32
CA ALA D 330 -52.66 -27.63 13.89
C ALA D 330 -52.39 -28.70 14.96
N GLY D 331 -51.48 -28.39 15.87
CA GLY D 331 -51.03 -29.37 16.83
C GLY D 331 -51.53 -29.16 18.24
N ILE D 332 -52.18 -28.02 18.49
CA ILE D 332 -52.78 -27.74 19.81
C ILE D 332 -53.76 -28.85 20.16
N TYR D 333 -54.09 -29.61 19.12
CA TYR D 333 -55.23 -30.52 19.17
C TYR D 333 -54.85 -31.98 19.50
N GLY D 334 -54.98 -32.36 20.78
CA GLY D 334 -54.91 -33.85 21.27
C GLY D 334 -55.76 -34.52 22.48
N TYR D 349 -63.40 -26.14 13.00
CA TYR D 349 -62.51 -26.83 12.06
C TYR D 349 -62.19 -26.00 10.79
N PRO D 350 -63.23 -25.67 9.99
CA PRO D 350 -63.05 -24.69 8.90
C PRO D 350 -62.91 -23.22 9.37
N VAL D 351 -63.10 -22.97 10.66
CA VAL D 351 -62.74 -21.67 11.25
C VAL D 351 -61.24 -21.61 11.55
N VAL D 352 -60.62 -22.76 11.78
CA VAL D 352 -59.19 -22.85 11.98
C VAL D 352 -58.48 -22.82 10.63
N LEU D 353 -58.93 -23.68 9.72
CA LEU D 353 -58.44 -23.70 8.36
C LEU D 353 -58.52 -22.34 7.66
N ALA D 354 -59.48 -21.53 8.11
CA ALA D 354 -59.62 -20.17 7.63
C ALA D 354 -58.63 -19.25 8.31
N VAL D 355 -58.43 -19.44 9.61
CA VAL D 355 -57.42 -18.68 10.35
C VAL D 355 -56.01 -19.10 9.94
N MET D 356 -55.83 -20.37 9.58
CA MET D 356 -54.52 -20.85 9.15
C MET D 356 -54.17 -20.35 7.76
N GLY D 357 -55.18 -20.15 6.93
CA GLY D 357 -55.00 -19.65 5.58
C GLY D 357 -54.79 -18.15 5.53
N VAL D 358 -55.33 -17.44 6.52
CA VAL D 358 -55.36 -15.98 6.48
C VAL D 358 -54.05 -15.40 6.99
N ILE D 359 -53.49 -16.02 8.03
CA ILE D 359 -52.19 -15.62 8.54
C ILE D 359 -51.04 -16.38 7.86
N ALA D 360 -51.36 -17.08 6.78
CA ALA D 360 -50.35 -17.45 5.78
C ALA D 360 -50.27 -16.36 4.73
N VAL D 361 -51.33 -15.57 4.64
CA VAL D 361 -51.45 -14.58 3.58
C VAL D 361 -51.03 -13.20 4.10
N ILE D 362 -51.11 -13.01 5.41
CA ILE D 362 -50.57 -11.80 6.01
C ILE D 362 -49.04 -11.87 6.14
N MET D 363 -48.50 -13.09 6.02
CA MET D 363 -47.05 -13.29 5.97
C MET D 363 -46.56 -13.02 4.55
N VAL D 364 -47.12 -13.75 3.59
CA VAL D 364 -46.66 -13.65 2.20
C VAL D 364 -46.81 -12.23 1.62
N VAL D 365 -47.88 -11.53 2.01
CA VAL D 365 -47.96 -10.09 1.79
C VAL D 365 -47.45 -9.36 3.04
N TYR D 366 -46.27 -9.78 3.49
CA TYR D 366 -45.45 -9.02 4.41
C TYR D 366 -43.99 -9.31 4.00
N PHE D 367 -43.79 -10.50 3.43
CA PHE D 367 -42.64 -10.76 2.57
C PHE D 367 -42.85 -10.16 1.17
N LYS D 368 -43.77 -9.22 1.06
CA LYS D 368 -43.73 -8.26 -0.04
C LYS D 368 -42.92 -7.05 0.37
N LYS D 369 -42.42 -7.05 1.60
CA LYS D 369 -41.69 -5.92 2.16
C LYS D 369 -40.32 -6.39 2.66
N LYS D 370 -39.38 -6.54 1.73
CA LYS D 370 -38.21 -7.43 1.87
C LYS D 370 -38.25 -8.46 0.71
N LYS D 371 -38.21 -9.75 1.06
CA LYS D 371 -37.88 -10.84 0.14
C LYS D 371 -36.62 -10.54 -0.66
N THR E 38 28.69 0.28 31.55
CA THR E 38 28.72 -1.13 32.06
C THR E 38 28.26 -2.09 30.99
N LEU E 39 28.89 -3.27 30.96
CA LEU E 39 28.61 -4.22 29.91
C LEU E 39 27.60 -5.24 30.41
N VAL E 40 26.45 -5.31 29.75
CA VAL E 40 25.37 -6.19 30.18
C VAL E 40 24.80 -6.98 29.00
N TYR E 41 24.66 -8.29 29.18
CA TYR E 41 24.20 -9.17 28.11
C TYR E 41 22.68 -9.30 28.12
N THR E 42 22.03 -8.71 27.12
CA THR E 42 20.58 -8.58 27.10
C THR E 42 19.92 -9.82 26.50
N GLY E 43 20.74 -10.78 26.07
CA GLY E 43 20.21 -11.95 25.39
C GLY E 43 19.69 -12.98 26.36
N LYS E 44 19.49 -14.20 25.86
CA LYS E 44 18.91 -15.27 26.69
C LYS E 44 19.72 -16.56 26.69
N TYR E 45 20.95 -16.49 26.21
CA TYR E 45 21.77 -17.69 26.04
C TYR E 45 22.98 -17.66 26.95
N ARG E 46 22.95 -18.53 27.97
CA ARG E 46 23.96 -18.53 29.04
C ARG E 46 24.62 -19.88 29.28
N GLU E 47 24.22 -20.95 28.59
CA GLU E 47 24.83 -22.23 28.88
C GLU E 47 26.22 -22.47 28.27
N ASP E 48 26.52 -21.91 27.10
CA ASP E 48 27.77 -22.23 26.46
C ASP E 48 28.86 -21.21 26.75
N PHE E 49 30.11 -21.67 26.69
CA PHE E 49 31.22 -20.79 26.48
C PHE E 49 32.41 -21.56 25.90
N GLU E 50 33.03 -20.98 24.87
CA GLU E 50 34.08 -21.63 24.13
C GLU E 50 34.79 -20.59 23.29
N ILE E 51 36.06 -20.83 22.96
CA ILE E 51 36.78 -19.98 22.04
C ILE E 51 37.53 -20.87 21.07
N GLU E 52 37.57 -20.49 19.80
CA GLU E 52 38.02 -21.39 18.77
C GLU E 52 38.78 -20.63 17.71
N VAL E 53 40.10 -20.74 17.76
CA VAL E 53 40.99 -19.99 16.89
C VAL E 53 41.39 -20.80 15.65
N MET E 54 41.47 -20.13 14.50
CA MET E 54 42.05 -20.74 13.30
C MET E 54 42.98 -19.74 12.66
N ASN E 55 44.25 -19.83 13.04
CA ASN E 55 45.34 -19.18 12.34
C ASN E 55 45.74 -20.01 11.11
N TYR E 56 45.85 -19.36 9.96
CA TYR E 56 46.22 -20.04 8.74
C TYR E 56 47.02 -19.12 7.83
N SER E 57 47.81 -19.74 6.96
CA SER E 57 48.60 -19.03 5.96
C SER E 57 48.73 -19.93 4.75
N ILE E 58 49.48 -19.50 3.74
CA ILE E 58 49.58 -20.27 2.49
C ILE E 58 50.12 -21.68 2.77
N GLU E 59 51.05 -21.79 3.70
CA GLU E 59 51.83 -23.01 3.87
C GLU E 59 51.32 -23.87 5.03
N GLU E 60 50.92 -23.25 6.14
CA GLU E 60 50.61 -24.00 7.38
C GLU E 60 49.35 -23.46 8.09
N PHE E 61 48.83 -24.24 9.03
CA PHE E 61 47.40 -24.14 9.44
C PHE E 61 47.22 -24.71 10.84
N ARG E 62 46.99 -23.85 11.83
CA ARG E 62 46.79 -24.33 13.20
C ARG E 62 45.38 -23.94 13.67
N GLU E 63 44.88 -24.67 14.66
CA GLU E 63 43.56 -24.44 15.20
C GLU E 63 43.43 -25.11 16.55
N PHE E 64 42.69 -24.49 17.43
CA PHE E 64 42.50 -25.02 18.77
C PHE E 64 41.27 -24.42 19.44
N LYS E 65 40.81 -25.06 20.52
CA LYS E 65 39.80 -24.47 21.38
C LYS E 65 40.33 -24.29 22.80
N THR E 66 39.88 -23.22 23.45
CA THR E 66 40.29 -22.89 24.78
C THR E 66 39.06 -22.37 25.49
N THR E 67 39.14 -22.19 26.80
CA THR E 67 38.22 -21.30 27.49
C THR E 67 39.01 -20.22 28.22
N ASP E 68 40.29 -20.10 27.87
CA ASP E 68 41.16 -19.12 28.47
C ASP E 68 41.38 -18.02 27.45
N VAL E 69 40.72 -16.90 27.65
CA VAL E 69 40.84 -15.76 26.77
C VAL E 69 42.31 -15.41 26.47
N GLU E 70 43.17 -15.48 27.47
CA GLU E 70 44.50 -14.91 27.37
C GLU E 70 45.34 -15.63 26.31
N SER E 71 44.94 -16.86 25.98
CA SER E 71 45.68 -17.69 25.03
C SER E 71 45.45 -17.26 23.58
N VAL E 72 44.39 -16.50 23.31
CA VAL E 72 44.11 -16.03 21.96
C VAL E 72 44.65 -14.64 21.72
N LEU E 73 44.69 -13.82 22.76
CA LEU E 73 44.96 -12.40 22.60
C LEU E 73 46.20 -12.12 21.72
N PRO E 74 47.29 -12.87 21.93
CA PRO E 74 48.51 -12.68 21.14
C PRO E 74 48.31 -12.71 19.62
N PHE E 75 47.27 -13.38 19.14
CA PHE E 75 47.02 -13.47 17.71
C PHE E 75 46.61 -12.13 17.12
N ARG E 76 46.34 -11.15 17.98
CA ARG E 76 46.10 -9.78 17.54
C ARG E 76 47.21 -9.31 16.62
N ASP E 77 48.41 -9.78 16.89
CA ASP E 77 49.58 -9.28 16.21
C ASP E 77 50.19 -10.35 15.30
N SER E 78 49.44 -11.44 15.07
CA SER E 78 49.78 -12.41 14.05
C SER E 78 49.90 -11.73 12.70
N SER E 79 50.84 -12.18 11.90
CA SER E 79 51.13 -11.59 10.61
C SER E 79 50.31 -12.28 9.54
N THR E 80 49.60 -13.33 9.95
CA THR E 80 48.77 -14.09 9.04
C THR E 80 47.34 -14.11 9.57
N PRO E 81 46.36 -14.29 8.67
CA PRO E 81 44.94 -14.29 9.02
C PRO E 81 44.66 -15.20 10.22
N THR E 82 43.86 -14.70 11.17
CA THR E 82 43.38 -15.51 12.28
C THR E 82 41.89 -15.27 12.48
N TRP E 83 41.15 -16.36 12.69
CA TRP E 83 39.71 -16.29 12.84
C TRP E 83 39.35 -16.69 14.26
N ILE E 84 39.22 -15.70 15.15
CA ILE E 84 38.98 -15.95 16.56
C ILE E 84 37.50 -15.93 16.86
N ASN E 85 36.95 -17.08 17.23
CA ASN E 85 35.50 -17.22 17.29
C ASN E 85 35.05 -17.41 18.72
N ILE E 86 34.54 -16.35 19.32
CA ILE E 86 34.13 -16.39 20.72
C ILE E 86 32.66 -16.73 20.86
N THR E 87 32.36 -17.94 21.33
CA THR E 87 30.98 -18.35 21.56
C THR E 87 30.63 -18.17 23.02
N GLY E 88 29.59 -17.37 23.29
CA GLY E 88 29.08 -17.21 24.67
C GLY E 88 29.38 -15.84 25.25
N ILE E 89 28.74 -14.81 24.68
CA ILE E 89 29.00 -13.43 25.06
C ILE E 89 28.33 -13.08 26.39
N HIS E 90 27.57 -14.00 26.97
CA HIS E 90 27.03 -13.76 28.31
C HIS E 90 28.19 -13.50 29.25
N ARG E 91 29.35 -14.01 28.87
CA ARG E 91 30.57 -13.72 29.58
C ARG E 91 31.06 -12.31 29.25
N THR E 92 30.34 -11.32 29.76
CA THR E 92 30.67 -9.93 29.50
C THR E 92 32.13 -9.61 29.81
N ASP E 93 32.71 -10.32 30.77
CA ASP E 93 34.10 -10.10 31.11
C ASP E 93 35.04 -10.39 29.94
N VAL E 94 34.82 -11.52 29.26
CA VAL E 94 35.68 -11.99 28.17
C VAL E 94 35.61 -11.01 27.01
N VAL E 95 34.42 -10.51 26.77
CA VAL E 95 34.21 -9.52 25.75
C VAL E 95 35.00 -8.26 26.11
N GLN E 96 34.89 -7.83 27.36
CA GLN E 96 35.56 -6.60 27.77
C GLN E 96 37.06 -6.73 27.60
N ARG E 97 37.58 -7.92 27.88
CA ARG E 97 39.01 -8.17 27.77
C ARG E 97 39.49 -8.09 26.31
N VAL E 98 38.89 -8.87 25.44
CA VAL E 98 39.21 -8.83 24.03
C VAL E 98 39.00 -7.42 23.48
N GLY E 99 37.97 -6.75 23.97
CA GLY E 99 37.71 -5.39 23.57
C GLY E 99 38.90 -4.50 23.86
N GLU E 100 39.28 -4.43 25.14
CA GLU E 100 40.38 -3.56 25.56
C GLU E 100 41.61 -3.86 24.76
N PHE E 101 41.91 -5.15 24.62
CA PHE E 101 43.19 -5.60 24.11
C PHE E 101 43.31 -5.34 22.61
N PHE E 102 42.19 -5.42 21.90
CA PHE E 102 42.14 -5.06 20.48
C PHE E 102 41.68 -3.63 20.30
N GLY E 103 41.54 -2.92 21.41
CA GLY E 103 41.39 -1.46 21.38
C GLY E 103 40.15 -1.09 20.64
N ILE E 104 39.02 -1.46 21.25
CA ILE E 104 37.73 -1.40 20.58
C ILE E 104 36.81 -0.53 21.41
N HIS E 105 36.28 0.51 20.81
CA HIS E 105 35.53 1.50 21.57
C HIS E 105 34.42 0.81 22.41
N PRO E 106 34.29 1.18 23.69
CA PRO E 106 33.29 0.63 24.58
C PRO E 106 31.91 0.57 23.98
N LEU E 107 31.52 1.60 23.22
CA LEU E 107 30.18 1.65 22.68
C LEU E 107 29.98 0.49 21.73
N VAL E 108 31.03 0.09 21.05
CA VAL E 108 30.97 -1.07 20.17
C VAL E 108 30.82 -2.34 20.98
N LEU E 109 31.47 -2.42 22.13
CA LEU E 109 31.25 -3.55 23.06
C LEU E 109 29.80 -3.63 23.56
N GLU E 110 29.20 -2.48 23.85
CA GLU E 110 27.81 -2.46 24.30
C GLU E 110 26.97 -3.08 23.22
N LYS E 111 27.28 -2.73 21.97
CA LYS E 111 26.46 -3.13 20.83
C LYS E 111 26.59 -4.60 20.60
N ILE E 112 27.75 -5.15 20.89
CA ILE E 112 27.97 -6.57 20.71
C ILE E 112 27.08 -7.37 21.66
N LEU E 113 26.91 -6.87 22.88
CA LEU E 113 26.18 -7.61 23.94
C LEU E 113 24.69 -7.31 23.91
N ASN E 114 24.30 -6.28 23.18
CA ASN E 114 22.91 -6.07 22.92
C ASN E 114 22.43 -6.81 21.68
N VAL E 115 21.49 -7.73 21.85
CA VAL E 115 21.10 -8.63 20.78
C VAL E 115 19.76 -8.25 20.15
N HIS E 116 19.25 -7.08 20.48
CA HIS E 116 18.01 -6.60 19.90
C HIS E 116 18.25 -5.30 19.14
N GLN E 117 18.50 -5.44 17.84
CA GLN E 117 19.38 -4.54 17.12
C GLN E 117 19.39 -4.86 15.65
N ARG E 118 19.33 -3.82 14.81
CA ARG E 118 19.41 -4.03 13.37
C ARG E 118 20.80 -4.39 12.96
N PRO E 119 20.91 -5.37 12.07
CA PRO E 119 22.15 -5.57 11.37
C PRO E 119 22.68 -4.24 10.97
N LYS E 120 23.99 -4.11 10.96
CA LYS E 120 24.59 -2.82 10.71
C LYS E 120 26.09 -2.93 10.55
N VAL E 121 26.67 -1.93 9.91
CA VAL E 121 28.11 -1.84 9.75
C VAL E 121 28.57 -0.56 10.36
N GLU E 122 29.71 -0.58 11.01
CA GLU E 122 30.32 0.65 11.49
C GLU E 122 31.75 0.61 11.10
N PHE E 123 32.20 1.69 10.47
CA PHE E 123 33.60 1.80 10.05
C PHE E 123 34.44 2.65 11.01
N PHE E 124 35.56 2.13 11.43
CA PHE E 124 36.47 2.89 12.29
C PHE E 124 37.84 2.88 11.65
N GLU E 125 38.74 3.71 12.17
CA GLU E 125 40.09 3.83 11.62
C GLU E 125 40.77 2.46 11.47
N ASN E 126 40.66 1.62 12.50
CA ASN E 126 41.48 0.43 12.60
C ASN E 126 40.68 -0.87 12.65
N TYR E 127 39.37 -0.79 12.41
CA TYR E 127 38.52 -1.99 12.36
C TYR E 127 37.17 -1.72 11.75
N VAL E 128 36.61 -2.73 11.11
CA VAL E 128 35.21 -2.69 10.70
C VAL E 128 34.38 -3.52 11.67
N PHE E 129 33.22 -3.01 12.05
CA PHE E 129 32.35 -3.66 13.02
C PHE E 129 31.02 -4.01 12.34
N ILE E 130 30.64 -5.27 12.41
CA ILE E 130 29.46 -5.72 11.66
C ILE E 130 28.57 -6.52 12.57
N VAL E 131 27.27 -6.29 12.49
CA VAL E 131 26.34 -7.09 13.26
C VAL E 131 25.36 -7.80 12.33
N LEU E 132 25.23 -9.10 12.47
CA LEU E 132 24.31 -9.89 11.65
C LEU E 132 23.45 -10.79 12.50
N LYS E 133 22.32 -11.22 11.95
CA LYS E 133 21.53 -12.25 12.60
C LYS E 133 21.67 -13.58 11.87
N MET E 134 21.38 -14.65 12.59
CA MET E 134 21.58 -16.01 12.14
C MET E 134 20.29 -16.77 12.52
N PHE E 135 19.54 -17.27 11.55
CA PHE E 135 18.17 -17.74 11.85
C PHE E 135 18.03 -19.25 11.90
N THR E 136 16.96 -19.71 12.54
CA THR E 136 16.60 -21.12 12.56
C THR E 136 15.10 -21.28 12.47
N TYR E 137 14.63 -21.99 11.44
CA TYR E 137 13.23 -22.37 11.35
C TYR E 137 13.03 -23.77 11.92
N ASP E 138 12.39 -23.84 13.08
CA ASP E 138 11.78 -25.09 13.51
C ASP E 138 10.54 -25.32 12.67
N LYS E 139 10.59 -26.31 11.78
CA LYS E 139 9.38 -26.73 11.07
C LYS E 139 8.38 -27.32 12.07
N ASN E 140 7.28 -27.86 11.53
CA ASN E 140 6.26 -28.63 12.27
C ASN E 140 5.78 -28.08 13.63
N LEU E 141 6.60 -27.30 14.34
CA LEU E 141 6.04 -26.31 15.27
C LEU E 141 6.63 -24.92 15.01
N HIS E 142 5.81 -24.02 14.48
CA HIS E 142 6.18 -23.22 13.31
C HIS E 142 6.83 -21.89 13.63
N GLU E 143 8.01 -21.95 14.21
CA GLU E 143 8.51 -20.82 14.94
C GLU E 143 9.98 -20.70 14.67
N LEU E 144 10.45 -19.47 14.71
CA LEU E 144 11.67 -19.04 14.05
C LEU E 144 12.51 -18.32 15.07
N GLU E 145 13.71 -18.82 15.32
CA GLU E 145 14.56 -18.23 16.33
C GLU E 145 15.80 -17.65 15.70
N SER E 146 16.27 -16.52 16.24
CA SER E 146 17.48 -15.88 15.73
C SER E 146 18.59 -15.92 16.75
N GLU E 147 19.83 -15.85 16.28
CA GLU E 147 21.00 -15.64 17.13
C GLU E 147 21.79 -14.49 16.51
N GLN E 148 22.35 -13.62 17.33
CA GLN E 148 23.12 -12.51 16.82
C GLN E 148 24.58 -12.87 16.71
N VAL E 149 25.18 -12.53 15.58
CA VAL E 149 26.63 -12.70 15.40
C VAL E 149 27.25 -11.37 15.08
N SER E 150 28.21 -10.94 15.87
CA SER E 150 28.98 -9.75 15.54
C SER E 150 30.26 -10.20 14.93
N LEU E 151 30.78 -9.41 13.98
CA LEU E 151 32.13 -9.56 13.50
C LEU E 151 32.94 -8.29 13.70
N ILE E 152 34.26 -8.45 13.84
CA ILE E 152 35.17 -7.34 13.73
C ILE E 152 36.34 -7.71 12.84
N LEU E 153 36.48 -7.00 11.73
CA LEU E 153 37.65 -7.12 10.88
C LEU E 153 38.72 -6.16 11.38
N THR E 154 39.96 -6.61 11.41
CA THR E 154 41.02 -5.87 12.08
C THR E 154 42.39 -6.38 11.68
N LYS E 155 43.11 -5.58 10.89
CA LYS E 155 44.47 -5.91 10.46
C LYS E 155 44.55 -7.33 9.93
N ASN E 156 44.76 -8.30 10.83
CA ASN E 156 44.98 -9.69 10.46
C ASN E 156 44.00 -10.65 11.14
N CYS E 157 42.94 -10.10 11.72
CA CYS E 157 42.02 -10.88 12.53
C CYS E 157 40.62 -10.65 12.08
N VAL E 158 39.80 -11.68 12.23
CA VAL E 158 38.36 -11.49 12.31
C VAL E 158 37.91 -11.99 13.67
N LEU E 159 37.55 -11.05 14.55
CA LEU E 159 36.89 -11.39 15.79
C LEU E 159 35.44 -11.66 15.51
N MET E 160 34.91 -12.73 16.09
CA MET E 160 33.55 -13.12 15.88
C MET E 160 32.92 -13.46 17.22
N PHE E 161 31.72 -12.94 17.49
CA PHE E 161 31.05 -13.21 18.76
C PHE E 161 29.67 -13.81 18.61
N GLN E 162 29.49 -15.01 19.11
CA GLN E 162 28.21 -15.68 19.08
C GLN E 162 27.57 -15.73 20.47
N GLU E 163 26.28 -16.07 20.51
CA GLU E 163 25.54 -16.17 21.76
C GLU E 163 25.65 -17.57 22.33
N LYS E 164 25.73 -18.54 21.42
CA LYS E 164 25.54 -19.95 21.73
C LYS E 164 26.17 -20.85 20.65
N ILE E 165 26.60 -22.03 21.09
CA ILE E 165 27.13 -23.06 20.19
C ILE E 165 26.12 -23.43 19.12
N GLY E 166 26.60 -23.70 17.91
CA GLY E 166 25.75 -23.68 16.72
C GLY E 166 25.97 -22.46 15.86
N ASP E 167 26.36 -22.71 14.61
CA ASP E 167 26.47 -21.66 13.58
C ASP E 167 26.45 -22.24 12.16
N VAL E 168 26.86 -21.44 11.18
CA VAL E 168 26.68 -21.80 9.77
C VAL E 168 27.99 -21.72 9.01
N PHE E 169 29.10 -21.75 9.72
CA PHE E 169 30.38 -21.37 9.17
C PHE E 169 31.25 -22.60 8.95
N ASP E 170 30.70 -23.78 9.17
CA ASP E 170 31.48 -25.01 9.00
C ASP E 170 32.14 -25.11 7.63
N PRO E 171 31.41 -24.77 6.55
CA PRO E 171 32.05 -24.87 5.24
C PRO E 171 33.29 -23.99 5.10
N VAL E 172 33.34 -22.89 5.84
CA VAL E 172 34.54 -22.08 5.87
C VAL E 172 35.65 -22.83 6.63
N ARG E 173 35.29 -23.43 7.75
CA ARG E 173 36.23 -24.25 8.49
C ARG E 173 36.82 -25.32 7.59
N GLU E 174 35.99 -25.98 6.80
CA GLU E 174 36.46 -27.01 5.89
C GLU E 174 37.50 -26.48 4.92
N ARG E 175 37.18 -25.39 4.24
CA ARG E 175 38.09 -24.82 3.25
C ARG E 175 39.46 -24.41 3.81
N ILE E 176 39.49 -23.91 5.04
CA ILE E 176 40.75 -23.59 5.68
C ILE E 176 41.46 -24.86 6.08
N ARG E 177 40.74 -25.75 6.76
CA ARG E 177 41.26 -27.08 7.14
C ARG E 177 41.95 -27.76 5.96
N TYR E 178 41.20 -27.94 4.88
CA TYR E 178 41.63 -28.76 3.75
C TYR E 178 42.16 -27.88 2.62
N ASN E 179 42.92 -26.86 2.97
CA ASN E 179 43.34 -25.84 2.01
C ASN E 179 42.59 -25.98 0.70
N ARG E 180 41.30 -25.67 0.72
CA ARG E 180 40.50 -25.65 -0.50
C ARG E 180 40.30 -24.23 -0.94
N GLY E 181 39.50 -24.04 -1.99
CA GLY E 181 39.41 -22.77 -2.68
C GLY E 181 40.72 -21.98 -2.68
N ILE E 182 40.63 -20.69 -2.43
CA ILE E 182 41.78 -19.81 -2.38
C ILE E 182 41.89 -19.12 -1.03
N ILE E 183 41.10 -19.57 -0.06
CA ILE E 183 40.93 -18.83 1.19
C ILE E 183 42.26 -18.68 1.92
N ARG E 184 43.17 -19.63 1.72
CA ARG E 184 44.44 -19.66 2.44
C ARG E 184 45.41 -18.67 1.83
N LYS E 185 45.34 -18.52 0.51
CA LYS E 185 46.22 -17.62 -0.23
C LYS E 185 45.90 -16.18 0.12
N LYS E 186 44.65 -15.91 0.48
CA LYS E 186 44.17 -14.54 0.65
C LYS E 186 44.15 -14.15 2.13
N ARG E 187 43.92 -12.87 2.40
CA ARG E 187 44.03 -12.34 3.76
C ARG E 187 42.69 -12.27 4.47
N ALA E 188 42.59 -11.32 5.39
CA ALA E 188 41.66 -11.41 6.49
C ALA E 188 40.33 -10.83 6.06
N ASP E 189 40.39 -9.84 5.16
CA ASP E 189 39.20 -9.29 4.56
C ASP E 189 38.45 -10.33 3.71
N TYR E 190 39.21 -11.18 3.04
CA TYR E 190 38.60 -12.23 2.26
C TYR E 190 37.98 -13.26 3.20
N LEU E 191 38.56 -13.41 4.39
CA LEU E 191 37.99 -14.22 5.44
C LEU E 191 36.63 -13.65 5.81
N LEU E 192 36.61 -12.38 6.16
CA LEU E 192 35.36 -11.68 6.46
C LEU E 192 34.30 -11.97 5.39
N TYR E 193 34.66 -11.74 4.13
CA TYR E 193 33.80 -12.11 2.99
C TYR E 193 33.32 -13.56 3.09
N SER E 194 34.24 -14.48 3.30
CA SER E 194 33.89 -15.88 3.28
C SER E 194 32.81 -16.22 4.34
N LEU E 195 32.94 -15.60 5.50
CA LEU E 195 32.04 -15.88 6.60
C LEU E 195 30.68 -15.30 6.31
N ILE E 196 30.64 -14.04 5.87
CA ILE E 196 29.38 -13.39 5.58
C ILE E 196 28.69 -14.14 4.47
N ASP E 197 29.46 -14.58 3.48
CA ASP E 197 28.85 -15.33 2.37
C ASP E 197 28.22 -16.59 2.91
N ALA E 198 28.87 -17.20 3.88
CA ALA E 198 28.35 -18.46 4.44
C ALA E 198 27.00 -18.20 5.10
N LEU E 199 26.89 -17.04 5.73
CA LEU E 199 25.73 -16.73 6.50
C LEU E 199 24.59 -16.44 5.56
N VAL E 200 24.84 -15.57 4.59
CA VAL E 200 23.84 -15.22 3.61
C VAL E 200 23.35 -16.46 2.87
N ASP E 201 24.28 -17.32 2.46
CA ASP E 201 23.87 -18.56 1.78
C ASP E 201 22.89 -19.34 2.63
N ASP E 202 23.02 -19.24 3.94
CA ASP E 202 22.09 -19.93 4.85
C ASP E 202 20.66 -19.40 4.72
N TYR E 203 20.52 -18.13 4.34
CA TYR E 203 19.20 -17.54 4.27
C TYR E 203 18.43 -18.19 3.16
N PHE E 204 19.13 -18.61 2.12
CA PHE E 204 18.48 -19.28 0.99
C PHE E 204 17.88 -20.60 1.43
N VAL E 205 18.62 -21.35 2.23
CA VAL E 205 18.10 -22.56 2.82
C VAL E 205 16.86 -22.29 3.68
N LEU E 206 16.94 -21.24 4.47
CA LEU E 206 15.85 -20.87 5.34
C LEU E 206 14.65 -20.57 4.49
N LEU E 207 14.89 -19.93 3.35
CA LEU E 207 13.77 -19.48 2.53
C LEU E 207 13.09 -20.68 1.89
N GLU E 208 13.88 -21.71 1.59
CA GLU E 208 13.32 -22.91 1.02
C GLU E 208 12.39 -23.56 2.01
N LYS E 209 12.78 -23.57 3.27
CA LYS E 209 11.94 -24.12 4.31
C LYS E 209 10.63 -23.37 4.42
N ILE E 210 10.71 -22.06 4.30
CA ILE E 210 9.50 -21.25 4.36
C ILE E 210 8.65 -21.46 3.12
N ASP E 211 9.28 -21.58 1.96
CA ASP E 211 8.55 -21.79 0.72
C ASP E 211 7.73 -23.06 0.86
N ASP E 212 8.24 -24.02 1.61
CA ASP E 212 7.58 -25.31 1.81
C ASP E 212 6.31 -25.18 2.62
N GLU E 213 6.42 -24.53 3.78
CA GLU E 213 5.25 -24.22 4.58
C GLU E 213 4.17 -23.57 3.72
N ILE E 214 4.57 -22.70 2.79
CA ILE E 214 3.61 -21.93 2.04
C ILE E 214 2.84 -22.87 1.14
N ASP E 215 3.56 -23.83 0.55
CA ASP E 215 2.91 -24.83 -0.30
C ASP E 215 1.92 -25.66 0.51
N VAL E 216 2.35 -26.08 1.69
CA VAL E 216 1.49 -26.83 2.59
C VAL E 216 0.24 -26.05 2.94
N LEU E 217 0.42 -24.81 3.36
CA LEU E 217 -0.69 -24.01 3.81
C LEU E 217 -1.64 -23.71 2.68
N GLU E 218 -1.11 -23.49 1.49
CA GLU E 218 -1.98 -23.06 0.42
C GLU E 218 -2.83 -24.26 -0.07
N GLU E 219 -2.49 -25.45 0.42
CA GLU E 219 -3.41 -26.58 0.36
C GLU E 219 -4.44 -26.46 1.46
N GLU E 220 -4.02 -26.68 2.70
CA GLU E 220 -4.90 -26.59 3.85
C GLU E 220 -5.93 -25.48 3.71
N VAL E 221 -5.52 -24.30 3.24
CA VAL E 221 -6.43 -23.17 3.32
C VAL E 221 -7.60 -23.38 2.42
N LEU E 222 -7.44 -24.18 1.39
CA LEU E 222 -8.55 -24.39 0.45
C LEU E 222 -8.92 -25.86 0.36
N GLU E 223 -8.41 -26.62 1.32
CA GLU E 223 -8.62 -28.04 1.39
C GLU E 223 -9.32 -28.41 2.73
N ARG E 224 -8.69 -28.17 3.87
CA ARG E 224 -9.26 -28.63 5.16
C ARG E 224 -9.74 -27.52 6.10
N PRO E 225 -11.06 -27.47 6.37
CA PRO E 225 -11.77 -26.39 7.12
C PRO E 225 -11.72 -26.53 8.62
N GLU E 226 -10.91 -25.74 9.30
CA GLU E 226 -10.33 -26.18 10.57
C GLU E 226 -9.52 -25.06 11.25
N LYS E 227 -9.27 -25.22 12.55
CA LYS E 227 -8.80 -24.10 13.38
C LYS E 227 -7.29 -23.92 13.32
N GLU E 228 -6.54 -25.00 13.20
CA GLU E 228 -5.09 -24.92 13.22
C GLU E 228 -4.56 -24.25 11.94
N THR E 229 -5.33 -24.32 10.86
CA THR E 229 -4.86 -23.73 9.58
C THR E 229 -4.81 -22.20 9.66
N VAL E 230 -5.69 -21.62 10.45
CA VAL E 230 -5.69 -20.18 10.63
C VAL E 230 -4.55 -19.75 11.54
N GLN E 231 -4.45 -20.40 12.69
CA GLN E 231 -3.29 -20.24 13.55
C GLN E 231 -1.99 -20.30 12.77
N ARG E 232 -1.84 -21.29 11.90
CA ARG E 232 -0.59 -21.47 11.16
C ARG E 232 -0.35 -20.36 10.16
N THR E 233 -1.41 -19.95 9.49
CA THR E 233 -1.30 -18.89 8.53
C THR E 233 -0.78 -17.64 9.20
N HIS E 234 -1.39 -17.27 10.31
CA HIS E 234 -0.95 -16.09 11.05
C HIS E 234 0.49 -16.22 11.50
N GLN E 235 0.82 -17.34 12.13
CA GLN E 235 2.19 -17.61 12.53
C GLN E 235 3.17 -17.39 11.37
N LEU E 236 2.79 -17.82 10.17
CA LEU E 236 3.65 -17.65 9.02
C LEU E 236 3.84 -16.18 8.69
N LYS E 237 2.75 -15.42 8.70
CA LYS E 237 2.89 -14.00 8.40
C LYS E 237 3.82 -13.36 9.43
N ARG E 238 3.53 -13.57 10.71
CA ARG E 238 4.43 -13.11 11.78
C ARG E 238 5.88 -13.37 11.44
N ASN E 239 6.20 -14.61 11.08
CA ASN E 239 7.55 -14.99 10.77
C ASN E 239 8.12 -14.21 9.60
N LEU E 240 7.35 -14.10 8.52
CA LEU E 240 7.82 -13.37 7.35
C LEU E 240 8.05 -11.90 7.66
N VAL E 241 7.40 -11.40 8.70
CA VAL E 241 7.64 -10.03 9.11
C VAL E 241 9.00 -9.90 9.79
N GLU E 242 9.22 -10.74 10.81
CA GLU E 242 10.50 -10.76 11.49
C GLU E 242 11.62 -10.94 10.49
N LEU E 243 11.35 -11.74 9.46
CA LEU E 243 12.39 -12.06 8.51
C LEU E 243 12.68 -10.84 7.67
N ARG E 244 11.63 -10.22 7.16
CA ARG E 244 11.75 -9.03 6.33
C ARG E 244 12.41 -7.94 7.16
N LYS E 245 12.14 -7.95 8.46
CA LYS E 245 12.71 -6.96 9.38
C LYS E 245 14.22 -6.94 9.32
N THR E 246 14.79 -8.10 9.05
CA THR E 246 16.21 -8.31 9.17
C THR E 246 16.86 -8.24 7.82
N ILE E 247 16.13 -8.62 6.79
CA ILE E 247 16.74 -8.87 5.51
C ILE E 247 17.01 -7.58 4.76
N TRP E 248 16.18 -6.57 4.97
CA TRP E 248 16.42 -5.27 4.35
C TRP E 248 17.66 -4.61 4.95
N PRO E 249 17.82 -4.64 6.26
CA PRO E 249 19.07 -4.15 6.83
C PRO E 249 20.30 -4.94 6.41
N LEU E 250 20.17 -6.26 6.31
CA LEU E 250 21.28 -7.08 5.84
C LEU E 250 21.78 -6.56 4.52
N ARG E 251 20.83 -6.25 3.66
CA ARG E 251 21.10 -5.74 2.34
C ARG E 251 21.84 -4.41 2.42
N GLU E 252 21.37 -3.55 3.30
CA GLU E 252 22.02 -2.29 3.58
C GLU E 252 23.48 -2.45 4.06
N VAL E 253 23.71 -3.45 4.92
CA VAL E 253 25.03 -3.73 5.38
C VAL E 253 25.93 -3.98 4.20
N LEU E 254 25.56 -4.92 3.36
CA LEU E 254 26.51 -5.35 2.34
C LEU E 254 26.63 -4.31 1.28
N SER E 255 25.63 -3.44 1.18
CA SER E 255 25.72 -2.34 0.24
C SER E 255 26.88 -1.46 0.67
N SER E 256 26.95 -1.19 1.97
CA SER E 256 28.01 -0.40 2.53
C SER E 256 29.37 -1.02 2.30
N LEU E 257 29.51 -2.31 2.56
CA LEU E 257 30.81 -2.96 2.35
C LEU E 257 31.19 -2.96 0.88
N TYR E 258 30.20 -3.02 0.00
CA TYR E 258 30.44 -3.04 -1.43
C TYR E 258 30.84 -1.65 -1.87
N ARG E 259 30.13 -0.65 -1.36
CA ARG E 259 30.25 0.72 -1.87
C ARG E 259 30.96 1.66 -0.90
N ASP E 260 32.12 1.30 -0.37
CA ASP E 260 32.80 2.16 0.60
C ASP E 260 34.25 1.75 0.78
N VAL E 261 34.46 0.70 1.57
CA VAL E 261 35.70 -0.05 1.51
C VAL E 261 36.89 0.77 2.03
N PRO E 262 37.38 0.47 3.23
CA PRO E 262 38.63 1.05 3.84
C PRO E 262 39.91 0.14 3.95
N PRO E 263 40.04 -0.72 5.01
CA PRO E 263 40.90 -1.91 4.85
C PRO E 263 40.15 -3.16 4.35
N LEU E 264 39.43 -3.02 3.24
CA LEU E 264 39.08 -4.17 2.43
C LEU E 264 39.83 -3.99 1.13
N ILE E 265 40.84 -4.82 0.88
CA ILE E 265 41.77 -4.51 -0.18
C ILE E 265 40.97 -4.33 -1.47
N GLU E 266 41.31 -3.31 -2.24
CA GLU E 266 40.37 -2.59 -3.09
C GLU E 266 39.99 -3.42 -4.30
N LYS E 267 40.17 -2.89 -5.50
CA LYS E 267 39.99 -3.67 -6.72
C LYS E 267 40.55 -5.09 -6.53
N GLU E 268 40.10 -5.74 -5.46
CA GLU E 268 40.67 -7.01 -5.04
C GLU E 268 39.53 -7.87 -4.53
N THR E 269 39.04 -7.53 -3.33
CA THR E 269 38.07 -8.34 -2.61
C THR E 269 36.67 -7.84 -2.89
N VAL E 270 36.57 -6.59 -3.32
CA VAL E 270 35.30 -5.95 -3.45
C VAL E 270 34.29 -6.75 -4.29
N PRO E 271 34.74 -7.29 -5.43
CA PRO E 271 33.75 -7.98 -6.28
C PRO E 271 33.10 -9.14 -5.54
N TYR E 272 33.85 -9.80 -4.66
CA TYR E 272 33.32 -10.89 -3.83
C TYR E 272 32.25 -10.40 -2.89
N PHE E 273 32.47 -9.22 -2.32
CA PHE E 273 31.47 -8.57 -1.50
C PHE E 273 30.28 -8.14 -2.33
N ARG E 274 30.51 -7.80 -3.59
CA ARG E 274 29.38 -7.53 -4.45
C ARG E 274 28.56 -8.79 -4.72
N LYS E 275 29.23 -9.92 -4.85
CA LYS E 275 28.51 -11.16 -5.09
C LYS E 275 27.46 -11.30 -4.01
N VAL E 276 27.85 -10.95 -2.78
CA VAL E 276 27.00 -11.28 -1.63
C VAL E 276 25.97 -10.19 -1.56
N TYR E 277 26.38 -8.98 -1.91
CA TYR E 277 25.44 -7.88 -1.96
C TYR E 277 24.31 -8.19 -2.92
N ASP E 278 24.65 -8.78 -4.06
CA ASP E 278 23.62 -9.20 -5.01
C ASP E 278 22.71 -10.28 -4.41
N HIS E 279 23.29 -11.23 -3.69
CA HIS E 279 22.51 -12.27 -3.03
C HIS E 279 21.44 -11.70 -2.11
N THR E 280 21.82 -10.76 -1.27
CA THR E 280 20.89 -10.18 -0.34
C THR E 280 19.73 -9.57 -1.08
N ILE E 281 20.02 -9.02 -2.26
CA ILE E 281 18.98 -8.42 -3.07
C ILE E 281 18.01 -9.48 -3.51
N GLN E 282 18.55 -10.59 -3.97
CA GLN E 282 17.73 -11.71 -4.34
C GLN E 282 16.85 -12.18 -3.17
N ILE E 283 17.46 -12.21 -1.99
CA ILE E 283 16.77 -12.69 -0.81
C ILE E 283 15.68 -11.71 -0.43
N ALA E 284 16.05 -10.44 -0.36
CA ALA E 284 15.05 -9.41 -0.15
C ALA E 284 13.83 -9.59 -1.09
N ASP E 285 14.08 -9.74 -2.39
CA ASP E 285 13.02 -9.96 -3.37
C ASP E 285 12.14 -11.14 -3.00
N THR E 286 12.79 -12.21 -2.58
CA THR E 286 12.09 -13.46 -2.40
C THR E 286 11.20 -13.37 -1.18
N VAL E 287 11.67 -12.62 -0.19
CA VAL E 287 10.85 -12.41 0.99
C VAL E 287 9.61 -11.60 0.65
N GLU E 288 9.76 -10.60 -0.22
CA GLU E 288 8.62 -9.80 -0.57
C GLU E 288 7.63 -10.69 -1.30
N THR E 289 8.11 -11.44 -2.26
CA THR E 289 7.28 -12.43 -2.94
C THR E 289 6.44 -13.27 -1.98
N PHE E 290 7.04 -13.69 -0.88
CA PHE E 290 6.32 -14.55 0.07
C PHE E 290 5.29 -13.74 0.82
N ARG E 291 5.69 -12.55 1.23
CA ARG E 291 4.81 -11.71 1.98
C ARG E 291 3.50 -11.54 1.22
N ASP E 292 3.57 -11.20 -0.06
CA ASP E 292 2.38 -11.01 -0.89
C ASP E 292 1.51 -12.25 -0.86
N ILE E 293 2.06 -13.34 -1.40
CA ILE E 293 1.35 -14.60 -1.49
C ILE E 293 0.66 -14.95 -0.18
N VAL E 294 1.42 -14.99 0.92
CA VAL E 294 0.84 -15.31 2.20
C VAL E 294 -0.27 -14.35 2.61
N SER E 295 -0.13 -13.07 2.28
CA SER E 295 -1.10 -12.06 2.71
C SER E 295 -2.50 -12.36 2.21
N GLY E 296 -2.60 -13.22 1.19
CA GLY E 296 -3.89 -13.51 0.59
C GLY E 296 -4.61 -14.64 1.29
N LEU E 297 -3.86 -15.46 2.02
CA LEU E 297 -4.34 -16.80 2.35
C LEU E 297 -5.65 -16.77 3.13
N LEU E 298 -5.72 -15.97 4.18
CA LEU E 298 -6.94 -15.92 4.96
C LEU E 298 -8.11 -15.55 4.08
N ASP E 299 -7.90 -14.58 3.18
CA ASP E 299 -8.93 -14.23 2.20
C ASP E 299 -9.36 -15.43 1.36
N VAL E 300 -8.41 -16.24 0.93
CA VAL E 300 -8.74 -17.51 0.32
C VAL E 300 -9.59 -18.37 1.27
N TYR E 301 -9.05 -18.59 2.47
CA TYR E 301 -9.68 -19.44 3.46
C TYR E 301 -11.08 -18.98 3.78
N LEU E 302 -11.21 -17.70 4.06
CA LEU E 302 -12.50 -17.08 4.32
C LEU E 302 -13.49 -17.33 3.19
N SER E 303 -13.01 -17.29 1.95
CA SER E 303 -13.85 -17.59 0.80
C SER E 303 -14.15 -19.10 0.68
N SER E 304 -13.14 -19.94 0.87
CA SER E 304 -13.32 -21.36 0.91
C SER E 304 -14.38 -21.76 1.96
N VAL E 305 -14.39 -21.09 3.10
CA VAL E 305 -15.27 -21.48 4.21
C VAL E 305 -16.67 -20.96 3.99
N SER E 306 -16.79 -19.74 3.50
CA SER E 306 -18.08 -19.16 3.20
C SER E 306 -18.89 -20.03 2.27
N ASN E 307 -18.23 -20.69 1.35
CA ASN E 307 -18.99 -21.46 0.37
C ASN E 307 -19.25 -22.93 0.75
N LYS E 308 -18.43 -23.49 1.65
CA LYS E 308 -18.80 -24.70 2.38
C LYS E 308 -20.01 -24.47 3.28
N THR E 309 -19.95 -23.42 4.09
CA THR E 309 -21.09 -23.06 4.88
C THR E 309 -22.33 -22.83 4.02
N ASN E 310 -22.16 -22.34 2.81
CA ASN E 310 -23.29 -22.14 1.92
C ASN E 310 -23.88 -23.50 1.47
N GLU E 311 -23.03 -24.50 1.28
CA GLU E 311 -23.51 -25.83 0.90
C GLU E 311 -24.36 -26.39 2.04
N VAL E 312 -23.81 -26.31 3.24
CA VAL E 312 -24.53 -26.73 4.45
C VAL E 312 -25.92 -26.11 4.55
N MET E 313 -26.03 -24.81 4.24
CA MET E 313 -27.33 -24.13 4.30
C MET E 313 -28.32 -24.71 3.27
N LYS E 314 -27.83 -25.07 2.09
CA LYS E 314 -28.70 -25.58 1.04
C LYS E 314 -29.37 -26.88 1.49
N VAL E 315 -28.61 -27.78 2.08
CA VAL E 315 -29.18 -29.03 2.59
C VAL E 315 -30.23 -28.76 3.67
N LEU E 316 -29.83 -28.03 4.71
CA LEU E 316 -30.76 -27.65 5.75
C LEU E 316 -32.02 -27.04 5.19
N THR E 317 -31.91 -26.32 4.07
CA THR E 317 -33.06 -25.58 3.55
C THR E 317 -33.92 -26.40 2.58
N ILE E 318 -33.32 -27.39 1.92
CA ILE E 318 -34.10 -28.37 1.18
C ILE E 318 -34.87 -29.30 2.14
N ILE E 319 -34.14 -29.93 3.05
CA ILE E 319 -34.76 -30.68 4.14
C ILE E 319 -35.93 -29.91 4.77
N ALA E 320 -35.68 -28.68 5.22
CA ALA E 320 -36.71 -27.91 5.90
C ALA E 320 -37.86 -27.54 4.97
N THR E 321 -37.55 -27.27 3.71
CA THR E 321 -38.55 -26.75 2.82
C THR E 321 -39.43 -27.83 2.20
N ILE E 322 -39.05 -29.10 2.38
CA ILE E 322 -39.95 -30.18 2.05
C ILE E 322 -40.71 -30.65 3.30
N PHE E 323 -39.97 -31.03 4.33
CA PHE E 323 -40.55 -31.73 5.46
C PHE E 323 -41.24 -30.82 6.48
N MET E 324 -41.57 -29.59 6.09
CA MET E 324 -42.27 -28.68 7.01
C MET E 324 -43.71 -28.40 6.59
N PRO E 325 -43.95 -28.21 5.28
CA PRO E 325 -45.34 -28.29 4.77
C PRO E 325 -45.95 -29.68 4.86
N LEU E 326 -45.13 -30.70 4.60
CA LEU E 326 -45.56 -32.07 4.70
C LEU E 326 -45.95 -32.43 6.14
N THR E 327 -45.04 -32.17 7.08
CA THR E 327 -45.33 -32.36 8.50
C THR E 327 -46.48 -31.46 8.97
N PHE E 328 -46.73 -30.39 8.23
CA PHE E 328 -47.84 -29.51 8.56
C PHE E 328 -49.18 -30.09 8.17
N ILE E 329 -49.30 -30.59 6.95
CA ILE E 329 -50.59 -31.14 6.52
C ILE E 329 -50.84 -32.51 7.19
N ALA E 330 -49.78 -33.27 7.43
CA ALA E 330 -49.85 -34.48 8.26
C ALA E 330 -50.36 -34.18 9.67
N GLY E 331 -50.28 -32.92 10.07
CA GLY E 331 -50.60 -32.51 11.43
C GLY E 331 -51.90 -31.73 11.58
N ILE E 332 -52.49 -31.29 10.47
CA ILE E 332 -53.81 -30.64 10.58
C ILE E 332 -54.83 -31.64 11.13
N TYR E 333 -54.41 -32.90 11.23
CA TYR E 333 -55.27 -33.98 11.67
C TYR E 333 -55.14 -34.23 13.21
N GLY E 334 -55.90 -33.48 14.01
CA GLY E 334 -55.83 -33.59 15.48
C GLY E 334 -56.96 -34.46 16.01
N TYR E 349 -56.97 -40.82 2.43
CA TYR E 349 -55.69 -41.16 3.03
C TYR E 349 -54.59 -41.28 1.96
N PRO E 350 -54.82 -42.11 0.93
CA PRO E 350 -53.87 -42.19 -0.19
C PRO E 350 -54.03 -41.04 -1.16
N VAL E 351 -55.03 -40.20 -0.94
CA VAL E 351 -55.15 -38.94 -1.67
C VAL E 351 -54.27 -37.87 -1.02
N VAL E 352 -54.03 -38.01 0.28
CA VAL E 352 -53.11 -37.13 1.00
C VAL E 352 -51.66 -37.55 0.75
N LEU E 353 -51.37 -38.83 0.98
CA LEU E 353 -50.05 -39.41 0.68
C LEU E 353 -49.63 -39.19 -0.78
N ALA E 354 -50.60 -39.03 -1.66
CA ALA E 354 -50.34 -38.69 -3.06
C ALA E 354 -50.03 -37.20 -3.20
N VAL E 355 -50.78 -36.36 -2.49
CA VAL E 355 -50.53 -34.93 -2.48
C VAL E 355 -49.23 -34.61 -1.75
N MET E 356 -48.91 -35.41 -0.72
CA MET E 356 -47.68 -35.21 0.04
C MET E 356 -46.45 -35.63 -0.77
N GLY E 357 -46.64 -36.63 -1.64
CA GLY E 357 -45.56 -37.13 -2.50
C GLY E 357 -45.32 -36.26 -3.73
N VAL E 358 -46.38 -35.60 -4.19
CA VAL E 358 -46.32 -34.83 -5.44
C VAL E 358 -45.67 -33.44 -5.25
N ILE E 359 -45.98 -32.78 -4.14
CA ILE E 359 -45.34 -31.51 -3.80
C ILE E 359 -44.06 -31.69 -2.97
N ALA E 360 -43.59 -32.93 -2.89
CA ALA E 360 -42.19 -33.20 -2.55
C ALA E 360 -41.36 -33.27 -3.82
N VAL E 361 -42.06 -33.51 -4.93
CA VAL E 361 -41.42 -33.73 -6.21
C VAL E 361 -41.39 -32.42 -7.01
N ILE E 362 -42.31 -31.52 -6.69
CA ILE E 362 -42.34 -30.18 -7.27
C ILE E 362 -41.28 -29.31 -6.65
N MET E 363 -40.82 -29.71 -5.47
CA MET E 363 -39.73 -29.05 -4.79
C MET E 363 -38.41 -29.54 -5.37
N VAL E 364 -38.19 -30.85 -5.33
CA VAL E 364 -36.90 -31.43 -5.75
C VAL E 364 -36.60 -31.12 -7.22
N VAL E 365 -37.65 -31.07 -8.06
CA VAL E 365 -37.54 -30.50 -9.40
C VAL E 365 -37.96 -29.03 -9.36
N TYR E 366 -37.39 -28.32 -8.40
CA TYR E 366 -37.37 -26.85 -8.37
C TYR E 366 -36.03 -26.48 -7.75
N PHE E 367 -35.52 -27.37 -6.88
CA PHE E 367 -34.09 -27.43 -6.57
C PHE E 367 -33.29 -28.14 -7.68
N LYS E 368 -33.87 -28.25 -8.87
CA LYS E 368 -33.08 -28.44 -10.08
C LYS E 368 -32.73 -27.10 -10.70
N LYS E 369 -33.13 -26.03 -10.05
CA LYS E 369 -32.94 -24.68 -10.54
C LYS E 369 -32.26 -23.84 -9.46
N LYS E 370 -30.95 -24.00 -9.35
CA LYS E 370 -30.19 -23.74 -8.11
C LYS E 370 -29.48 -25.03 -7.66
N LYS E 371 -29.74 -25.45 -6.42
CA LYS E 371 -28.83 -26.33 -5.67
C LYS E 371 -27.44 -26.34 -6.29
MG MG F . -10.40 -6.74 3.21
MG MG G . -10.28 12.18 20.17
MG MG H . -53.70 -37.61 17.69
MG MG I . 29.15 -19.65 -1.50
#